data_7QX3
#
_entry.id   7QX3
#
_cell.length_a   100.610
_cell.length_b   109.502
_cell.length_c   211.455
_cell.angle_alpha   90.000
_cell.angle_beta   90.000
_cell.angle_gamma   90.000
#
_symmetry.space_group_name_H-M   'P 21 21 21'
#
loop_
_entity.id
_entity.type
_entity.pdbx_description
1 polymer 'Aminotransferase TR2'
2 non-polymer '2-azanylethyl hydrogen sulfate'
#
_entity_poly.entity_id   1
_entity_poly.type   'polypeptide(L)'
_entity_poly.pdbx_seq_one_letter_code
;MSQSQRSTADWQRLDAAHHLHPFTDYGELNTKGSRIITRAEGCYLWDSDGNQILDGMAGLWCVNIGYGRKELAEVAYRQM
QELPYYNNFFQCSHPPAIELSRLLSEVTPKHMNHVFFTGSGSDSNDTILRMVRYYWKLLGKPYKKVVISRENAYHGSTVA
GASLSGMKAMHSHGDLPIPGIEHIEQPYHFGRAPDMDPAEFGRQAAQALERKIDEIGECNVAAFIAEPIQGAGGVIIPPD
SYWPEIKRICAERDILLIVDEVITGFGRLGTWFGSQYYDLQPDLMPIAKGLSSGYMPIGGVMVSDRVAKVVIEEGGEFFH
GYTYSGHPVAAAVAAENIRIMRDEGIIERAGAEIAPYLQARWRELGEHPLVGEARGVGMVAALELVKSKQPLERFEEPGK
VGSLCRDLSVKNGLVMRAVGGTMIISPPLVLSREQVDELIDKARRTLDETHKAIGGALEHHHHHH
;
_entity_poly.pdbx_strand_id   B,C,A,D
#
loop_
_chem_comp.id
_chem_comp.type
_chem_comp.name
_chem_comp.formula
GH0 non-polymer '2-azanylethyl hydrogen sulfate' 'C2 H7 N O4 S'
#
# COMPACT_ATOMS: atom_id res chain seq x y z
N THR A 38 8.02 3.32 -15.19
CA THR A 38 8.23 2.12 -14.39
C THR A 38 7.98 2.48 -12.93
N ARG A 39 9.06 2.62 -12.13
CA ARG A 39 9.04 2.87 -10.69
C ARG A 39 8.68 4.29 -10.28
N ALA A 40 7.59 4.80 -10.86
CA ALA A 40 7.02 6.12 -10.61
C ALA A 40 6.74 6.37 -9.14
N GLU A 41 7.41 7.37 -8.56
CA GLU A 41 7.23 7.65 -7.14
C GLU A 41 7.33 9.15 -7.04
N GLY A 42 6.48 9.75 -6.20
CA GLY A 42 6.51 11.19 -6.00
C GLY A 42 6.15 11.94 -7.26
N CYS A 43 6.99 12.91 -7.63
CA CYS A 43 6.79 13.61 -8.88
C CYS A 43 7.67 13.06 -9.97
N TYR A 44 8.17 11.84 -9.81
CA TYR A 44 9.16 11.31 -10.72
C TYR A 44 8.62 10.07 -11.40
N LEU A 45 9.00 9.93 -12.67
CA LEU A 45 8.71 8.77 -13.48
C LEU A 45 10.07 8.23 -13.88
N TRP A 46 10.42 7.04 -13.42
CA TRP A 46 11.66 6.39 -13.83
C TRP A 46 11.35 5.57 -15.10
N ASP A 47 12.30 5.57 -16.05
CA ASP A 47 12.00 5.00 -17.36
C ASP A 47 12.44 3.55 -17.41
N SER A 48 12.00 2.89 -18.47
CA SER A 48 12.35 1.52 -18.76
C SER A 48 13.86 1.35 -18.88
N ASP A 49 14.61 2.44 -19.15
CA ASP A 49 16.04 2.42 -19.39
C ASP A 49 16.88 2.80 -18.15
N GLY A 50 16.26 2.92 -16.97
CA GLY A 50 16.95 3.26 -15.72
C GLY A 50 17.15 4.73 -15.43
N ASN A 51 16.49 5.63 -16.18
CA ASN A 51 16.61 7.08 -16.09
C ASN A 51 15.52 7.76 -15.26
N GLN A 52 15.91 8.75 -14.42
CA GLN A 52 14.96 9.57 -13.66
C GLN A 52 14.41 10.76 -14.47
N ILE A 53 13.08 10.85 -14.60
CA ILE A 53 12.42 11.94 -15.34
C ILE A 53 11.40 12.61 -14.42
N LEU A 54 11.57 13.91 -14.16
CA LEU A 54 10.58 14.68 -13.41
C LEU A 54 9.31 14.96 -14.23
N ASP A 55 8.13 14.54 -13.75
CA ASP A 55 6.88 14.77 -14.50
C ASP A 55 6.28 16.11 -14.09
N GLY A 56 6.52 17.12 -14.93
CA GLY A 56 5.88 18.40 -14.80
C GLY A 56 4.50 18.42 -15.40
N MET A 57 4.03 17.30 -15.92
CA MET A 57 2.72 17.28 -16.54
C MET A 57 1.70 16.53 -15.71
N ALA A 58 2.06 16.09 -14.51
CA ALA A 58 1.16 15.24 -13.73
C ALA A 58 0.58 14.16 -14.63
N GLY A 59 1.37 13.73 -15.59
CA GLY A 59 0.97 12.72 -16.54
C GLY A 59 0.11 13.35 -17.58
N LEU A 60 -1.08 13.73 -17.19
CA LEU A 60 -2.01 14.40 -18.10
C LEU A 60 -3.01 15.24 -17.32
N TRP A 61 -2.49 16.23 -16.61
CA TRP A 61 -3.23 17.16 -15.76
C TRP A 61 -3.88 16.51 -14.55
N CYS A 62 -3.55 15.24 -14.26
CA CYS A 62 -4.36 14.47 -13.31
C CYS A 62 -3.67 14.05 -12.01
N VAL A 63 -2.46 13.47 -12.03
CA VAL A 63 -1.99 12.90 -10.76
C VAL A 63 -1.64 14.00 -9.75
N ASN A 64 -2.58 14.35 -8.92
CA ASN A 64 -2.35 15.50 -8.06
C ASN A 64 -1.61 15.13 -6.79
N ILE A 65 -1.98 14.03 -6.11
CA ILE A 65 -1.29 13.59 -4.90
C ILE A 65 0.02 12.89 -5.29
N GLY A 66 0.39 13.04 -6.55
CA GLY A 66 1.64 12.46 -6.99
C GLY A 66 1.49 10.99 -7.23
N TYR A 67 2.57 10.42 -7.73
CA TYR A 67 2.59 8.99 -7.95
C TYR A 67 2.94 8.22 -6.67
N GLY A 68 2.87 6.89 -6.79
CA GLY A 68 3.40 6.05 -5.74
C GLY A 68 2.71 6.27 -4.42
N ARG A 69 1.40 6.51 -4.47
CA ARG A 69 0.57 6.59 -3.27
C ARG A 69 -0.10 5.26 -3.03
N LYS A 70 0.49 4.55 -2.08
CA LYS A 70 0.06 3.23 -1.70
C LYS A 70 -1.34 3.22 -1.11
N GLU A 71 -1.77 4.27 -0.40
CA GLU A 71 -3.03 4.10 0.29
C GLU A 71 -4.20 4.02 -0.68
N LEU A 72 -4.03 4.45 -1.92
CA LEU A 72 -5.12 4.35 -2.88
C LEU A 72 -5.26 2.93 -3.41
N ALA A 73 -4.14 2.23 -3.62
CA ALA A 73 -4.23 0.84 -4.04
C ALA A 73 -4.90 -0.05 -2.99
N GLU A 74 -4.72 0.23 -1.71
CA GLU A 74 -5.41 -0.58 -0.71
C GLU A 74 -6.92 -0.38 -0.80
N VAL A 75 -7.40 0.87 -0.86
CA VAL A 75 -8.86 1.00 -0.85
C VAL A 75 -9.47 0.38 -2.12
N ALA A 76 -8.71 0.35 -3.22
CA ALA A 76 -9.15 -0.42 -4.38
C ALA A 76 -9.20 -1.92 -4.05
N TYR A 77 -8.12 -2.46 -3.47
CA TYR A 77 -8.10 -3.88 -3.09
C TYR A 77 -9.28 -4.21 -2.19
N ARG A 78 -9.58 -3.31 -1.26
CA ARG A 78 -10.66 -3.59 -0.33
C ARG A 78 -12.00 -3.55 -1.04
N GLN A 79 -12.17 -2.61 -1.96
CA GLN A 79 -13.48 -2.44 -2.55
C GLN A 79 -13.80 -3.48 -3.60
N MET A 80 -12.80 -3.96 -4.36
CA MET A 80 -13.00 -5.01 -5.35
C MET A 80 -13.34 -6.31 -4.70
N GLN A 81 -13.02 -6.43 -3.43
CA GLN A 81 -13.30 -7.64 -2.69
C GLN A 81 -14.76 -7.62 -2.27
N GLU A 82 -15.30 -6.45 -1.93
CA GLU A 82 -16.68 -6.40 -1.42
C GLU A 82 -17.69 -6.67 -2.51
N LEU A 83 -17.89 -5.73 -3.48
CA LEU A 83 -18.86 -5.90 -4.57
C LEU A 83 -18.54 -5.02 -5.77
N PRO A 84 -18.75 -5.49 -7.00
CA PRO A 84 -18.42 -4.71 -8.19
C PRO A 84 -19.54 -3.89 -8.82
N TYR A 85 -20.74 -3.86 -8.24
CA TYR A 85 -21.84 -3.12 -8.85
C TYR A 85 -22.75 -2.52 -7.78
N TYR A 86 -23.59 -1.60 -8.22
CA TYR A 86 -24.53 -0.94 -7.31
C TYR A 86 -25.77 -0.56 -8.14
N ASN A 87 -26.95 -0.93 -7.63
CA ASN A 87 -28.22 -0.57 -8.26
C ASN A 87 -29.21 -0.46 -7.10
N ASN A 88 -30.41 0.01 -7.41
CA ASN A 88 -31.34 0.27 -6.32
C ASN A 88 -31.89 -1.04 -5.75
N PHE A 89 -31.99 -2.08 -6.58
CA PHE A 89 -32.54 -3.35 -6.08
C PHE A 89 -31.56 -4.14 -5.20
N PHE A 90 -30.25 -3.86 -5.25
CA PHE A 90 -29.31 -4.46 -4.29
C PHE A 90 -27.95 -3.74 -4.37
N GLN A 91 -27.47 -3.26 -3.21
CA GLN A 91 -26.24 -2.46 -3.04
C GLN A 91 -25.43 -2.98 -1.86
N CYS A 92 -24.13 -2.61 -1.77
CA CYS A 92 -23.37 -3.14 -0.64
C CYS A 92 -23.48 -2.19 0.57
N SER A 93 -22.65 -2.41 1.58
CA SER A 93 -22.62 -1.55 2.75
C SER A 93 -21.50 -0.53 2.61
N HIS A 94 -21.76 0.68 3.09
CA HIS A 94 -20.87 1.81 2.96
C HIS A 94 -20.40 1.96 1.51
N PRO A 95 -21.33 2.02 0.54
CA PRO A 95 -20.93 2.08 -0.85
C PRO A 95 -20.16 3.36 -1.07
N PRO A 96 -19.13 3.34 -1.91
CA PRO A 96 -18.26 4.51 -1.98
C PRO A 96 -18.96 5.68 -2.59
N ALA A 97 -20.02 5.43 -3.36
CA ALA A 97 -20.68 6.52 -4.06
C ALA A 97 -21.26 7.49 -3.06
N ILE A 98 -21.70 6.98 -1.90
CA ILE A 98 -22.26 7.88 -0.92
C ILE A 98 -21.16 8.63 -0.20
N GLU A 99 -20.06 7.95 0.11
CA GLU A 99 -18.97 8.65 0.79
C GLU A 99 -18.45 9.77 -0.11
N LEU A 100 -18.16 9.44 -1.38
CA LEU A 100 -17.63 10.42 -2.33
C LEU A 100 -18.61 11.57 -2.51
N SER A 101 -19.92 11.28 -2.63
CA SER A 101 -20.89 12.36 -2.75
C SER A 101 -20.86 13.33 -1.57
N ARG A 102 -20.72 12.83 -0.35
CA ARG A 102 -20.60 13.74 0.78
C ARG A 102 -19.33 14.59 0.69
N LEU A 103 -18.20 13.95 0.37
CA LEU A 103 -16.93 14.66 0.28
C LEU A 103 -16.97 15.75 -0.79
N LEU A 104 -17.52 15.45 -1.97
CA LEU A 104 -17.64 16.47 -3.03
C LEU A 104 -18.69 17.55 -2.73
N SER A 105 -19.50 17.41 -1.69
CA SER A 105 -20.44 18.44 -1.29
C SER A 105 -20.02 19.11 0.03
N GLU A 106 -18.73 19.07 0.33
CA GLU A 106 -18.13 19.53 1.58
C GLU A 106 -16.81 20.17 1.20
N VAL A 107 -16.48 21.31 1.81
CA VAL A 107 -15.24 22.07 1.55
C VAL A 107 -14.61 21.58 0.24
N THR A 108 -15.39 21.65 -0.83
CA THR A 108 -14.99 21.36 -2.21
C THR A 108 -15.79 22.29 -3.15
N PRO A 109 -17.14 22.16 -3.32
CA PRO A 109 -17.89 23.18 -4.07
C PRO A 109 -18.56 24.13 -3.10
N LYS A 110 -19.51 24.97 -3.50
CA LYS A 110 -20.05 25.96 -2.56
C LYS A 110 -21.56 25.88 -2.44
N HIS A 111 -22.30 26.19 -3.49
CA HIS A 111 -23.75 26.03 -3.57
C HIS A 111 -24.19 24.82 -4.40
N MET A 112 -23.27 23.91 -4.70
CA MET A 112 -23.52 22.69 -5.47
C MET A 112 -23.50 21.56 -4.44
N ASN A 113 -24.64 20.95 -4.20
CA ASN A 113 -24.75 19.92 -3.19
C ASN A 113 -25.32 18.65 -3.79
N HIS A 114 -25.17 18.43 -5.09
CA HIS A 114 -25.65 17.20 -5.78
C HIS A 114 -24.62 16.79 -6.81
N VAL A 115 -24.37 15.50 -7.02
CA VAL A 115 -23.34 15.01 -7.98
C VAL A 115 -23.83 13.72 -8.62
N PHE A 116 -23.51 13.48 -9.90
CA PHE A 116 -23.84 12.26 -10.67
C PHE A 116 -22.53 11.73 -11.19
N PHE A 117 -22.30 10.42 -11.19
CA PHE A 117 -21.00 9.83 -11.59
C PHE A 117 -21.09 9.20 -12.96
N THR A 118 -19.95 9.04 -13.61
CA THR A 118 -19.81 8.43 -14.95
C THR A 118 -18.40 7.88 -15.12
N GLY A 119 -18.18 7.11 -16.19
CA GLY A 119 -16.95 6.35 -16.48
C GLY A 119 -15.74 7.13 -16.94
N SER A 120 -15.81 8.45 -17.17
CA SER A 120 -14.66 9.27 -17.58
C SER A 120 -15.18 10.70 -17.53
N GLY A 121 -14.32 11.66 -17.93
CA GLY A 121 -14.69 13.08 -17.93
C GLY A 121 -15.32 13.57 -19.21
N SER A 122 -15.22 12.73 -20.24
CA SER A 122 -15.89 12.96 -21.51
C SER A 122 -17.37 12.59 -21.44
N ASP A 123 -17.69 11.44 -20.84
CA ASP A 123 -19.06 11.11 -20.49
C ASP A 123 -19.73 12.26 -19.73
N SER A 124 -18.94 13.02 -18.98
CA SER A 124 -19.49 14.04 -18.12
C SER A 124 -20.12 15.15 -18.93
N ASN A 125 -19.45 15.60 -19.99
CA ASN A 125 -20.00 16.65 -20.82
C ASN A 125 -21.20 16.18 -21.61
N ASP A 126 -21.33 14.89 -21.88
CA ASP A 126 -22.61 14.41 -22.40
C ASP A 126 -23.72 14.59 -21.36
N THR A 127 -23.52 14.11 -20.16
CA THR A 127 -24.60 14.26 -19.22
C THR A 127 -25.01 15.71 -19.06
N ILE A 128 -24.07 16.65 -19.17
CA ILE A 128 -24.42 18.05 -19.01
C ILE A 128 -25.22 18.53 -20.18
N LEU A 129 -24.71 18.29 -21.39
CA LEU A 129 -25.48 18.57 -22.60
C LEU A 129 -26.87 17.97 -22.50
N ARG A 130 -26.97 16.70 -22.12
CA ARG A 130 -28.29 16.08 -22.03
C ARG A 130 -29.13 16.82 -20.99
N MET A 131 -28.60 17.07 -19.80
CA MET A 131 -29.49 17.59 -18.78
C MET A 131 -29.66 19.10 -18.82
N VAL A 132 -28.75 19.83 -19.45
CA VAL A 132 -29.01 21.26 -19.60
C VAL A 132 -30.27 21.43 -20.43
N ARG A 133 -30.39 20.65 -21.51
CA ARG A 133 -31.58 20.75 -22.34
C ARG A 133 -32.81 20.33 -21.58
N TYR A 134 -32.74 19.22 -20.85
CA TYR A 134 -33.89 18.81 -20.05
C TYR A 134 -34.26 19.82 -18.98
N TYR A 135 -33.34 20.66 -18.49
CA TYR A 135 -33.74 21.65 -17.47
C TYR A 135 -34.75 22.63 -18.04
N TRP A 136 -34.50 23.08 -19.26
CA TRP A 136 -35.37 24.05 -19.91
C TRP A 136 -36.67 23.41 -20.38
N LYS A 137 -36.61 22.17 -20.90
CA LYS A 137 -37.83 21.45 -21.28
C LYS A 137 -38.81 21.47 -20.12
N LEU A 138 -38.33 21.22 -18.92
CA LEU A 138 -39.18 21.22 -17.74
C LEU A 138 -39.62 22.62 -17.33
N LEU A 139 -38.99 23.67 -17.83
CA LEU A 139 -39.52 25.01 -17.61
C LEU A 139 -40.39 25.47 -18.78
N GLY A 140 -40.75 24.57 -19.69
CA GLY A 140 -41.57 24.96 -20.81
C GLY A 140 -40.86 25.68 -21.93
N LYS A 141 -39.57 25.46 -22.08
CA LYS A 141 -38.77 26.18 -23.06
C LYS A 141 -37.93 25.21 -23.88
N PRO A 142 -38.58 24.28 -24.58
CA PRO A 142 -37.85 23.37 -25.49
C PRO A 142 -37.12 24.12 -26.62
N TYR A 143 -37.41 25.40 -26.85
CA TYR A 143 -36.64 26.11 -27.87
C TYR A 143 -35.23 26.34 -27.38
N LYS A 144 -35.04 26.47 -26.07
CA LYS A 144 -33.73 26.68 -25.44
C LYS A 144 -32.96 25.37 -25.44
N LYS A 145 -32.11 25.17 -26.44
CA LYS A 145 -31.36 23.94 -26.49
C LYS A 145 -29.99 24.20 -27.11
N VAL A 146 -29.64 25.37 -27.41
CA VAL A 146 -28.33 25.65 -27.99
C VAL A 146 -27.31 25.83 -26.87
N VAL A 147 -26.07 25.42 -27.11
CA VAL A 147 -25.00 25.55 -26.11
C VAL A 147 -23.79 26.20 -26.74
N ILE A 148 -23.48 27.42 -26.34
CA ILE A 148 -22.37 28.16 -26.91
C ILE A 148 -21.10 27.71 -26.18
N SER A 149 -20.03 27.39 -26.93
CA SER A 149 -18.71 27.12 -26.35
C SER A 149 -17.67 28.11 -26.84
N ARG A 150 -16.39 27.73 -26.84
CA ARG A 150 -15.35 28.62 -27.32
C ARG A 150 -14.39 27.91 -28.26
N GLU A 151 -13.72 28.68 -29.11
CA GLU A 151 -12.74 28.11 -30.00
C GLU A 151 -11.54 27.68 -29.17
N ASN A 152 -10.93 26.56 -29.54
CA ASN A 152 -9.78 26.00 -28.81
C ASN A 152 -10.12 25.67 -27.35
N ALA A 153 -11.37 25.36 -27.05
CA ALA A 153 -11.73 24.82 -25.75
C ALA A 153 -11.82 23.32 -25.96
N TYR A 154 -11.37 22.53 -24.98
CA TYR A 154 -11.46 21.08 -25.02
C TYR A 154 -12.51 20.70 -24.00
N HIS A 155 -13.43 19.84 -24.40
CA HIS A 155 -14.52 19.49 -23.50
C HIS A 155 -14.83 18.02 -23.54
N GLY A 156 -13.93 17.21 -24.06
CA GLY A 156 -14.22 15.81 -24.05
C GLY A 156 -13.84 15.22 -25.38
N SER A 157 -13.96 13.92 -25.50
CA SER A 157 -13.64 13.25 -26.75
C SER A 157 -14.75 12.30 -27.19
N THR A 158 -15.86 12.23 -26.47
CA THR A 158 -17.02 11.56 -27.02
C THR A 158 -17.51 12.35 -28.23
N VAL A 159 -18.57 11.85 -28.85
CA VAL A 159 -19.11 12.52 -30.00
C VAL A 159 -19.64 13.89 -29.65
N ALA A 160 -20.00 14.12 -28.39
CA ALA A 160 -20.42 15.44 -27.90
C ALA A 160 -19.29 16.23 -27.25
N GLY A 161 -18.33 15.58 -26.62
CA GLY A 161 -17.19 16.33 -26.13
C GLY A 161 -16.45 16.92 -27.29
N ALA A 162 -16.43 16.20 -28.40
CA ALA A 162 -15.68 16.68 -29.55
C ALA A 162 -16.44 17.75 -30.31
N SER A 163 -17.76 17.82 -30.13
CA SER A 163 -18.55 18.90 -30.70
C SER A 163 -18.40 20.17 -29.86
N LEU A 164 -18.53 20.03 -28.53
CA LEU A 164 -18.36 21.14 -27.62
C LEU A 164 -16.96 21.71 -27.71
N SER A 165 -15.96 20.86 -28.01
CA SER A 165 -14.60 21.34 -28.15
C SER A 165 -14.42 22.11 -29.46
N GLY A 166 -13.68 23.22 -29.38
CA GLY A 166 -13.35 24.16 -30.42
C GLY A 166 -12.18 23.75 -31.27
N MET A 167 -11.54 22.64 -30.90
CA MET A 167 -10.46 22.06 -31.69
C MET A 167 -11.01 21.70 -33.06
N LYS A 168 -10.55 22.36 -34.13
CA LYS A 168 -11.12 22.12 -35.47
C LYS A 168 -10.59 20.85 -36.15
N ALA A 169 -9.52 20.24 -35.60
CA ALA A 169 -9.06 18.93 -36.07
C ALA A 169 -10.02 17.82 -35.69
N MET A 170 -10.63 17.93 -34.50
CA MET A 170 -11.62 16.96 -34.06
C MET A 170 -12.92 17.07 -34.86
N HIS A 171 -13.29 18.30 -35.29
CA HIS A 171 -14.54 18.53 -36.01
C HIS A 171 -14.59 17.87 -37.40
N SER A 172 -13.43 17.64 -38.02
CA SER A 172 -13.38 16.99 -39.33
C SER A 172 -14.10 15.63 -39.33
N HIS A 173 -13.84 14.78 -38.33
CA HIS A 173 -14.40 13.44 -38.24
C HIS A 173 -15.92 13.46 -38.42
N GLY A 174 -16.38 13.12 -39.63
CA GLY A 174 -17.78 13.23 -40.02
C GLY A 174 -18.24 14.67 -39.99
N ASP A 175 -19.53 14.87 -39.70
CA ASP A 175 -20.10 16.20 -39.47
C ASP A 175 -20.21 16.41 -37.97
N LEU A 176 -19.03 16.39 -37.34
CA LEU A 176 -18.96 16.24 -35.88
C LEU A 176 -19.76 17.33 -35.18
N PRO A 177 -19.43 18.65 -35.30
CA PRO A 177 -20.23 19.67 -34.55
C PRO A 177 -21.73 19.35 -34.78
N ILE A 178 -22.36 18.80 -33.74
CA ILE A 178 -23.74 18.31 -33.79
C ILE A 178 -24.71 19.49 -33.66
N PRO A 179 -25.99 19.30 -33.96
CA PRO A 179 -26.96 20.39 -33.83
C PRO A 179 -26.90 20.98 -32.42
N GLY A 180 -27.11 22.27 -32.32
CA GLY A 180 -26.91 22.95 -31.06
C GLY A 180 -25.46 23.37 -31.20
N ILE A 181 -24.83 23.60 -30.07
CA ILE A 181 -23.39 23.82 -30.09
C ILE A 181 -22.97 24.83 -31.17
N GLU A 182 -22.75 26.08 -30.76
CA GLU A 182 -22.09 27.11 -31.53
C GLU A 182 -20.73 27.35 -30.87
N HIS A 183 -19.87 28.16 -31.49
CA HIS A 183 -18.58 28.47 -30.86
C HIS A 183 -18.24 29.95 -31.06
N ILE A 184 -17.59 30.59 -30.08
CA ILE A 184 -17.26 32.01 -30.14
C ILE A 184 -15.76 32.16 -29.90
N GLU A 185 -15.33 33.41 -29.87
CA GLU A 185 -13.90 33.73 -29.76
C GLU A 185 -13.28 33.29 -28.43
N GLN A 186 -11.99 32.83 -28.49
CA GLN A 186 -11.30 32.52 -27.24
C GLN A 186 -10.51 33.75 -26.73
N PRO A 187 -10.33 33.91 -25.37
CA PRO A 187 -9.64 35.07 -24.80
C PRO A 187 -8.11 34.91 -24.75
N TYR A 188 -7.51 34.52 -25.88
CA TYR A 188 -6.08 34.27 -25.95
C TYR A 188 -5.43 35.58 -26.37
N HIS A 189 -5.06 36.39 -25.36
CA HIS A 189 -4.52 37.71 -25.63
C HIS A 189 -3.22 37.65 -26.44
N PHE A 190 -2.40 36.65 -26.22
CA PHE A 190 -1.13 36.62 -26.94
C PHE A 190 -1.28 36.41 -28.44
N GLY A 191 -2.19 35.55 -28.86
CA GLY A 191 -2.22 35.15 -30.26
C GLY A 191 -3.25 35.91 -31.04
N ARG A 192 -4.32 36.32 -30.36
CA ARG A 192 -5.35 37.11 -31.03
C ARG A 192 -4.89 38.55 -31.23
N ALA A 193 -4.48 39.22 -30.14
CA ALA A 193 -4.34 40.68 -30.12
C ALA A 193 -3.21 41.09 -29.21
N PRO A 194 -1.97 40.81 -29.62
CA PRO A 194 -0.86 40.93 -28.68
C PRO A 194 -0.68 42.31 -28.04
N ASP A 195 -1.22 43.37 -28.66
CA ASP A 195 -0.92 44.76 -28.30
C ASP A 195 -2.05 45.51 -27.62
N MET A 196 -3.30 45.15 -27.86
CA MET A 196 -4.45 45.69 -27.14
C MET A 196 -4.30 45.68 -25.62
N ASP A 197 -4.93 46.66 -24.96
CA ASP A 197 -4.90 46.70 -23.49
C ASP A 197 -5.54 45.41 -22.99
N PRO A 198 -4.81 44.60 -22.21
CA PRO A 198 -5.38 43.32 -21.79
C PRO A 198 -6.73 43.46 -21.15
N ALA A 199 -6.91 44.48 -20.33
CA ALA A 199 -8.16 44.49 -19.57
C ALA A 199 -9.33 44.64 -20.53
N GLU A 200 -9.21 45.49 -21.56
CA GLU A 200 -10.35 45.57 -22.47
C GLU A 200 -10.38 44.44 -23.49
N PHE A 201 -9.24 43.96 -23.98
CA PHE A 201 -9.34 42.79 -24.83
C PHE A 201 -10.11 41.69 -24.14
N GLY A 202 -10.05 41.66 -22.80
CA GLY A 202 -10.85 40.72 -22.04
C GLY A 202 -12.33 41.00 -22.15
N ARG A 203 -12.69 42.28 -22.10
CA ARG A 203 -14.09 42.68 -22.21
C ARG A 203 -14.64 42.46 -23.60
N GLN A 204 -13.78 42.60 -24.62
CA GLN A 204 -14.21 42.42 -26.00
C GLN A 204 -14.51 40.96 -26.30
N ALA A 205 -13.66 40.05 -25.81
CA ALA A 205 -13.81 38.63 -26.08
C ALA A 205 -14.91 38.01 -25.23
N ALA A 206 -15.23 38.65 -24.12
CA ALA A 206 -16.39 38.25 -23.32
C ALA A 206 -17.68 38.82 -23.87
N GLN A 207 -17.61 39.95 -24.58
CA GLN A 207 -18.79 40.38 -25.31
C GLN A 207 -18.98 39.57 -26.58
N ALA A 208 -17.95 38.87 -27.06
CA ALA A 208 -18.20 37.93 -28.15
C ALA A 208 -19.33 36.98 -27.77
N LEU A 209 -19.57 36.79 -26.48
CA LEU A 209 -20.68 35.96 -26.02
C LEU A 209 -22.02 36.64 -26.23
N GLU A 210 -22.13 37.93 -25.88
CA GLU A 210 -23.39 38.66 -26.12
C GLU A 210 -23.61 38.78 -27.61
N ARG A 211 -22.54 39.03 -28.39
CA ARG A 211 -22.69 39.10 -29.84
C ARG A 211 -23.29 37.80 -30.36
N LYS A 212 -22.71 36.66 -30.02
CA LYS A 212 -23.30 35.41 -30.49
C LYS A 212 -24.69 35.17 -29.90
N ILE A 213 -25.07 35.80 -28.80
CA ILE A 213 -26.42 35.59 -28.29
C ILE A 213 -27.44 36.35 -29.10
N ASP A 214 -27.12 37.59 -29.48
CA ASP A 214 -28.07 38.44 -30.20
C ASP A 214 -28.17 38.05 -31.66
N GLU A 215 -27.30 37.15 -32.11
CA GLU A 215 -27.31 36.58 -33.44
C GLU A 215 -28.10 35.29 -33.46
N ILE A 216 -28.01 34.47 -32.43
CA ILE A 216 -28.77 33.22 -32.35
C ILE A 216 -30.18 33.36 -31.75
N GLY A 217 -30.38 34.33 -30.86
CA GLY A 217 -31.63 34.50 -30.11
C GLY A 217 -31.64 33.99 -28.67
N GLU A 218 -31.62 34.91 -27.71
CA GLU A 218 -31.51 34.53 -26.31
C GLU A 218 -32.43 33.36 -25.99
N CYS A 219 -33.67 33.42 -26.41
CA CYS A 219 -34.55 32.34 -25.97
C CYS A 219 -34.22 31.01 -26.65
N ASN A 220 -33.22 30.94 -27.53
CA ASN A 220 -32.76 29.65 -28.04
C ASN A 220 -31.58 29.09 -27.29
N VAL A 221 -30.88 29.91 -26.53
CA VAL A 221 -29.65 29.55 -25.86
C VAL A 221 -29.95 29.00 -24.48
N ALA A 222 -29.44 27.79 -24.23
CA ALA A 222 -29.57 27.14 -22.94
C ALA A 222 -28.38 27.36 -22.02
N ALA A 223 -27.19 27.55 -22.57
CA ALA A 223 -26.02 27.77 -21.72
C ALA A 223 -24.70 28.03 -22.45
N PHE A 224 -23.71 28.38 -21.66
CA PHE A 224 -22.36 28.71 -22.06
C PHE A 224 -21.42 27.82 -21.27
N ILE A 225 -20.37 27.30 -21.94
CA ILE A 225 -19.43 26.43 -21.26
C ILE A 225 -18.01 26.83 -21.59
N ALA A 226 -17.19 26.92 -20.56
CA ALA A 226 -15.82 27.35 -20.74
C ALA A 226 -15.06 26.71 -19.60
N GLU A 227 -13.86 26.30 -19.91
CA GLU A 227 -12.87 26.03 -18.89
C GLU A 227 -12.54 27.36 -18.22
N PRO A 228 -12.30 27.37 -16.91
CA PRO A 228 -11.80 28.63 -16.30
C PRO A 228 -10.45 29.00 -16.88
N ILE A 229 -9.69 28.00 -17.33
CA ILE A 229 -8.46 28.14 -18.08
C ILE A 229 -8.37 27.03 -19.11
N GLN A 230 -7.98 27.36 -20.33
CA GLN A 230 -7.91 26.34 -21.37
C GLN A 230 -6.58 25.60 -21.29
N GLY A 231 -6.62 24.37 -20.81
CA GLY A 231 -5.41 23.61 -20.68
C GLY A 231 -5.03 22.98 -21.97
N ALA A 232 -5.86 22.09 -22.47
CA ALA A 232 -5.48 21.38 -23.66
C ALA A 232 -5.16 22.31 -24.81
N GLY A 233 -5.51 23.59 -24.70
CA GLY A 233 -5.32 24.50 -25.81
C GLY A 233 -4.17 25.46 -25.56
N GLY A 234 -3.28 25.08 -24.64
CA GLY A 234 -2.12 25.89 -24.31
C GLY A 234 -2.19 26.82 -23.13
N VAL A 235 -2.81 26.38 -22.04
CA VAL A 235 -2.91 27.19 -20.84
C VAL A 235 -3.22 28.63 -21.20
N ILE A 236 -4.41 28.86 -21.74
CA ILE A 236 -4.84 30.16 -22.23
C ILE A 236 -5.54 30.86 -21.09
N ILE A 237 -4.89 31.87 -20.53
CA ILE A 237 -5.35 32.45 -19.29
C ILE A 237 -6.13 33.73 -19.61
N PRO A 238 -7.38 33.83 -19.17
CA PRO A 238 -8.18 34.99 -19.48
C PRO A 238 -7.61 36.24 -18.83
N PRO A 239 -7.67 37.37 -19.50
CA PRO A 239 -7.43 38.64 -18.81
C PRO A 239 -8.38 38.74 -17.64
N ASP A 240 -7.96 39.50 -16.63
CA ASP A 240 -8.73 39.44 -15.39
C ASP A 240 -10.14 39.95 -15.60
N SER A 241 -10.35 40.59 -16.73
CA SER A 241 -11.61 41.23 -17.09
C SER A 241 -12.65 40.30 -17.69
N TYR A 242 -12.25 39.26 -18.42
CA TYR A 242 -13.16 38.35 -19.12
C TYR A 242 -14.20 37.83 -18.15
N TRP A 243 -13.77 37.00 -17.22
CA TRP A 243 -14.75 36.29 -16.39
C TRP A 243 -15.70 37.23 -15.68
N PRO A 244 -15.28 38.43 -15.24
CA PRO A 244 -16.25 39.40 -14.70
C PRO A 244 -17.38 39.77 -15.66
N GLU A 245 -17.05 40.06 -16.93
CA GLU A 245 -18.09 40.40 -17.90
C GLU A 245 -19.01 39.22 -18.06
N ILE A 246 -18.44 38.05 -18.29
CA ILE A 246 -19.31 36.94 -18.63
C ILE A 246 -20.35 36.67 -17.56
N LYS A 247 -20.06 36.97 -16.31
CA LYS A 247 -21.08 36.74 -15.30
C LYS A 247 -22.22 37.72 -15.49
N ARG A 248 -21.85 38.95 -15.88
CA ARG A 248 -22.82 39.98 -16.26
C ARG A 248 -23.77 39.44 -17.31
N ILE A 249 -23.21 38.92 -18.41
CA ILE A 249 -24.04 38.52 -19.53
C ILE A 249 -24.99 37.40 -19.13
N CYS A 250 -24.52 36.46 -18.33
CA CYS A 250 -25.34 35.33 -17.94
C CYS A 250 -26.43 35.70 -16.96
N ALA A 251 -26.48 36.93 -16.48
CA ALA A 251 -27.65 37.39 -15.75
C ALA A 251 -28.63 38.16 -16.66
N GLU A 252 -28.16 39.20 -17.36
CA GLU A 252 -29.01 39.98 -18.26
C GLU A 252 -29.78 39.08 -19.23
N ARG A 253 -29.05 38.10 -19.79
CA ARG A 253 -29.56 37.03 -20.60
C ARG A 253 -29.88 35.85 -19.70
N ASP A 254 -30.87 35.07 -20.08
CA ASP A 254 -31.41 34.03 -19.19
C ASP A 254 -30.81 32.70 -19.58
N ILE A 255 -29.56 32.45 -19.13
CA ILE A 255 -28.87 31.21 -19.50
C ILE A 255 -28.03 30.59 -18.39
N LEU A 256 -27.93 29.25 -18.41
CA LEU A 256 -27.13 28.52 -17.42
C LEU A 256 -25.62 28.55 -17.76
N LEU A 257 -24.80 28.48 -16.72
CA LEU A 257 -23.34 28.53 -16.83
C LEU A 257 -22.75 27.13 -16.59
N ILE A 258 -21.87 26.70 -17.49
CA ILE A 258 -21.24 25.40 -17.35
C ILE A 258 -19.73 25.61 -17.29
N VAL A 259 -19.15 25.35 -16.12
CA VAL A 259 -17.73 25.52 -15.93
C VAL A 259 -17.14 24.12 -15.95
N ASP A 260 -16.12 23.93 -16.77
CA ASP A 260 -15.51 22.62 -17.02
C ASP A 260 -14.27 22.58 -16.15
N GLU A 261 -14.46 22.05 -14.95
CA GLU A 261 -13.42 21.86 -13.95
C GLU A 261 -12.77 20.51 -14.03
N VAL A 262 -12.63 19.95 -15.24
CA VAL A 262 -11.96 18.65 -15.33
C VAL A 262 -10.49 18.81 -15.01
N ILE A 263 -9.86 19.77 -15.65
CA ILE A 263 -8.43 20.01 -15.46
C ILE A 263 -8.17 20.95 -14.27
N THR A 264 -8.99 21.97 -14.08
CA THR A 264 -8.70 22.95 -13.04
C THR A 264 -9.17 22.51 -11.69
N GLY A 265 -9.82 21.36 -11.62
CA GLY A 265 -10.34 20.91 -10.36
C GLY A 265 -9.31 20.16 -9.53
N PHE A 266 -9.51 20.23 -8.21
CA PHE A 266 -8.66 19.54 -7.26
C PHE A 266 -7.28 20.17 -7.27
N GLY A 267 -7.27 21.46 -6.98
CA GLY A 267 -6.08 22.21 -6.65
C GLY A 267 -5.28 22.76 -7.79
N ARG A 268 -5.65 22.44 -9.02
CA ARG A 268 -4.76 22.75 -10.14
C ARG A 268 -4.50 24.23 -10.23
N LEU A 269 -5.44 25.07 -9.76
CA LEU A 269 -5.29 26.52 -9.77
C LEU A 269 -5.03 27.09 -8.37
N GLY A 270 -4.54 26.28 -7.45
CA GLY A 270 -4.34 26.72 -6.12
C GLY A 270 -5.55 26.58 -5.24
N THR A 271 -6.72 26.65 -5.83
CA THR A 271 -7.96 26.53 -5.12
C THR A 271 -8.52 25.13 -5.36
N TRP A 272 -9.50 24.72 -4.56
CA TRP A 272 -10.10 23.41 -4.79
C TRP A 272 -10.54 23.33 -6.23
N PHE A 273 -11.24 24.35 -6.69
CA PHE A 273 -11.74 24.41 -8.06
C PHE A 273 -11.56 25.80 -8.63
N GLY A 274 -11.17 25.87 -9.89
CA GLY A 274 -11.03 27.13 -10.59
C GLY A 274 -12.21 28.08 -10.54
N SER A 275 -13.37 27.57 -10.15
CA SER A 275 -14.53 28.43 -9.93
C SER A 275 -14.25 29.45 -8.85
N GLN A 276 -13.87 28.98 -7.66
CA GLN A 276 -13.63 29.90 -6.55
C GLN A 276 -12.39 30.76 -6.78
N TYR A 277 -11.54 30.45 -7.75
CA TYR A 277 -10.50 31.41 -8.11
C TYR A 277 -11.06 32.64 -8.85
N TYR A 278 -12.06 32.46 -9.71
CA TYR A 278 -12.69 33.55 -10.45
C TYR A 278 -14.07 33.95 -9.91
N ASP A 279 -14.39 33.56 -8.71
CA ASP A 279 -15.70 33.76 -8.10
C ASP A 279 -16.83 33.42 -9.04
N LEU A 280 -16.78 32.22 -9.62
CA LEU A 280 -17.88 31.78 -10.45
C LEU A 280 -18.81 30.91 -9.64
N GLN A 281 -20.05 30.82 -10.12
CA GLN A 281 -21.12 30.06 -9.46
C GLN A 281 -21.78 29.21 -10.54
N PRO A 282 -21.15 28.13 -10.91
CA PRO A 282 -21.66 27.32 -12.02
C PRO A 282 -22.94 26.63 -11.66
N ASP A 283 -23.77 26.48 -12.69
CA ASP A 283 -24.94 25.63 -12.58
C ASP A 283 -24.64 24.22 -13.01
N LEU A 284 -23.50 23.97 -13.64
CA LEU A 284 -23.06 22.60 -13.83
C LEU A 284 -21.55 22.66 -13.90
N MET A 285 -20.91 21.55 -13.36
CA MET A 285 -19.45 21.35 -13.47
C MET A 285 -19.02 19.95 -13.84
N PRO A 286 -18.46 19.72 -15.02
CA PRO A 286 -17.78 18.45 -15.23
C PRO A 286 -16.60 18.35 -14.27
N ILE A 287 -16.49 17.21 -13.56
CA ILE A 287 -15.29 16.93 -12.77
C ILE A 287 -14.81 15.56 -13.17
N ALA A 288 -13.49 15.40 -13.25
CA ALA A 288 -12.81 14.12 -13.48
C ALA A 288 -11.33 14.37 -13.15
N LYS A 289 -10.42 13.55 -13.70
CA LYS A 289 -8.95 13.70 -13.60
C LYS A 289 -8.49 13.78 -12.16
N GLY A 290 -8.40 14.95 -11.60
CA GLY A 290 -7.96 15.00 -10.23
C GLY A 290 -8.98 14.46 -9.23
N LEU A 291 -10.14 14.04 -9.68
CA LEU A 291 -11.07 13.38 -8.77
C LEU A 291 -10.41 12.14 -8.16
N SER A 292 -9.65 11.40 -8.95
CA SER A 292 -8.99 10.19 -8.49
C SER A 292 -7.48 10.29 -8.68
N SER A 293 -6.96 11.49 -8.90
CA SER A 293 -5.55 11.69 -9.21
C SER A 293 -5.03 10.71 -10.26
N GLY A 294 -5.89 10.28 -11.16
CA GLY A 294 -5.48 9.46 -12.26
C GLY A 294 -5.32 8.00 -11.95
N TYR A 295 -5.73 7.58 -10.77
CA TYR A 295 -5.51 6.21 -10.32
C TYR A 295 -6.62 5.28 -10.77
N MET A 296 -7.80 5.83 -11.13
CA MET A 296 -8.96 5.06 -11.50
C MET A 296 -9.93 5.87 -12.38
N PRO A 297 -10.35 5.34 -13.53
CA PRO A 297 -11.29 6.08 -14.36
C PRO A 297 -12.55 6.46 -13.59
N ILE A 298 -12.81 7.77 -13.52
CA ILE A 298 -14.07 8.27 -13.00
C ILE A 298 -14.27 9.70 -13.46
N GLY A 299 -15.55 10.12 -13.57
CA GLY A 299 -15.95 11.51 -13.72
C GLY A 299 -17.29 11.78 -13.04
N GLY A 300 -17.64 13.07 -12.91
CA GLY A 300 -18.92 13.44 -12.33
C GLY A 300 -19.44 14.79 -12.79
N VAL A 301 -20.62 15.20 -12.29
CA VAL A 301 -21.07 16.58 -12.46
C VAL A 301 -21.63 17.19 -11.17
N MET A 302 -20.95 18.22 -10.68
CA MET A 302 -21.57 19.00 -9.61
C MET A 302 -22.78 19.66 -10.24
N VAL A 303 -23.86 19.74 -9.49
CA VAL A 303 -25.12 20.28 -10.00
C VAL A 303 -25.60 21.32 -9.00
N SER A 304 -25.63 22.58 -9.44
CA SER A 304 -26.05 23.66 -8.59
C SER A 304 -27.50 23.45 -8.14
N ASP A 305 -27.86 24.10 -7.03
CA ASP A 305 -29.16 23.85 -6.43
C ASP A 305 -30.33 24.37 -7.28
N ARG A 306 -30.14 25.47 -8.01
CA ARG A 306 -31.16 25.96 -8.94
C ARG A 306 -31.62 24.85 -9.89
N VAL A 307 -30.69 24.29 -10.67
CA VAL A 307 -31.02 23.26 -11.66
C VAL A 307 -31.34 21.90 -11.03
N ALA A 308 -30.99 21.67 -9.78
CA ALA A 308 -31.43 20.42 -9.17
C ALA A 308 -32.90 20.51 -8.74
N LYS A 309 -33.36 21.67 -8.22
CA LYS A 309 -34.76 21.77 -7.84
C LYS A 309 -35.65 21.31 -8.98
N VAL A 310 -35.19 21.48 -10.21
CA VAL A 310 -35.96 21.18 -11.40
C VAL A 310 -35.72 19.75 -11.89
N VAL A 311 -34.46 19.28 -12.06
CA VAL A 311 -34.29 18.00 -12.77
C VAL A 311 -34.43 16.82 -11.83
N ILE A 312 -34.05 16.99 -10.57
CA ILE A 312 -34.01 15.90 -9.62
C ILE A 312 -35.36 15.84 -8.91
N GLU A 313 -35.64 16.83 -8.06
CA GLU A 313 -36.98 17.01 -7.53
C GLU A 313 -37.83 17.58 -8.65
N GLU A 314 -39.05 17.10 -8.79
CA GLU A 314 -39.96 17.55 -9.85
C GLU A 314 -39.50 17.13 -11.25
N GLY A 315 -38.97 15.91 -11.36
CA GLY A 315 -38.50 15.41 -12.65
C GLY A 315 -37.87 14.04 -12.55
N GLY A 316 -37.83 13.37 -13.72
CA GLY A 316 -37.20 12.08 -13.79
C GLY A 316 -35.76 12.06 -14.36
N GLU A 317 -35.63 11.97 -15.68
CA GLU A 317 -34.37 11.97 -16.41
C GLU A 317 -33.72 10.59 -16.38
N PHE A 318 -33.62 9.99 -15.19
CA PHE A 318 -32.98 8.70 -14.98
C PHE A 318 -33.79 7.51 -15.48
N PHE A 319 -34.23 7.55 -16.74
CA PHE A 319 -35.09 6.49 -17.34
C PHE A 319 -34.25 5.57 -18.22
N HIS A 320 -33.37 4.80 -17.55
CA HIS A 320 -32.45 3.81 -18.15
C HIS A 320 -31.50 4.52 -19.13
N GLY A 321 -31.25 5.81 -18.87
CA GLY A 321 -29.88 6.26 -18.66
C GLY A 321 -29.56 5.70 -17.28
N TYR A 322 -29.98 6.47 -16.27
CA TYR A 322 -29.95 6.09 -14.85
C TYR A 322 -28.68 5.44 -14.31
N THR A 323 -27.59 5.45 -15.06
CA THR A 323 -26.31 4.96 -14.51
C THR A 323 -25.68 6.04 -13.64
N TYR A 324 -26.52 6.73 -12.85
CA TYR A 324 -26.09 7.80 -11.95
C TYR A 324 -25.10 7.28 -10.90
N SER A 325 -25.09 5.97 -10.66
CA SER A 325 -24.13 5.33 -9.77
C SER A 325 -22.83 5.07 -10.54
N GLY A 326 -21.70 5.54 -10.01
CA GLY A 326 -20.46 5.28 -10.70
C GLY A 326 -19.96 3.88 -10.35
N HIS A 327 -18.82 3.53 -10.92
CA HIS A 327 -18.27 2.21 -10.63
C HIS A 327 -17.80 2.21 -9.20
N PRO A 328 -18.30 1.33 -8.35
CA PRO A 328 -17.97 1.46 -6.91
C PRO A 328 -16.47 1.51 -6.58
N VAL A 329 -15.64 0.66 -7.21
CA VAL A 329 -14.20 0.64 -6.92
C VAL A 329 -13.57 1.99 -7.23
N ALA A 330 -13.96 2.62 -8.35
CA ALA A 330 -13.43 3.92 -8.70
C ALA A 330 -13.92 5.02 -7.75
N ALA A 331 -15.16 4.93 -7.27
CA ALA A 331 -15.57 5.92 -6.29
C ALA A 331 -14.83 5.73 -4.99
N ALA A 332 -14.55 4.47 -4.64
CA ALA A 332 -13.80 4.20 -3.41
C ALA A 332 -12.39 4.76 -3.50
N VAL A 333 -11.69 4.53 -4.62
CA VAL A 333 -10.39 5.15 -4.81
C VAL A 333 -10.51 6.68 -4.73
N ALA A 334 -11.47 7.26 -5.46
CA ALA A 334 -11.54 8.72 -5.56
C ALA A 334 -11.81 9.34 -4.19
N ALA A 335 -12.60 8.65 -3.38
CA ALA A 335 -12.92 9.18 -2.06
C ALA A 335 -11.65 9.27 -1.23
N GLU A 336 -10.87 8.20 -1.17
CA GLU A 336 -9.65 8.27 -0.39
C GLU A 336 -8.79 9.42 -0.91
N ASN A 337 -8.78 9.61 -2.23
CA ASN A 337 -7.95 10.66 -2.81
C ASN A 337 -8.29 12.03 -2.23
N ILE A 338 -9.59 12.32 -2.06
CA ILE A 338 -9.97 13.63 -1.53
C ILE A 338 -9.64 13.75 -0.05
N ARG A 339 -9.83 12.67 0.73
CA ARG A 339 -9.43 12.73 2.14
C ARG A 339 -7.96 13.12 2.21
N ILE A 340 -7.11 12.32 1.56
CA ILE A 340 -5.68 12.54 1.55
C ILE A 340 -5.37 13.97 1.18
N MET A 341 -6.16 14.59 0.30
CA MET A 341 -5.78 15.90 -0.21
C MET A 341 -6.16 16.98 0.76
N ARG A 342 -7.26 16.80 1.50
CA ARG A 342 -7.58 17.81 2.50
C ARG A 342 -7.01 17.49 3.86
N ASP A 343 -6.79 16.22 4.17
CA ASP A 343 -6.34 15.88 5.51
C ASP A 343 -4.86 16.17 5.67
N GLU A 344 -4.08 16.03 4.62
CA GLU A 344 -2.71 16.51 4.56
C GLU A 344 -2.62 17.92 4.02
N GLY A 345 -3.77 18.57 3.83
CA GLY A 345 -3.89 19.90 3.25
C GLY A 345 -2.96 20.12 2.09
N ILE A 346 -3.02 19.24 1.09
CA ILE A 346 -1.99 19.30 0.08
C ILE A 346 -2.35 20.27 -1.02
N ILE A 347 -3.65 20.64 -1.13
CA ILE A 347 -4.00 21.71 -2.05
C ILE A 347 -4.05 23.06 -1.33
N GLU A 348 -4.21 23.07 0.00
CA GLU A 348 -4.10 24.35 0.71
C GLU A 348 -2.65 24.82 0.71
N ARG A 349 -1.71 23.90 0.90
CA ARG A 349 -0.31 24.25 0.79
C ARG A 349 0.05 24.58 -0.64
N ALA A 350 -0.60 23.89 -1.60
CA ALA A 350 -0.26 24.10 -3.00
C ALA A 350 -0.51 25.53 -3.40
N GLY A 351 -1.68 26.06 -3.07
CA GLY A 351 -1.98 27.41 -3.46
C GLY A 351 -1.28 28.45 -2.61
N ALA A 352 -0.99 28.12 -1.35
CA ALA A 352 -0.42 29.09 -0.43
C ALA A 352 1.10 29.17 -0.45
N GLU A 353 1.80 28.04 -0.70
CA GLU A 353 3.25 27.98 -0.52
C GLU A 353 4.02 27.71 -1.79
N ILE A 354 3.73 26.65 -2.54
CA ILE A 354 4.62 26.36 -3.67
C ILE A 354 4.18 27.05 -4.97
N ALA A 355 2.87 27.26 -5.17
CA ALA A 355 2.42 27.91 -6.39
C ALA A 355 3.09 29.26 -6.58
N PRO A 356 2.99 30.21 -5.64
CA PRO A 356 3.72 31.47 -5.81
C PRO A 356 5.16 31.28 -6.20
N TYR A 357 5.87 30.38 -5.51
CA TYR A 357 7.26 30.08 -5.83
C TYR A 357 7.38 29.64 -7.28
N LEU A 358 6.54 28.69 -7.69
CA LEU A 358 6.58 28.22 -9.07
C LEU A 358 6.25 29.34 -10.05
N GLN A 359 5.14 30.05 -9.79
CA GLN A 359 4.70 31.08 -10.71
C GLN A 359 5.74 32.17 -10.81
N ALA A 360 6.23 32.62 -9.67
CA ALA A 360 7.29 33.62 -9.64
C ALA A 360 8.53 33.11 -10.33
N ARG A 361 8.86 31.86 -10.11
CA ARG A 361 10.10 31.40 -10.72
C ARG A 361 9.96 31.17 -12.21
N TRP A 362 8.77 30.77 -12.68
CA TRP A 362 8.55 30.61 -14.12
C TRP A 362 8.89 31.90 -14.85
N ARG A 363 8.45 33.05 -14.29
CA ARG A 363 8.65 34.36 -14.92
C ARG A 363 10.12 34.59 -15.26
N GLU A 364 11.01 34.19 -14.41
CA GLU A 364 12.44 34.28 -14.69
C GLU A 364 12.71 33.79 -16.12
N LEU A 365 11.95 32.82 -16.65
CA LEU A 365 12.20 32.34 -18.01
C LEU A 365 11.71 33.32 -19.07
N GLY A 366 10.88 34.29 -18.67
CA GLY A 366 10.47 35.35 -19.57
C GLY A 366 11.62 36.14 -20.12
N GLU A 367 12.78 36.06 -19.49
CA GLU A 367 13.94 36.77 -19.96
C GLU A 367 14.67 36.01 -21.07
N HIS A 368 14.48 34.72 -21.16
CA HIS A 368 15.22 33.92 -22.14
C HIS A 368 14.96 34.43 -23.56
N PRO A 369 15.97 34.40 -24.44
CA PRO A 369 15.78 34.92 -25.80
C PRO A 369 14.64 34.30 -26.57
N LEU A 370 14.23 33.09 -26.26
CA LEU A 370 13.20 32.40 -27.02
C LEU A 370 11.79 32.63 -26.51
N VAL A 371 11.60 33.49 -25.50
CA VAL A 371 10.33 33.51 -24.78
C VAL A 371 9.70 34.90 -24.81
N GLY A 372 8.46 34.93 -25.32
CA GLY A 372 7.69 36.13 -25.43
C GLY A 372 6.91 36.36 -24.17
N GLU A 373 6.13 35.37 -23.76
CA GLU A 373 5.33 35.47 -22.55
C GLU A 373 5.68 34.35 -21.57
N ALA A 374 5.62 34.63 -20.29
CA ALA A 374 5.62 33.59 -19.26
C ALA A 374 4.27 33.73 -18.54
N ARG A 375 3.38 32.81 -18.82
CA ARG A 375 2.02 32.82 -18.33
C ARG A 375 1.97 31.84 -17.20
N GLY A 376 1.01 32.03 -16.31
CA GLY A 376 0.73 30.93 -15.41
C GLY A 376 -0.09 31.36 -14.24
N VAL A 377 -0.92 30.42 -13.79
CA VAL A 377 -1.67 30.55 -12.56
C VAL A 377 -1.52 29.26 -11.76
N GLY A 378 -1.79 29.37 -10.45
CA GLY A 378 -1.84 28.24 -9.54
C GLY A 378 -0.68 27.30 -9.78
N MET A 379 -0.99 26.04 -10.11
CA MET A 379 0.00 25.00 -10.37
C MET A 379 0.04 24.64 -11.86
N VAL A 380 -0.08 25.64 -12.73
CA VAL A 380 -0.08 25.41 -14.18
C VAL A 380 0.52 26.62 -14.87
N ALA A 381 1.27 26.39 -15.94
CA ALA A 381 2.00 27.51 -16.50
C ALA A 381 2.44 27.21 -17.92
N ALA A 382 2.69 28.28 -18.67
CA ALA A 382 3.08 28.14 -20.07
C ALA A 382 4.12 29.19 -20.47
N LEU A 383 4.85 28.83 -21.56
CA LEU A 383 5.87 29.65 -22.20
C LEU A 383 5.48 29.73 -23.66
N GLU A 384 5.63 30.90 -24.28
CA GLU A 384 5.41 31.04 -25.71
C GLU A 384 6.76 31.14 -26.40
N LEU A 385 6.98 30.33 -27.42
CA LEU A 385 8.23 30.37 -28.17
C LEU A 385 8.00 31.24 -29.42
N VAL A 386 8.91 32.19 -29.61
CA VAL A 386 8.75 33.20 -30.63
C VAL A 386 10.08 33.35 -31.34
N LYS A 387 10.01 33.74 -32.61
CA LYS A 387 11.23 33.95 -33.40
C LYS A 387 12.06 35.08 -32.81
N SER A 388 11.43 36.24 -32.53
CA SER A 388 12.12 37.34 -31.85
C SER A 388 11.15 38.16 -31.00
N LYS A 389 11.69 38.81 -29.96
CA LYS A 389 10.92 39.60 -29.00
C LYS A 389 10.83 41.10 -29.32
N GLN A 390 11.87 41.72 -29.93
CA GLN A 390 11.90 43.17 -30.17
C GLN A 390 10.91 43.60 -31.26
N PRO A 391 10.53 42.74 -32.18
CA PRO A 391 9.35 43.02 -33.01
C PRO A 391 8.25 41.99 -32.77
N LEU A 392 8.39 41.11 -31.78
CA LEU A 392 7.43 40.05 -31.53
C LEU A 392 7.06 39.31 -32.83
N GLU A 393 8.03 38.59 -33.38
CA GLU A 393 7.74 37.82 -34.60
C GLU A 393 7.50 36.36 -34.24
N ARG A 394 6.41 35.78 -34.76
CA ARG A 394 6.15 34.35 -34.65
C ARG A 394 6.79 33.53 -35.78
N PHE A 395 6.85 32.21 -35.55
CA PHE A 395 7.50 31.29 -36.45
C PHE A 395 6.66 30.83 -37.66
N GLU A 396 7.35 30.54 -38.74
CA GLU A 396 6.82 29.62 -39.74
C GLU A 396 6.81 28.24 -39.07
N GLU A 397 5.61 27.63 -38.97
CA GLU A 397 5.39 26.41 -38.19
C GLU A 397 5.98 26.47 -36.79
N PRO A 398 5.29 27.09 -35.81
CA PRO A 398 5.83 27.09 -34.44
C PRO A 398 5.64 25.75 -33.75
N GLY A 399 4.75 24.90 -34.23
CA GLY A 399 4.63 23.59 -33.63
C GLY A 399 5.86 22.76 -33.85
N LYS A 400 6.44 22.84 -35.06
CA LYS A 400 7.67 22.12 -35.40
C LYS A 400 8.83 22.57 -34.53
N VAL A 401 8.76 23.78 -33.96
CA VAL A 401 9.77 24.26 -33.03
C VAL A 401 9.50 23.75 -31.62
N GLY A 402 8.24 23.78 -31.19
CA GLY A 402 7.84 23.30 -29.89
C GLY A 402 7.82 21.80 -29.73
N SER A 403 7.45 21.12 -30.81
CA SER A 403 7.53 19.66 -30.86
C SER A 403 8.96 19.22 -30.63
N LEU A 404 9.91 20.07 -31.02
CA LEU A 404 11.31 19.82 -30.81
C LEU A 404 11.69 20.03 -29.36
N CYS A 405 11.24 21.15 -28.77
CA CYS A 405 11.53 21.40 -27.35
C CYS A 405 10.89 20.33 -26.46
N ARG A 406 9.66 19.90 -26.78
CA ARG A 406 9.06 18.81 -26.02
C ARG A 406 10.00 17.62 -26.03
N ASP A 407 10.57 17.32 -27.20
CA ASP A 407 11.51 16.22 -27.36
C ASP A 407 12.83 16.44 -26.59
N LEU A 408 13.20 17.67 -26.27
CA LEU A 408 14.44 17.92 -25.52
C LEU A 408 14.23 18.11 -24.03
N SER A 409 13.02 18.40 -23.57
CA SER A 409 12.80 18.46 -22.14
C SER A 409 12.82 17.06 -21.57
N VAL A 410 12.14 16.11 -22.24
CA VAL A 410 12.19 14.72 -21.80
C VAL A 410 13.64 14.24 -21.79
N LYS A 411 14.42 14.60 -22.82
CA LYS A 411 15.83 14.19 -22.86
C LYS A 411 16.69 14.80 -21.78
N ASN A 412 16.29 15.91 -21.17
CA ASN A 412 17.05 16.50 -20.06
C ASN A 412 16.31 16.26 -18.75
N GLY A 413 15.37 15.33 -18.76
CA GLY A 413 14.66 14.94 -17.56
C GLY A 413 13.52 15.82 -17.10
N LEU A 414 12.62 16.24 -17.99
CA LEU A 414 11.49 17.05 -17.60
C LEU A 414 10.36 16.88 -18.62
N VAL A 415 9.21 16.40 -18.17
CA VAL A 415 8.07 16.34 -19.06
C VAL A 415 7.41 17.72 -19.14
N MET A 416 7.13 18.14 -20.36
CA MET A 416 6.67 19.48 -20.70
C MET A 416 5.98 19.26 -22.02
N ARG A 417 4.69 19.50 -22.08
CA ARG A 417 3.93 19.24 -23.29
C ARG A 417 3.98 20.48 -24.19
N ALA A 418 3.68 20.28 -25.47
CA ALA A 418 3.68 21.33 -26.48
C ALA A 418 2.33 21.41 -27.19
N VAL A 419 1.57 22.46 -26.91
CA VAL A 419 0.50 22.92 -27.79
C VAL A 419 1.10 23.96 -28.74
N GLY A 420 1.25 23.60 -30.01
CA GLY A 420 1.81 24.58 -30.90
C GLY A 420 3.23 24.93 -30.47
N GLY A 421 3.50 26.23 -30.39
CA GLY A 421 4.79 26.71 -29.93
C GLY A 421 4.71 27.12 -28.47
N THR A 422 3.76 26.53 -27.76
CA THR A 422 3.53 26.80 -26.33
C THR A 422 4.04 25.62 -25.51
N MET A 423 4.85 25.92 -24.51
CA MET A 423 5.30 24.93 -23.56
C MET A 423 4.46 25.04 -22.31
N ILE A 424 3.93 23.93 -21.84
CA ILE A 424 3.00 23.92 -20.73
C ILE A 424 3.53 22.91 -19.71
N ILE A 425 3.24 23.19 -18.44
CA ILE A 425 3.58 22.30 -17.34
C ILE A 425 2.38 22.29 -16.41
N SER A 426 2.04 21.12 -15.89
CA SER A 426 1.02 21.00 -14.85
C SER A 426 1.52 20.01 -13.81
N PRO A 427 2.50 20.40 -13.02
CA PRO A 427 3.17 19.45 -12.15
C PRO A 427 2.22 18.94 -11.08
N PRO A 428 2.52 17.81 -10.44
CA PRO A 428 1.68 17.35 -9.35
C PRO A 428 1.69 18.36 -8.23
N LEU A 429 0.68 18.29 -7.37
CA LEU A 429 0.52 19.33 -6.36
C LEU A 429 1.42 19.15 -5.14
N VAL A 430 2.18 18.05 -5.10
CA VAL A 430 3.09 17.76 -4.01
C VAL A 430 4.47 18.34 -4.25
N LEU A 431 4.68 18.99 -5.39
CA LEU A 431 5.97 19.55 -5.74
C LEU A 431 6.57 20.31 -4.55
N SER A 432 7.88 20.21 -4.44
CA SER A 432 8.66 20.87 -3.42
C SER A 432 9.49 21.96 -4.08
N ARG A 433 9.73 23.05 -3.35
CA ARG A 433 10.51 24.12 -3.95
C ARG A 433 11.88 23.64 -4.48
N GLU A 434 12.49 22.64 -3.83
CA GLU A 434 13.74 22.08 -4.33
C GLU A 434 13.55 21.45 -5.69
N GLN A 435 12.32 20.97 -5.96
CA GLN A 435 11.98 20.34 -7.24
C GLN A 435 11.51 21.34 -8.27
N VAL A 436 11.06 22.51 -7.85
CA VAL A 436 10.87 23.57 -8.82
C VAL A 436 12.22 24.18 -9.20
N ASP A 437 13.13 24.36 -8.26
CA ASP A 437 14.43 24.83 -8.68
C ASP A 437 15.00 23.86 -9.70
N GLU A 438 14.66 22.58 -9.56
CA GLU A 438 14.97 21.56 -10.56
C GLU A 438 14.20 21.80 -11.83
N LEU A 439 12.91 22.17 -11.72
CA LEU A 439 12.08 22.35 -12.91
C LEU A 439 12.54 23.53 -13.74
N ILE A 440 12.91 24.63 -13.07
CA ILE A 440 13.38 25.83 -13.75
C ILE A 440 14.73 25.57 -14.43
N ASP A 441 15.63 24.84 -13.79
CA ASP A 441 16.95 24.65 -14.38
C ASP A 441 16.88 23.77 -15.59
N LYS A 442 16.06 22.74 -15.53
CA LYS A 442 15.93 21.88 -16.69
C LYS A 442 15.24 22.60 -17.84
N ALA A 443 14.32 23.52 -17.54
CA ALA A 443 13.70 24.29 -18.61
C ALA A 443 14.70 25.21 -19.26
N ARG A 444 15.43 26.01 -18.45
CA ARG A 444 16.42 26.93 -19.01
C ARG A 444 17.40 26.21 -19.94
N ARG A 445 17.92 25.07 -19.48
CA ARG A 445 18.78 24.28 -20.37
C ARG A 445 18.04 23.88 -21.63
N THR A 446 16.78 23.44 -21.51
CA THR A 446 16.02 22.99 -22.68
C THR A 446 15.74 24.15 -23.62
N LEU A 447 15.54 25.34 -23.08
CA LEU A 447 15.36 26.51 -23.92
C LEU A 447 16.70 26.88 -24.55
N ASP A 448 17.79 26.85 -23.78
CA ASP A 448 19.08 27.19 -24.37
C ASP A 448 19.43 26.23 -25.53
N GLU A 449 19.18 24.92 -25.35
CA GLU A 449 19.52 23.99 -26.42
C GLU A 449 18.68 24.26 -27.65
N THR A 450 17.38 24.51 -27.47
CA THR A 450 16.50 24.79 -28.60
C THR A 450 16.93 26.08 -29.32
N HIS A 451 17.45 27.06 -28.56
CA HIS A 451 17.92 28.32 -29.12
C HIS A 451 19.16 28.15 -29.98
N LYS A 452 19.86 27.04 -29.84
CA LYS A 452 21.05 26.75 -30.62
C LYS A 452 20.66 26.04 -31.92
N ALA A 453 19.77 25.06 -31.80
CA ALA A 453 19.25 24.35 -32.96
C ALA A 453 18.64 25.32 -33.98
N ILE A 454 17.56 25.97 -33.60
CA ILE A 454 16.86 26.91 -34.47
C ILE A 454 17.86 27.85 -35.15
N GLY A 455 18.65 28.57 -34.37
CA GLY A 455 19.62 29.49 -34.93
C GLY A 455 20.46 28.86 -36.04
N SER B 34 -31.66 -1.47 -1.71
CA SER B 34 -32.71 -2.08 -0.87
C SER B 34 -32.20 -3.33 -0.15
N ARG B 35 -31.70 -4.28 -0.93
CA ARG B 35 -31.22 -5.55 -0.38
C ARG B 35 -29.70 -5.43 -0.18
N ILE B 36 -29.28 -5.14 1.06
CA ILE B 36 -27.85 -4.94 1.28
C ILE B 36 -27.13 -6.27 1.14
N ILE B 37 -26.12 -6.31 0.26
CA ILE B 37 -25.26 -7.47 0.17
C ILE B 37 -24.00 -7.21 0.97
N THR B 38 -23.42 -8.29 1.54
CA THR B 38 -22.26 -8.22 2.42
C THR B 38 -21.11 -9.02 1.83
N ARG B 39 -21.22 -10.35 1.81
CA ARG B 39 -20.21 -11.21 1.20
C ARG B 39 -20.77 -11.73 -0.11
N ALA B 40 -19.88 -11.99 -1.06
CA ALA B 40 -20.26 -12.44 -2.39
C ALA B 40 -19.23 -13.41 -2.92
N GLU B 41 -19.64 -14.64 -3.22
CA GLU B 41 -18.67 -15.63 -3.69
C GLU B 41 -19.32 -16.55 -4.70
N GLY B 42 -18.58 -16.83 -5.76
CA GLY B 42 -19.10 -17.73 -6.76
C GLY B 42 -20.31 -17.14 -7.43
N CYS B 43 -21.38 -17.94 -7.47
CA CYS B 43 -22.65 -17.53 -8.08
C CYS B 43 -23.64 -17.11 -7.03
N TYR B 44 -23.12 -16.72 -5.86
CA TYR B 44 -23.91 -16.49 -4.66
C TYR B 44 -23.65 -15.13 -4.05
N LEU B 45 -24.69 -14.61 -3.39
CA LEU B 45 -24.63 -13.36 -2.64
C LEU B 45 -25.34 -13.56 -1.32
N TRP B 46 -24.65 -13.32 -0.20
CA TRP B 46 -25.34 -13.33 1.08
C TRP B 46 -25.67 -11.91 1.53
N ASP B 47 -26.89 -11.70 2.00
CA ASP B 47 -27.38 -10.37 2.38
C ASP B 47 -27.35 -10.21 3.90
N SER B 48 -27.79 -9.05 4.37
CA SER B 48 -27.72 -8.70 5.79
C SER B 48 -28.38 -9.68 6.74
N ASP B 49 -29.35 -10.47 6.28
CA ASP B 49 -30.05 -11.41 7.16
C ASP B 49 -29.54 -12.84 7.01
N GLY B 50 -28.44 -13.04 6.29
CA GLY B 50 -27.84 -14.34 6.13
C GLY B 50 -28.46 -15.16 5.02
N ASN B 51 -29.32 -14.55 4.20
CA ASN B 51 -30.02 -15.26 3.13
C ASN B 51 -29.07 -15.41 1.96
N GLN B 52 -28.94 -16.65 1.48
CA GLN B 52 -28.17 -16.96 0.28
C GLN B 52 -29.04 -16.67 -0.93
N ILE B 53 -28.52 -15.87 -1.87
CA ILE B 53 -29.25 -15.48 -3.06
C ILE B 53 -28.37 -15.82 -4.24
N LEU B 54 -28.76 -16.83 -5.01
CA LEU B 54 -28.02 -17.19 -6.21
C LEU B 54 -28.26 -16.09 -7.22
N ASP B 55 -27.19 -15.46 -7.70
CA ASP B 55 -27.30 -14.34 -8.63
C ASP B 55 -27.54 -14.93 -10.02
N GLY B 56 -28.80 -14.93 -10.43
CA GLY B 56 -29.09 -15.43 -11.76
C GLY B 56 -28.85 -14.43 -12.86
N MET B 57 -28.54 -13.20 -12.49
CA MET B 57 -28.06 -12.19 -13.40
C MET B 57 -26.58 -12.20 -13.09
N ALA B 58 -25.81 -11.42 -13.76
CA ALA B 58 -24.40 -11.37 -13.43
C ALA B 58 -24.13 -10.01 -12.83
N GLY B 59 -25.08 -9.55 -12.02
CA GLY B 59 -25.09 -8.21 -11.46
C GLY B 59 -25.65 -7.30 -12.53
N LEU B 60 -24.87 -7.09 -13.60
CA LEU B 60 -25.27 -6.30 -14.77
C LEU B 60 -24.67 -7.02 -15.98
N TRP B 61 -25.02 -8.28 -16.16
CA TRP B 61 -24.60 -9.13 -17.25
C TRP B 61 -23.08 -9.32 -17.36
N CYS B 62 -22.31 -8.85 -16.38
CA CYS B 62 -20.87 -8.65 -16.49
C CYS B 62 -19.99 -9.61 -15.69
N VAL B 63 -20.30 -9.98 -14.44
CA VAL B 63 -19.39 -10.85 -13.69
C VAL B 63 -19.33 -12.28 -14.22
N ASN B 64 -18.39 -12.53 -15.11
CA ASN B 64 -18.27 -13.83 -15.76
C ASN B 64 -17.44 -14.81 -14.96
N ILE B 65 -16.29 -14.41 -14.40
CA ILE B 65 -15.53 -15.38 -13.60
C ILE B 65 -16.15 -15.51 -12.20
N GLY B 66 -17.31 -14.92 -12.01
CA GLY B 66 -18.01 -15.00 -10.74
C GLY B 66 -17.43 -14.05 -9.71
N TYR B 67 -18.12 -13.96 -8.59
CA TYR B 67 -17.67 -13.05 -7.55
C TYR B 67 -16.47 -13.66 -6.83
N GLY B 68 -15.91 -12.90 -5.90
CA GLY B 68 -14.93 -13.43 -4.96
C GLY B 68 -13.64 -13.95 -5.58
N ARG B 69 -13.17 -13.31 -6.61
CA ARG B 69 -11.90 -13.68 -7.20
C ARG B 69 -10.85 -12.74 -6.64
N LYS B 70 -10.17 -13.23 -5.63
CA LYS B 70 -9.14 -12.41 -5.01
C LYS B 70 -8.05 -12.11 -6.04
N GLU B 71 -7.81 -13.03 -6.98
CA GLU B 71 -6.68 -12.82 -7.88
C GLU B 71 -6.87 -11.61 -8.77
N LEU B 72 -8.11 -11.09 -8.91
CA LEU B 72 -8.34 -9.86 -9.66
C LEU B 72 -7.95 -8.62 -8.84
N ALA B 73 -8.29 -8.62 -7.55
CA ALA B 73 -7.85 -7.56 -6.66
C ALA B 73 -6.34 -7.54 -6.53
N GLU B 74 -5.70 -8.71 -6.60
CA GLU B 74 -4.25 -8.76 -6.47
C GLU B 74 -3.57 -7.97 -7.60
N VAL B 75 -3.97 -8.22 -8.85
CA VAL B 75 -3.25 -7.60 -9.96
C VAL B 75 -3.53 -6.10 -10.06
N ALA B 76 -4.71 -5.66 -9.59
CA ALA B 76 -4.96 -4.23 -9.52
C ALA B 76 -4.07 -3.53 -8.48
N TYR B 77 -4.00 -4.08 -7.26
CA TYR B 77 -3.14 -3.50 -6.24
C TYR B 77 -1.69 -3.44 -6.71
N ARG B 78 -1.23 -4.49 -7.40
CA ARG B 78 0.15 -4.51 -7.86
C ARG B 78 0.35 -3.47 -8.95
N GLN B 79 -0.66 -3.23 -9.83
CA GLN B 79 -0.45 -2.27 -10.92
C GLN B 79 -0.57 -0.82 -10.46
N MET B 80 -1.50 -0.53 -9.56
CA MET B 80 -1.64 0.85 -9.09
C MET B 80 -0.41 1.34 -8.35
N GLN B 81 0.46 0.43 -7.93
CA GLN B 81 1.69 0.86 -7.26
C GLN B 81 2.74 1.21 -8.27
N GLU B 82 2.82 0.40 -9.35
CA GLU B 82 3.86 0.58 -10.36
C GLU B 82 3.63 1.84 -11.19
N LEU B 83 2.55 1.88 -11.93
CA LEU B 83 2.27 3.04 -12.76
C LEU B 83 0.78 3.23 -12.84
N PRO B 84 0.24 4.18 -12.08
CA PRO B 84 -1.21 4.33 -12.08
C PRO B 84 -1.71 5.14 -13.26
N TYR B 85 -0.85 5.79 -14.06
CA TYR B 85 -1.42 6.57 -15.15
C TYR B 85 -0.45 6.70 -16.34
N TYR B 86 -0.63 5.81 -17.30
CA TYR B 86 0.19 5.80 -18.49
C TYR B 86 0.38 7.27 -18.87
N ASN B 87 1.62 7.74 -18.84
CA ASN B 87 1.83 9.15 -19.13
C ASN B 87 1.43 9.51 -20.57
N ASN B 88 2.41 9.51 -21.47
CA ASN B 88 2.17 9.93 -22.86
C ASN B 88 2.67 8.85 -23.81
N PHE B 89 3.67 9.15 -24.68
CA PHE B 89 4.25 8.17 -25.59
C PHE B 89 5.28 7.27 -24.90
N PHE B 90 4.91 6.67 -23.75
CA PHE B 90 5.89 6.13 -22.81
C PHE B 90 5.67 4.62 -22.54
N GLN B 91 6.23 4.09 -21.46
CA GLN B 91 5.97 2.72 -21.03
C GLN B 91 6.48 2.58 -19.59
N CYS B 92 5.94 1.59 -18.88
CA CYS B 92 6.40 1.36 -17.51
C CYS B 92 7.58 0.39 -17.51
N SER B 93 7.33 -0.86 -17.93
CA SER B 93 8.32 -1.92 -18.09
C SER B 93 7.77 -2.85 -19.16
N HIS B 94 6.58 -3.36 -18.91
CA HIS B 94 5.83 -4.23 -19.83
C HIS B 94 4.38 -3.78 -19.72
N PRO B 95 4.01 -2.72 -20.44
CA PRO B 95 2.74 -2.05 -20.15
C PRO B 95 1.56 -3.00 -20.26
N PRO B 96 0.54 -2.78 -19.43
CA PRO B 96 -0.61 -3.70 -19.41
C PRO B 96 -1.46 -3.65 -20.65
N ALA B 97 -1.43 -2.54 -21.39
CA ALA B 97 -2.26 -2.38 -22.58
C ALA B 97 -1.82 -3.29 -23.71
N ILE B 98 -0.52 -3.58 -23.80
CA ILE B 98 -0.02 -4.44 -24.88
C ILE B 98 -0.37 -5.89 -24.62
N GLU B 99 -0.21 -6.36 -23.37
CA GLU B 99 -0.61 -7.72 -23.02
C GLU B 99 -2.12 -7.89 -23.23
N LEU B 100 -2.93 -6.90 -22.86
CA LEU B 100 -4.35 -7.05 -23.12
C LEU B 100 -4.59 -7.28 -24.59
N SER B 101 -3.97 -6.44 -25.44
CA SER B 101 -4.17 -6.54 -26.88
C SER B 101 -3.75 -7.90 -27.42
N ARG B 102 -2.63 -8.46 -26.91
CA ARG B 102 -2.20 -9.79 -27.35
C ARG B 102 -3.23 -10.84 -26.99
N LEU B 103 -3.70 -10.83 -25.75
CA LEU B 103 -4.72 -11.78 -25.32
C LEU B 103 -5.99 -11.62 -26.15
N LEU B 104 -6.41 -10.35 -26.38
CA LEU B 104 -7.64 -10.10 -27.13
C LEU B 104 -7.49 -10.41 -28.62
N SER B 105 -6.27 -10.41 -29.18
CA SER B 105 -6.13 -10.75 -30.59
C SER B 105 -6.04 -12.26 -30.80
N GLU B 106 -5.81 -13.04 -29.72
CA GLU B 106 -5.80 -14.50 -29.78
C GLU B 106 -7.18 -15.06 -29.41
N VAL B 107 -7.90 -14.32 -28.59
CA VAL B 107 -9.26 -14.64 -28.19
C VAL B 107 -10.27 -14.21 -29.27
N THR B 108 -9.99 -13.11 -29.97
CA THR B 108 -10.76 -12.64 -31.11
C THR B 108 -9.83 -12.63 -32.32
N PRO B 109 -9.50 -13.79 -32.85
CA PRO B 109 -8.59 -13.91 -33.93
C PRO B 109 -9.42 -13.92 -35.22
N LYS B 110 -8.85 -14.51 -36.29
CA LYS B 110 -9.51 -14.44 -37.57
C LYS B 110 -9.24 -12.99 -37.96
N HIS B 111 -10.04 -12.40 -38.86
CA HIS B 111 -9.97 -10.96 -39.05
C HIS B 111 -10.13 -10.33 -37.69
N MET B 112 -9.36 -9.31 -37.39
CA MET B 112 -9.36 -8.62 -36.09
C MET B 112 -7.89 -8.28 -35.87
N ASN B 113 -7.25 -8.90 -34.91
CA ASN B 113 -5.83 -8.65 -34.77
C ASN B 113 -5.50 -7.14 -34.62
N HIS B 114 -6.46 -6.33 -34.19
CA HIS B 114 -6.28 -4.87 -33.95
C HIS B 114 -7.31 -4.43 -32.93
N VAL B 115 -6.95 -3.73 -31.87
CA VAL B 115 -7.95 -3.31 -30.85
C VAL B 115 -7.63 -1.92 -30.29
N PHE B 116 -8.66 -1.20 -29.87
CA PHE B 116 -8.59 0.12 -29.20
C PHE B 116 -9.11 -0.06 -27.78
N PHE B 117 -9.03 0.97 -26.95
CA PHE B 117 -9.47 0.90 -25.54
C PHE B 117 -10.25 2.16 -25.22
N THR B 118 -11.06 2.14 -24.16
CA THR B 118 -11.94 3.23 -23.69
C THR B 118 -12.37 2.94 -22.24
N GLY B 119 -13.07 3.87 -21.52
CA GLY B 119 -13.49 3.93 -20.13
C GLY B 119 -14.82 3.34 -19.73
N SER B 120 -15.60 2.87 -20.70
CA SER B 120 -16.88 2.20 -20.49
C SER B 120 -17.17 1.62 -21.85
N GLY B 121 -18.34 0.94 -22.00
CA GLY B 121 -18.75 0.38 -23.27
C GLY B 121 -19.59 1.32 -24.08
N SER B 122 -20.05 2.35 -23.38
CA SER B 122 -20.80 3.45 -23.96
C SER B 122 -19.86 4.35 -24.73
N ASP B 123 -18.73 4.70 -24.11
CA ASP B 123 -17.64 5.34 -24.83
C ASP B 123 -17.24 4.56 -26.09
N SER B 124 -17.45 3.24 -26.09
CA SER B 124 -16.96 2.46 -27.22
C SER B 124 -17.74 2.75 -28.47
N ASN B 125 -19.07 2.78 -28.35
CA ASN B 125 -19.91 3.01 -29.51
C ASN B 125 -19.72 4.41 -30.08
N ASP B 126 -19.28 5.37 -29.27
CA ASP B 126 -18.86 6.66 -29.85
C ASP B 126 -17.64 6.46 -30.74
N THR B 127 -16.59 5.83 -30.24
CA THR B 127 -15.41 5.69 -31.07
C THR B 127 -15.75 4.98 -32.38
N ILE B 128 -16.76 4.10 -32.37
CA ILE B 128 -17.13 3.38 -33.57
C ILE B 128 -17.81 4.31 -34.57
N LEU B 129 -18.89 4.93 -34.14
CA LEU B 129 -19.56 5.92 -34.97
C LEU B 129 -18.55 6.93 -35.52
N ARG B 130 -17.62 7.39 -34.69
CA ARG B 130 -16.62 8.37 -35.13
C ARG B 130 -15.76 7.82 -36.26
N MET B 131 -15.26 6.58 -36.12
CA MET B 131 -14.29 6.06 -37.06
C MET B 131 -14.93 5.34 -38.22
N VAL B 132 -16.17 4.90 -38.08
CA VAL B 132 -16.83 4.30 -39.25
C VAL B 132 -17.02 5.36 -40.32
N ARG B 133 -17.42 6.57 -39.91
CA ARG B 133 -17.58 7.68 -40.84
C ARG B 133 -16.23 8.05 -41.41
N TYR B 134 -15.21 8.05 -40.58
CA TYR B 134 -13.86 8.31 -41.05
C TYR B 134 -13.34 7.24 -42.01
N TYR B 135 -13.81 6.00 -41.91
CA TYR B 135 -13.30 4.98 -42.82
C TYR B 135 -13.75 5.28 -44.22
N TRP B 136 -14.98 5.72 -44.36
CA TRP B 136 -15.47 6.04 -45.69
C TRP B 136 -14.91 7.37 -46.19
N LYS B 137 -14.80 8.39 -45.32
CA LYS B 137 -14.12 9.61 -45.71
C LYS B 137 -12.77 9.28 -46.37
N LEU B 138 -12.00 8.36 -45.79
CA LEU B 138 -10.71 8.02 -46.38
C LEU B 138 -10.86 7.20 -47.66
N LEU B 139 -12.04 6.65 -47.95
CA LEU B 139 -12.27 5.97 -49.23
C LEU B 139 -12.93 6.88 -50.25
N GLY B 140 -12.94 8.18 -50.02
CA GLY B 140 -13.51 9.10 -50.97
C GLY B 140 -15.04 9.17 -51.00
N LYS B 141 -15.71 8.77 -49.93
CA LYS B 141 -17.18 8.73 -49.90
C LYS B 141 -17.75 9.36 -48.64
N PRO B 142 -17.50 10.64 -48.41
CA PRO B 142 -17.99 11.25 -47.15
C PRO B 142 -19.51 11.24 -46.99
N TYR B 143 -20.27 11.00 -48.08
CA TYR B 143 -21.72 10.91 -47.97
C TYR B 143 -22.20 9.63 -47.27
N LYS B 144 -21.41 8.56 -47.30
CA LYS B 144 -21.75 7.36 -46.54
C LYS B 144 -21.44 7.75 -45.11
N LYS B 145 -22.48 8.16 -44.37
CA LYS B 145 -22.28 8.53 -42.99
C LYS B 145 -23.41 8.06 -42.10
N VAL B 146 -24.42 7.42 -42.65
CA VAL B 146 -25.58 6.99 -41.86
C VAL B 146 -25.28 5.65 -41.21
N VAL B 147 -25.82 5.44 -40.01
CA VAL B 147 -25.69 4.22 -39.25
C VAL B 147 -27.08 3.78 -38.87
N ILE B 148 -27.48 2.65 -39.37
CA ILE B 148 -28.79 2.08 -39.11
C ILE B 148 -28.69 1.20 -37.87
N SER B 149 -29.60 1.40 -36.92
CA SER B 149 -29.66 0.59 -35.70
C SER B 149 -30.96 -0.21 -35.63
N ARG B 150 -31.39 -0.61 -34.45
CA ARG B 150 -32.65 -1.34 -34.32
C ARG B 150 -33.41 -0.78 -33.12
N GLU B 151 -34.74 -0.96 -33.16
CA GLU B 151 -35.62 -0.53 -32.09
C GLU B 151 -35.44 -1.43 -30.88
N ASN B 152 -35.49 -0.88 -29.68
CA ASN B 152 -35.34 -1.65 -28.45
C ASN B 152 -34.00 -2.37 -28.36
N ALA B 153 -32.98 -1.81 -28.99
CA ALA B 153 -31.60 -2.24 -28.86
C ALA B 153 -30.85 -1.27 -27.97
N TYR B 154 -29.90 -1.78 -27.19
CA TYR B 154 -29.05 -0.91 -26.36
C TYR B 154 -27.62 -0.90 -26.87
N HIS B 155 -27.08 0.31 -27.05
CA HIS B 155 -25.73 0.50 -27.58
C HIS B 155 -24.94 1.57 -26.83
N GLY B 156 -25.37 1.93 -25.62
CA GLY B 156 -24.64 2.93 -24.86
C GLY B 156 -25.53 3.95 -24.20
N SER B 157 -24.95 4.86 -23.40
CA SER B 157 -25.70 5.91 -22.71
C SER B 157 -25.11 7.30 -22.88
N THR B 158 -24.09 7.47 -23.71
CA THR B 158 -23.62 8.76 -24.20
C THR B 158 -24.69 9.39 -25.12
N VAL B 159 -24.39 10.54 -25.71
CA VAL B 159 -25.36 11.08 -26.68
C VAL B 159 -25.37 10.24 -27.96
N ALA B 160 -24.28 9.53 -28.28
CA ALA B 160 -24.29 8.63 -29.42
C ALA B 160 -24.78 7.23 -29.10
N GLY B 161 -24.46 6.71 -27.91
CA GLY B 161 -24.99 5.41 -27.55
C GLY B 161 -26.48 5.47 -27.40
N ALA B 162 -26.97 6.61 -26.89
CA ALA B 162 -28.38 6.81 -26.67
C ALA B 162 -29.12 7.19 -27.94
N SER B 163 -28.40 7.70 -28.96
CA SER B 163 -29.01 7.90 -30.27
C SER B 163 -29.12 6.58 -30.98
N LEU B 164 -28.06 5.77 -30.94
CA LEU B 164 -28.12 4.45 -31.55
C LEU B 164 -29.13 3.55 -30.85
N SER B 165 -29.18 3.62 -29.52
CA SER B 165 -30.09 2.75 -28.78
C SER B 165 -31.54 3.08 -29.16
N GLY B 166 -32.32 2.04 -29.36
CA GLY B 166 -33.65 2.22 -29.87
C GLY B 166 -34.77 2.52 -28.91
N MET B 167 -34.65 2.12 -27.66
CA MET B 167 -35.71 2.38 -26.69
C MET B 167 -35.99 3.87 -26.59
N LYS B 168 -37.26 4.26 -26.85
CA LYS B 168 -37.69 5.66 -26.91
C LYS B 168 -37.75 6.30 -25.54
N ALA B 169 -37.58 5.52 -24.48
CA ALA B 169 -37.48 6.12 -23.16
C ALA B 169 -36.31 7.09 -23.10
N MET B 170 -35.19 6.73 -23.76
CA MET B 170 -33.98 7.53 -23.85
C MET B 170 -34.07 8.69 -24.85
N HIS B 171 -34.75 8.47 -26.00
CA HIS B 171 -34.86 9.50 -27.02
C HIS B 171 -35.77 10.66 -26.63
N SER B 172 -36.83 10.38 -25.84
CA SER B 172 -37.78 11.43 -25.44
C SER B 172 -37.15 12.60 -24.70
N HIS B 173 -35.92 12.44 -24.17
CA HIS B 173 -35.28 13.52 -23.45
C HIS B 173 -35.27 14.80 -24.30
N GLY B 174 -35.12 14.64 -25.61
CA GLY B 174 -35.12 15.76 -26.52
C GLY B 174 -35.17 15.29 -27.96
N ASP B 175 -34.25 15.83 -28.78
CA ASP B 175 -34.02 15.33 -30.13
C ASP B 175 -32.73 14.51 -30.08
N LEU B 176 -32.77 13.52 -29.22
CA LEU B 176 -31.54 12.77 -28.97
C LEU B 176 -31.04 12.19 -30.29
N PRO B 177 -31.85 11.40 -31.08
CA PRO B 177 -31.27 10.75 -32.28
C PRO B 177 -30.47 11.79 -33.04
N ILE B 178 -29.15 11.74 -32.93
CA ILE B 178 -28.31 12.78 -33.50
C ILE B 178 -28.50 12.57 -34.99
N PRO B 179 -28.27 13.60 -35.78
CA PRO B 179 -28.47 13.44 -37.23
C PRO B 179 -27.65 12.24 -37.71
N GLY B 180 -28.21 11.51 -38.65
CA GLY B 180 -27.47 10.44 -39.27
C GLY B 180 -27.57 9.10 -38.61
N ILE B 181 -28.62 8.87 -37.82
CA ILE B 181 -28.95 7.59 -37.20
C ILE B 181 -30.41 7.27 -37.54
N GLU B 182 -30.62 6.13 -38.18
CA GLU B 182 -31.97 5.59 -38.39
C GLU B 182 -32.18 4.30 -37.60
N HIS B 183 -33.44 3.87 -37.44
CA HIS B 183 -33.76 2.64 -36.70
C HIS B 183 -34.84 1.81 -37.39
N ILE B 184 -34.72 0.48 -37.25
CA ILE B 184 -35.65 -0.40 -37.92
C ILE B 184 -36.29 -1.39 -36.96
N GLU B 185 -37.06 -2.31 -37.55
CA GLU B 185 -37.83 -3.29 -36.81
C GLU B 185 -36.93 -4.22 -36.02
N GLN B 186 -37.37 -4.61 -34.82
CA GLN B 186 -36.61 -5.64 -34.14
C GLN B 186 -37.15 -7.04 -34.45
N PRO B 187 -36.22 -8.12 -34.40
CA PRO B 187 -36.61 -9.50 -34.68
C PRO B 187 -37.19 -10.24 -33.47
N TYR B 188 -38.14 -9.60 -32.79
CA TYR B 188 -38.83 -10.13 -31.59
C TYR B 188 -40.02 -10.92 -32.09
N HIS B 189 -39.81 -12.22 -32.35
CA HIS B 189 -40.87 -13.05 -32.90
C HIS B 189 -42.08 -13.03 -32.01
N PHE B 190 -41.85 -13.10 -30.69
CA PHE B 190 -42.97 -13.23 -29.79
C PHE B 190 -43.84 -11.98 -29.76
N GLY B 191 -43.24 -10.80 -29.86
CA GLY B 191 -44.00 -9.61 -29.53
C GLY B 191 -44.56 -8.85 -30.72
N ARG B 192 -43.81 -8.97 -31.83
CA ARG B 192 -44.18 -8.41 -33.11
C ARG B 192 -45.25 -9.27 -33.78
N ALA B 193 -45.00 -10.57 -33.89
CA ALA B 193 -45.78 -11.43 -34.77
C ALA B 193 -45.80 -12.87 -34.27
N PRO B 194 -46.66 -13.16 -33.29
CA PRO B 194 -46.59 -14.46 -32.62
C PRO B 194 -46.87 -15.66 -33.52
N ASP B 195 -47.54 -15.44 -34.68
CA ASP B 195 -48.06 -16.51 -35.53
C ASP B 195 -47.27 -16.76 -36.80
N MET B 196 -46.68 -15.71 -37.38
CA MET B 196 -45.79 -15.87 -38.52
C MET B 196 -44.82 -17.03 -38.22
N ASP B 197 -44.53 -17.83 -39.24
CA ASP B 197 -43.54 -18.89 -39.09
C ASP B 197 -42.22 -18.28 -38.62
N PRO B 198 -41.52 -18.91 -37.67
CA PRO B 198 -40.26 -18.30 -37.21
C PRO B 198 -39.32 -17.88 -38.33
N ALA B 199 -39.04 -18.74 -39.30
CA ALA B 199 -38.03 -18.39 -40.28
C ALA B 199 -38.53 -17.30 -41.20
N GLU B 200 -39.82 -17.29 -41.49
CA GLU B 200 -40.32 -16.27 -42.41
C GLU B 200 -40.33 -14.91 -41.74
N PHE B 201 -40.72 -14.85 -40.46
CA PHE B 201 -40.57 -13.60 -39.72
C PHE B 201 -39.11 -13.19 -39.60
N GLY B 202 -38.20 -14.16 -39.56
CA GLY B 202 -36.80 -13.82 -39.52
C GLY B 202 -36.36 -13.14 -40.79
N ARG B 203 -36.78 -13.67 -41.93
CA ARG B 203 -36.42 -13.04 -43.19
C ARG B 203 -37.18 -11.72 -43.34
N GLN B 204 -38.43 -11.66 -42.82
CA GLN B 204 -39.23 -10.44 -42.91
C GLN B 204 -38.55 -9.30 -42.20
N ALA B 205 -37.99 -9.57 -41.03
CA ALA B 205 -37.41 -8.48 -40.26
C ALA B 205 -36.02 -8.07 -40.72
N ALA B 206 -35.22 -8.98 -41.27
CA ALA B 206 -33.89 -8.55 -41.69
C ALA B 206 -33.96 -7.78 -42.98
N GLN B 207 -34.95 -8.07 -43.80
CA GLN B 207 -35.18 -7.26 -45.00
C GLN B 207 -35.72 -5.88 -44.64
N ALA B 208 -36.21 -5.67 -43.41
CA ALA B 208 -36.42 -4.31 -42.96
C ALA B 208 -35.13 -3.49 -43.08
N LEU B 209 -33.98 -4.17 -43.06
CA LEU B 209 -32.72 -3.48 -43.33
C LEU B 209 -32.59 -3.13 -44.82
N GLU B 210 -32.98 -4.06 -45.71
CA GLU B 210 -32.94 -3.76 -47.14
C GLU B 210 -33.96 -2.69 -47.49
N ARG B 211 -35.12 -2.70 -46.85
CA ARG B 211 -36.06 -1.63 -47.16
C ARG B 211 -35.48 -0.28 -46.79
N LYS B 212 -34.96 -0.18 -45.57
CA LYS B 212 -34.44 1.12 -45.16
C LYS B 212 -33.24 1.54 -45.98
N ILE B 213 -32.48 0.59 -46.54
CA ILE B 213 -31.39 1.02 -47.39
C ILE B 213 -31.98 1.62 -48.67
N ASP B 214 -33.08 1.01 -49.15
CA ASP B 214 -33.69 1.40 -50.41
C ASP B 214 -34.51 2.67 -50.30
N GLU B 215 -34.73 3.17 -49.09
CA GLU B 215 -35.40 4.45 -48.94
C GLU B 215 -34.42 5.60 -48.78
N ILE B 216 -33.33 5.38 -48.05
CA ILE B 216 -32.30 6.36 -47.69
C ILE B 216 -31.29 6.57 -48.81
N GLY B 217 -31.10 5.53 -49.61
CA GLY B 217 -30.06 5.53 -50.60
C GLY B 217 -28.82 4.79 -50.17
N GLU B 218 -28.55 3.65 -50.80
CA GLU B 218 -27.40 2.83 -50.42
C GLU B 218 -26.18 3.69 -50.16
N CYS B 219 -25.95 4.69 -51.01
CA CYS B 219 -24.72 5.46 -50.89
C CYS B 219 -24.76 6.40 -49.71
N ASN B 220 -25.86 6.47 -48.96
CA ASN B 220 -25.84 7.24 -47.73
C ASN B 220 -25.58 6.38 -46.50
N VAL B 221 -25.75 5.08 -46.61
CA VAL B 221 -25.64 4.18 -45.48
C VAL B 221 -24.21 3.71 -45.38
N ALA B 222 -23.60 3.99 -44.23
CA ALA B 222 -22.24 3.60 -43.94
C ALA B 222 -22.16 2.27 -43.22
N ALA B 223 -23.15 1.92 -42.39
CA ALA B 223 -23.10 0.65 -41.67
C ALA B 223 -24.37 0.41 -40.89
N PHE B 224 -24.54 -0.83 -40.44
CA PHE B 224 -25.67 -1.31 -39.67
C PHE B 224 -25.16 -1.97 -38.41
N ILE B 225 -25.83 -1.76 -37.26
CA ILE B 225 -25.31 -2.34 -36.03
C ILE B 225 -26.36 -2.95 -35.13
N ALA B 226 -26.02 -4.10 -34.59
CA ALA B 226 -26.95 -4.84 -33.77
C ALA B 226 -26.16 -5.67 -32.77
N GLU B 227 -26.73 -5.78 -31.58
CA GLU B 227 -26.35 -6.83 -30.67
C GLU B 227 -26.68 -8.17 -31.30
N PRO B 228 -25.86 -9.20 -31.11
CA PRO B 228 -26.24 -10.51 -31.64
C PRO B 228 -27.52 -10.98 -31.05
N ILE B 229 -27.74 -10.58 -29.81
CA ILE B 229 -29.00 -10.76 -29.12
C ILE B 229 -29.21 -9.54 -28.25
N GLN B 230 -30.43 -9.02 -28.27
CA GLN B 230 -30.75 -7.79 -27.56
C GLN B 230 -30.83 -8.14 -26.10
N GLY B 231 -29.86 -7.68 -25.30
CA GLY B 231 -29.86 -8.00 -23.90
C GLY B 231 -30.77 -7.05 -23.19
N ALA B 232 -30.40 -5.78 -23.19
CA ALA B 232 -31.12 -4.82 -22.37
C ALA B 232 -32.60 -4.73 -22.67
N GLY B 233 -33.08 -5.26 -23.78
CA GLY B 233 -34.46 -5.08 -24.17
C GLY B 233 -35.37 -6.28 -24.00
N GLY B 234 -35.04 -7.16 -23.07
CA GLY B 234 -35.62 -8.49 -23.06
C GLY B 234 -34.64 -9.38 -23.78
N VAL B 235 -34.67 -10.67 -23.49
CA VAL B 235 -33.66 -11.47 -24.16
C VAL B 235 -34.24 -11.85 -25.52
N ILE B 236 -34.24 -10.88 -26.43
CA ILE B 236 -34.89 -11.01 -27.73
C ILE B 236 -33.88 -11.69 -28.64
N ILE B 237 -34.12 -12.95 -28.94
CA ILE B 237 -33.18 -13.79 -29.68
C ILE B 237 -33.69 -13.88 -31.12
N PRO B 238 -32.90 -13.50 -32.10
CA PRO B 238 -33.38 -13.53 -33.47
C PRO B 238 -33.67 -14.92 -33.91
N PRO B 239 -34.70 -15.13 -34.77
CA PRO B 239 -34.86 -16.40 -35.47
C PRO B 239 -33.58 -16.76 -36.21
N ASP B 240 -33.40 -18.04 -36.46
CA ASP B 240 -32.14 -18.48 -37.06
C ASP B 240 -31.98 -17.99 -38.49
N SER B 241 -33.07 -17.52 -39.09
CA SER B 241 -33.10 -17.05 -40.45
C SER B 241 -32.54 -15.64 -40.60
N TYR B 242 -32.72 -14.81 -39.56
CA TYR B 242 -32.39 -13.39 -39.48
C TYR B 242 -30.96 -13.09 -39.84
N TRP B 243 -30.02 -13.42 -38.95
CA TRP B 243 -28.63 -13.01 -39.18
C TRP B 243 -28.11 -13.49 -40.53
N PRO B 244 -28.52 -14.62 -41.06
CA PRO B 244 -28.15 -14.96 -42.44
C PRO B 244 -28.53 -13.89 -43.45
N GLU B 245 -29.76 -13.35 -43.34
CA GLU B 245 -30.20 -12.28 -44.23
C GLU B 245 -29.43 -11.01 -43.98
N ILE B 246 -29.23 -10.62 -42.71
CA ILE B 246 -28.49 -9.38 -42.49
C ILE B 246 -27.10 -9.46 -43.15
N LYS B 247 -26.52 -10.64 -43.18
CA LYS B 247 -25.21 -10.74 -43.81
C LYS B 247 -25.33 -10.65 -45.31
N ARG B 248 -26.44 -11.18 -45.83
CA ARG B 248 -26.77 -11.04 -47.25
C ARG B 248 -26.85 -9.58 -47.63
N ILE B 249 -27.66 -8.80 -46.87
CA ILE B 249 -27.91 -7.40 -47.17
C ILE B 249 -26.65 -6.61 -47.06
N CYS B 250 -25.84 -6.89 -46.05
CA CYS B 250 -24.61 -6.12 -45.86
C CYS B 250 -23.55 -6.42 -46.90
N ALA B 251 -23.74 -7.44 -47.75
CA ALA B 251 -22.82 -7.69 -48.85
C ALA B 251 -23.25 -7.05 -50.17
N GLU B 252 -24.47 -7.35 -50.65
CA GLU B 252 -24.94 -6.80 -51.92
C GLU B 252 -24.78 -5.28 -51.96
N ARG B 253 -25.13 -4.63 -50.82
CA ARG B 253 -24.93 -3.23 -50.50
C ARG B 253 -23.60 -2.97 -49.78
N ASP B 254 -23.04 -1.80 -50.00
CA ASP B 254 -21.65 -1.62 -49.59
C ASP B 254 -21.68 -1.02 -48.19
N ILE B 255 -21.96 -1.88 -47.20
CA ILE B 255 -22.04 -1.36 -45.85
C ILE B 255 -21.37 -2.27 -44.82
N LEU B 256 -20.72 -1.63 -43.86
CA LEU B 256 -20.01 -2.32 -42.80
C LEU B 256 -21.00 -2.86 -41.80
N LEU B 257 -20.63 -3.98 -41.17
CA LEU B 257 -21.41 -4.57 -40.10
C LEU B 257 -20.73 -4.31 -38.77
N ILE B 258 -21.52 -3.89 -37.80
CA ILE B 258 -21.08 -3.63 -36.42
C ILE B 258 -21.92 -4.45 -35.46
N VAL B 259 -21.27 -5.38 -34.76
CA VAL B 259 -21.96 -6.22 -33.79
C VAL B 259 -21.56 -5.78 -32.38
N ASP B 260 -22.57 -5.53 -31.53
CA ASP B 260 -22.34 -5.01 -30.17
C ASP B 260 -22.24 -6.23 -29.25
N GLU B 261 -21.01 -6.66 -29.05
CA GLU B 261 -20.66 -7.74 -28.15
C GLU B 261 -20.37 -7.24 -26.76
N VAL B 262 -21.02 -6.18 -26.32
CA VAL B 262 -20.77 -5.74 -24.96
C VAL B 262 -21.40 -6.73 -24.00
N ILE B 263 -22.64 -7.09 -24.27
CA ILE B 263 -23.39 -7.96 -23.38
C ILE B 263 -23.23 -9.42 -23.75
N THR B 264 -23.12 -9.72 -25.03
CA THR B 264 -22.99 -11.11 -25.49
C THR B 264 -21.54 -11.58 -25.58
N GLY B 265 -20.57 -10.74 -25.29
CA GLY B 265 -19.17 -11.10 -25.44
C GLY B 265 -18.63 -11.81 -24.23
N PHE B 266 -17.58 -12.62 -24.46
CA PHE B 266 -16.86 -13.35 -23.41
C PHE B 266 -17.73 -14.42 -22.75
N GLY B 267 -18.18 -15.40 -23.58
CA GLY B 267 -18.88 -16.59 -23.16
C GLY B 267 -20.38 -16.44 -22.97
N ARG B 268 -20.90 -15.24 -23.02
CA ARG B 268 -22.28 -15.08 -22.63
C ARG B 268 -23.20 -15.84 -23.56
N LEU B 269 -22.76 -16.11 -24.80
CA LEU B 269 -23.59 -16.75 -25.81
C LEU B 269 -23.11 -18.18 -26.10
N GLY B 270 -22.52 -18.80 -25.11
CA GLY B 270 -21.94 -20.14 -25.27
C GLY B 270 -20.53 -20.18 -25.80
N THR B 271 -20.24 -19.35 -26.81
CA THR B 271 -18.93 -19.28 -27.42
C THR B 271 -18.22 -18.01 -26.94
N TRP B 272 -16.91 -17.91 -27.24
CA TRP B 272 -16.12 -16.79 -26.74
C TRP B 272 -16.80 -15.49 -27.08
N PHE B 273 -17.31 -15.36 -28.31
CA PHE B 273 -18.04 -14.17 -28.73
C PHE B 273 -19.28 -14.59 -29.50
N GLY B 274 -20.42 -13.98 -29.20
CA GLY B 274 -21.65 -14.25 -29.94
C GLY B 274 -21.57 -14.17 -31.45
N SER B 275 -20.51 -13.54 -31.96
CA SER B 275 -20.25 -13.55 -33.40
C SER B 275 -20.07 -14.96 -33.91
N GLN B 276 -19.11 -15.69 -33.34
CA GLN B 276 -18.82 -17.04 -33.81
C GLN B 276 -19.99 -17.99 -33.55
N TYR B 277 -20.91 -17.64 -32.70
CA TYR B 277 -22.06 -18.52 -32.63
C TYR B 277 -22.92 -18.40 -33.86
N TYR B 278 -23.11 -17.17 -34.35
CA TYR B 278 -23.93 -16.89 -35.52
C TYR B 278 -23.09 -16.72 -36.76
N ASP B 279 -21.83 -17.12 -36.69
CA ASP B 279 -20.85 -16.94 -37.76
C ASP B 279 -20.91 -15.55 -38.42
N LEU B 280 -20.79 -14.50 -37.63
CA LEU B 280 -20.70 -13.17 -38.21
C LEU B 280 -19.24 -12.80 -38.33
N GLN B 281 -18.97 -11.82 -39.19
CA GLN B 281 -17.64 -11.28 -39.43
C GLN B 281 -17.67 -9.76 -39.30
N PRO B 282 -17.77 -9.28 -38.08
CA PRO B 282 -17.98 -7.85 -37.88
C PRO B 282 -16.78 -7.04 -38.34
N ASP B 283 -17.05 -5.89 -38.90
CA ASP B 283 -15.98 -4.96 -39.20
C ASP B 283 -15.68 -4.06 -38.02
N LEU B 284 -16.48 -4.11 -36.96
CA LEU B 284 -16.16 -3.48 -35.68
C LEU B 284 -16.97 -4.21 -34.60
N MET B 285 -16.40 -4.33 -33.39
CA MET B 285 -17.10 -4.92 -32.23
C MET B 285 -16.79 -4.11 -30.97
N PRO B 286 -17.73 -3.44 -30.33
CA PRO B 286 -17.48 -2.94 -28.97
C PRO B 286 -17.45 -4.06 -27.93
N ILE B 287 -16.49 -4.00 -26.99
CA ILE B 287 -16.41 -4.95 -25.86
C ILE B 287 -16.30 -4.17 -24.56
N ALA B 288 -16.80 -4.76 -23.46
CA ALA B 288 -16.66 -4.09 -22.17
C ALA B 288 -17.03 -4.82 -20.89
N LYS B 289 -18.28 -5.18 -20.74
CA LYS B 289 -18.63 -6.06 -19.65
C LYS B 289 -17.85 -7.35 -19.84
N GLY B 290 -17.46 -7.98 -18.76
CA GLY B 290 -16.75 -9.20 -18.95
C GLY B 290 -15.42 -9.07 -19.61
N LEU B 291 -15.04 -7.90 -20.07
CA LEU B 291 -13.63 -7.70 -20.40
C LEU B 291 -12.82 -7.76 -19.12
N SER B 292 -13.43 -7.28 -18.02
CA SER B 292 -12.86 -7.24 -16.69
C SER B 292 -13.79 -7.89 -15.67
N SER B 293 -14.72 -8.71 -16.12
CA SER B 293 -15.79 -9.25 -15.27
C SER B 293 -16.47 -8.19 -14.42
N GLY B 294 -16.47 -6.95 -14.87
CA GLY B 294 -17.18 -5.92 -14.16
C GLY B 294 -16.44 -5.39 -12.97
N TYR B 295 -15.20 -5.75 -12.82
CA TYR B 295 -14.46 -5.32 -11.65
C TYR B 295 -13.75 -3.99 -11.87
N MET B 296 -13.61 -3.55 -13.13
CA MET B 296 -12.86 -2.33 -13.45
C MET B 296 -13.40 -1.70 -14.73
N PRO B 297 -13.71 -0.40 -14.70
CA PRO B 297 -14.22 0.26 -15.91
C PRO B 297 -13.26 0.19 -17.09
N ILE B 298 -13.66 -0.51 -18.14
CA ILE B 298 -12.90 -0.55 -19.38
C ILE B 298 -13.81 -1.01 -20.49
N GLY B 299 -13.55 -0.51 -21.70
CA GLY B 299 -14.13 -1.03 -22.92
C GLY B 299 -13.11 -0.88 -24.03
N GLY B 300 -13.40 -1.52 -25.17
CA GLY B 300 -12.59 -1.36 -26.35
C GLY B 300 -13.45 -1.58 -27.56
N VAL B 301 -12.84 -1.44 -28.75
CA VAL B 301 -13.48 -1.83 -30.00
C VAL B 301 -12.53 -2.73 -30.76
N MET B 302 -12.96 -3.95 -31.07
CA MET B 302 -12.22 -4.78 -32.01
C MET B 302 -12.40 -4.21 -33.39
N VAL B 303 -11.34 -4.33 -34.20
CA VAL B 303 -11.29 -3.69 -35.50
C VAL B 303 -10.86 -4.74 -36.51
N SER B 304 -11.75 -5.09 -37.43
CA SER B 304 -11.43 -6.06 -38.45
C SER B 304 -10.25 -5.59 -39.31
N ASP B 305 -9.67 -6.52 -40.06
CA ASP B 305 -8.52 -6.14 -40.89
C ASP B 305 -8.93 -5.16 -41.97
N ARG B 306 -10.16 -5.31 -42.49
CA ARG B 306 -10.71 -4.43 -43.53
C ARG B 306 -10.55 -2.98 -43.12
N VAL B 307 -11.28 -2.56 -42.09
CA VAL B 307 -11.22 -1.17 -41.64
C VAL B 307 -9.90 -0.83 -41.01
N ALA B 308 -9.08 -1.81 -40.69
CA ALA B 308 -7.78 -1.51 -40.10
C ALA B 308 -6.82 -1.00 -41.17
N LYS B 309 -6.79 -1.62 -42.34
CA LYS B 309 -5.87 -1.13 -43.36
C LYS B 309 -6.14 0.33 -43.65
N VAL B 310 -7.39 0.75 -43.61
CA VAL B 310 -7.69 2.09 -44.09
C VAL B 310 -7.48 3.14 -42.99
N VAL B 311 -7.90 2.89 -41.75
CA VAL B 311 -7.83 3.97 -40.76
C VAL B 311 -6.42 4.09 -40.17
N ILE B 312 -5.60 3.06 -40.29
CA ILE B 312 -4.25 3.08 -39.74
C ILE B 312 -3.26 3.59 -40.79
N GLU B 313 -3.09 2.81 -41.86
CA GLU B 313 -2.39 3.21 -43.08
C GLU B 313 -3.28 4.07 -43.97
N GLU B 314 -2.67 4.95 -44.78
CA GLU B 314 -3.42 5.82 -45.72
C GLU B 314 -4.34 6.74 -44.93
N GLY B 315 -3.91 7.10 -43.74
CA GLY B 315 -4.70 7.92 -42.86
C GLY B 315 -4.01 8.04 -41.51
N GLY B 316 -4.73 7.66 -40.45
CA GLY B 316 -4.16 7.71 -39.13
C GLY B 316 -3.96 9.08 -38.54
N GLU B 317 -4.74 10.07 -38.96
CA GLU B 317 -4.71 11.38 -38.34
C GLU B 317 -5.67 11.47 -37.17
N PHE B 318 -6.03 10.31 -36.57
CA PHE B 318 -6.82 10.27 -35.33
C PHE B 318 -5.94 10.60 -34.09
N PHE B 319 -4.97 11.54 -34.23
CA PHE B 319 -3.88 11.90 -33.31
C PHE B 319 -2.91 10.74 -33.07
N HIS B 320 -2.04 10.78 -32.04
CA HIS B 320 -1.31 9.58 -31.66
C HIS B 320 -2.31 8.63 -31.03
N GLY B 321 -3.12 9.16 -30.05
CA GLY B 321 -4.25 8.52 -29.43
C GLY B 321 -5.45 8.46 -30.36
N TYR B 322 -5.67 7.28 -30.96
CA TYR B 322 -6.84 7.04 -31.81
C TYR B 322 -8.06 6.78 -30.94
N THR B 323 -7.91 5.88 -29.98
CA THR B 323 -8.08 6.27 -28.57
C THR B 323 -6.92 5.57 -27.82
N TYR B 324 -6.99 4.25 -27.60
CA TYR B 324 -5.99 3.35 -26.99
C TYR B 324 -5.44 3.60 -25.58
N SER B 325 -4.75 2.59 -25.01
CA SER B 325 -4.17 2.59 -23.68
C SER B 325 -5.19 2.22 -22.59
N GLY B 326 -6.37 2.81 -22.64
CA GLY B 326 -7.40 2.53 -21.68
C GLY B 326 -6.97 3.06 -20.34
N HIS B 327 -6.38 2.22 -19.56
CA HIS B 327 -5.95 2.58 -18.23
C HIS B 327 -5.01 1.47 -17.80
N PRO B 328 -3.78 1.75 -17.40
CA PRO B 328 -2.90 0.62 -17.06
C PRO B 328 -3.58 -0.31 -16.08
N VAL B 329 -4.21 0.22 -15.02
CA VAL B 329 -4.82 -0.63 -14.00
C VAL B 329 -6.00 -1.43 -14.54
N ALA B 330 -6.92 -0.78 -15.21
CA ALA B 330 -8.05 -1.53 -15.70
C ALA B 330 -7.62 -2.53 -16.76
N ALA B 331 -6.55 -2.22 -17.48
CA ALA B 331 -6.05 -3.18 -18.43
C ALA B 331 -5.45 -4.37 -17.74
N ALA B 332 -4.79 -4.14 -16.61
CA ALA B 332 -4.19 -5.27 -15.89
C ALA B 332 -5.29 -6.17 -15.35
N VAL B 333 -6.29 -5.60 -14.69
CA VAL B 333 -7.40 -6.42 -14.22
C VAL B 333 -7.96 -7.22 -15.38
N ALA B 334 -8.21 -6.53 -16.51
CA ALA B 334 -8.85 -7.18 -17.65
C ALA B 334 -7.99 -8.29 -18.24
N ALA B 335 -6.68 -8.11 -18.25
CA ALA B 335 -5.81 -9.15 -18.79
C ALA B 335 -5.92 -10.39 -17.93
N GLU B 336 -5.78 -10.23 -16.61
CA GLU B 336 -5.90 -11.38 -15.71
C GLU B 336 -7.25 -12.05 -15.87
N ASN B 337 -8.32 -11.27 -16.01
CA ASN B 337 -9.64 -11.86 -16.16
C ASN B 337 -9.67 -12.79 -17.35
N ILE B 338 -8.99 -12.41 -18.44
CA ILE B 338 -8.98 -13.22 -19.67
C ILE B 338 -8.10 -14.47 -19.50
N ARG B 339 -6.95 -14.38 -18.78
CA ARG B 339 -6.16 -15.59 -18.51
C ARG B 339 -6.97 -16.62 -17.72
N ILE B 340 -7.57 -16.22 -16.59
CA ILE B 340 -8.44 -17.08 -15.79
C ILE B 340 -9.50 -17.77 -16.65
N MET B 341 -9.93 -17.15 -17.74
CA MET B 341 -11.00 -17.74 -18.52
C MET B 341 -10.48 -18.70 -19.57
N ARG B 342 -9.26 -18.49 -20.09
CA ARG B 342 -8.71 -19.44 -21.06
C ARG B 342 -7.86 -20.51 -20.37
N ASP B 343 -7.20 -20.19 -19.24
CA ASP B 343 -6.35 -21.20 -18.61
C ASP B 343 -7.18 -22.18 -17.77
N GLU B 344 -8.29 -21.72 -17.15
CA GLU B 344 -9.26 -22.62 -16.53
C GLU B 344 -10.39 -23.02 -17.49
N GLY B 345 -10.30 -22.61 -18.76
CA GLY B 345 -11.35 -22.85 -19.73
C GLY B 345 -12.79 -22.70 -19.27
N ILE B 346 -13.17 -21.58 -18.65
CA ILE B 346 -14.50 -21.56 -18.08
C ILE B 346 -15.53 -21.19 -19.14
N ILE B 347 -15.07 -20.59 -20.25
CA ILE B 347 -15.98 -20.27 -21.34
C ILE B 347 -16.09 -21.46 -22.28
N GLU B 348 -15.04 -22.31 -22.37
CA GLU B 348 -15.15 -23.55 -23.16
C GLU B 348 -16.07 -24.55 -22.48
N ARG B 349 -15.94 -24.69 -21.17
CA ARG B 349 -16.80 -25.58 -20.41
C ARG B 349 -18.22 -25.02 -20.32
N ALA B 350 -18.37 -23.71 -20.29
CA ALA B 350 -19.71 -23.13 -20.15
C ALA B 350 -20.63 -23.56 -21.29
N GLY B 351 -20.15 -23.46 -22.53
CA GLY B 351 -20.97 -23.83 -23.68
C GLY B 351 -21.04 -25.31 -23.95
N ALA B 352 -20.03 -26.05 -23.47
CA ALA B 352 -19.92 -27.48 -23.70
C ALA B 352 -20.68 -28.31 -22.67
N GLU B 353 -20.77 -27.88 -21.42
CA GLU B 353 -21.32 -28.73 -20.36
C GLU B 353 -22.51 -28.13 -19.65
N ILE B 354 -22.42 -26.93 -19.09
CA ILE B 354 -23.53 -26.42 -18.30
C ILE B 354 -24.59 -25.70 -19.14
N ALA B 355 -24.17 -25.02 -20.20
CA ALA B 355 -25.12 -24.29 -21.05
C ALA B 355 -26.16 -25.21 -21.66
N PRO B 356 -25.78 -26.28 -22.41
CA PRO B 356 -26.81 -27.19 -22.96
C PRO B 356 -27.82 -27.57 -21.91
N TYR B 357 -27.33 -27.97 -20.75
CA TYR B 357 -28.16 -28.37 -19.64
C TYR B 357 -29.10 -27.24 -19.22
N LEU B 358 -28.54 -26.02 -19.04
CA LEU B 358 -29.34 -24.90 -18.55
C LEU B 358 -30.46 -24.54 -19.52
N GLN B 359 -30.15 -24.56 -20.82
CA GLN B 359 -31.19 -24.25 -21.80
C GLN B 359 -32.26 -25.35 -21.82
N ALA B 360 -31.85 -26.62 -21.78
CA ALA B 360 -32.82 -27.71 -21.77
C ALA B 360 -33.78 -27.62 -20.58
N ARG B 361 -33.25 -27.37 -19.38
CA ARG B 361 -34.12 -27.32 -18.22
C ARG B 361 -34.96 -26.05 -18.18
N TRP B 362 -34.41 -24.94 -18.69
CA TRP B 362 -35.20 -23.72 -18.79
C TRP B 362 -36.50 -23.97 -19.57
N ARG B 363 -36.43 -24.78 -20.64
CA ARG B 363 -37.64 -25.05 -21.42
C ARG B 363 -38.76 -25.55 -20.51
N GLU B 364 -38.40 -26.42 -19.56
CA GLU B 364 -39.38 -26.97 -18.63
C GLU B 364 -40.31 -25.90 -18.07
N LEU B 365 -39.76 -24.72 -17.74
CA LEU B 365 -40.59 -23.66 -17.16
C LEU B 365 -41.54 -23.09 -18.19
N GLY B 366 -41.29 -23.35 -19.47
CA GLY B 366 -42.22 -22.90 -20.49
C GLY B 366 -43.59 -23.53 -20.39
N GLU B 367 -43.73 -24.67 -19.70
CA GLU B 367 -45.01 -25.34 -19.62
C GLU B 367 -45.89 -24.79 -18.50
N HIS B 368 -45.31 -24.07 -17.55
CA HIS B 368 -46.10 -23.49 -16.47
C HIS B 368 -47.21 -22.63 -17.08
N PRO B 369 -48.41 -22.60 -16.51
CA PRO B 369 -49.53 -21.84 -17.14
C PRO B 369 -49.30 -20.33 -17.26
N LEU B 370 -48.42 -19.75 -16.46
CA LEU B 370 -48.16 -18.32 -16.51
C LEU B 370 -47.00 -18.01 -17.46
N VAL B 371 -46.49 -19.02 -18.18
CA VAL B 371 -45.33 -18.88 -19.05
C VAL B 371 -45.72 -19.28 -20.45
N GLY B 372 -45.54 -18.35 -21.41
CA GLY B 372 -45.83 -18.67 -22.81
C GLY B 372 -44.66 -19.20 -23.62
N GLU B 373 -43.59 -18.42 -23.73
CA GLU B 373 -42.41 -18.76 -24.52
C GLU B 373 -41.24 -18.86 -23.56
N ALA B 374 -40.39 -19.85 -23.83
CA ALA B 374 -39.10 -19.99 -23.16
C ALA B 374 -38.02 -19.96 -24.22
N ARG B 375 -37.29 -18.86 -24.28
CA ARG B 375 -36.19 -18.60 -25.21
C ARG B 375 -34.87 -18.80 -24.47
N GLY B 376 -33.82 -19.12 -25.23
CA GLY B 376 -32.49 -18.99 -24.65
C GLY B 376 -31.31 -19.59 -25.40
N VAL B 377 -30.15 -18.92 -25.29
CA VAL B 377 -28.89 -19.39 -25.87
C VAL B 377 -27.74 -19.32 -24.87
N GLY B 378 -26.72 -20.16 -25.10
CA GLY B 378 -25.51 -20.13 -24.31
C GLY B 378 -25.87 -19.97 -22.85
N MET B 379 -25.34 -18.94 -22.19
CA MET B 379 -25.56 -18.70 -20.77
C MET B 379 -26.55 -17.56 -20.52
N VAL B 380 -27.61 -17.45 -21.33
CA VAL B 380 -28.61 -16.39 -21.20
C VAL B 380 -29.96 -16.96 -21.59
N ALA B 381 -31.01 -16.52 -20.92
CA ALA B 381 -32.30 -17.13 -21.23
C ALA B 381 -33.42 -16.26 -20.65
N ALA B 382 -34.60 -16.42 -21.24
CA ALA B 382 -35.75 -15.60 -20.84
C ALA B 382 -37.06 -16.36 -20.92
N LEU B 383 -38.04 -15.80 -20.22
CA LEU B 383 -39.40 -16.30 -20.09
C LEU B 383 -40.40 -15.18 -20.38
N GLU B 384 -41.52 -15.51 -21.02
CA GLU B 384 -42.57 -14.53 -21.23
C GLU B 384 -43.75 -14.81 -20.32
N LEU B 385 -44.25 -13.76 -19.65
CA LEU B 385 -45.37 -13.89 -18.74
C LEU B 385 -46.67 -13.52 -19.44
N VAL B 386 -47.64 -14.42 -19.36
CA VAL B 386 -48.88 -14.34 -20.12
C VAL B 386 -50.07 -14.82 -19.29
N LYS B 387 -51.22 -14.21 -19.56
CA LYS B 387 -52.47 -14.52 -18.85
C LYS B 387 -52.93 -15.97 -19.08
N SER B 388 -53.03 -16.38 -20.34
CA SER B 388 -53.44 -17.71 -20.74
C SER B 388 -52.60 -18.15 -21.92
N LYS B 389 -52.39 -19.45 -22.07
CA LYS B 389 -51.45 -19.87 -23.10
C LYS B 389 -52.14 -20.19 -24.43
N GLN B 390 -53.24 -20.97 -24.40
CA GLN B 390 -53.87 -21.38 -25.65
C GLN B 390 -54.70 -20.26 -26.30
N PRO B 391 -55.36 -19.38 -25.54
CA PRO B 391 -55.83 -18.13 -26.17
C PRO B 391 -54.73 -17.11 -26.41
N LEU B 392 -53.55 -17.28 -25.82
CA LEU B 392 -52.42 -16.35 -25.93
C LEU B 392 -52.87 -14.91 -25.71
N GLU B 393 -53.21 -14.62 -24.46
CA GLU B 393 -53.54 -13.28 -24.01
C GLU B 393 -52.27 -12.71 -23.37
N ARG B 394 -51.85 -11.52 -23.79
CA ARG B 394 -50.79 -10.81 -23.08
C ARG B 394 -51.39 -9.97 -21.95
N PHE B 395 -50.61 -9.74 -20.90
CA PHE B 395 -51.14 -9.01 -19.76
C PHE B 395 -51.25 -7.53 -20.12
N GLU B 396 -52.27 -6.87 -19.61
CA GLU B 396 -52.29 -5.42 -19.61
C GLU B 396 -51.44 -4.89 -18.45
N GLU B 397 -50.53 -3.98 -18.76
CA GLU B 397 -49.48 -3.61 -17.79
C GLU B 397 -48.76 -4.91 -17.38
N PRO B 398 -48.00 -5.51 -18.29
CA PRO B 398 -47.30 -6.77 -17.97
C PRO B 398 -46.01 -6.58 -17.19
N GLY B 399 -45.48 -5.37 -17.11
CA GLY B 399 -44.29 -5.16 -16.30
C GLY B 399 -44.60 -5.34 -14.84
N LYS B 400 -45.79 -4.92 -14.42
CA LYS B 400 -46.18 -5.08 -13.01
C LYS B 400 -46.19 -6.55 -12.61
N VAL B 401 -46.42 -7.47 -13.56
CA VAL B 401 -46.35 -8.89 -13.26
C VAL B 401 -44.90 -9.34 -13.14
N GLY B 402 -44.04 -8.80 -14.02
CA GLY B 402 -42.63 -9.11 -13.97
C GLY B 402 -41.94 -8.41 -12.81
N SER B 403 -42.32 -7.16 -12.52
CA SER B 403 -41.77 -6.51 -11.34
C SER B 403 -42.11 -7.26 -10.07
N LEU B 404 -43.30 -7.87 -10.04
CA LEU B 404 -43.68 -8.67 -8.88
C LEU B 404 -42.92 -9.98 -8.82
N CYS B 405 -42.79 -10.67 -9.97
CA CYS B 405 -42.05 -11.92 -10.00
C CYS B 405 -40.58 -11.72 -9.63
N ARG B 406 -39.98 -10.61 -10.05
CA ARG B 406 -38.60 -10.32 -9.65
C ARG B 406 -38.50 -10.19 -8.14
N ASP B 407 -39.38 -9.38 -7.54
CA ASP B 407 -39.33 -9.18 -6.09
C ASP B 407 -39.56 -10.50 -5.34
N LEU B 408 -40.17 -11.48 -6.00
CA LEU B 408 -40.43 -12.78 -5.41
C LEU B 408 -39.33 -13.79 -5.70
N SER B 409 -38.50 -13.52 -6.70
CA SER B 409 -37.33 -14.37 -6.95
C SER B 409 -36.25 -14.06 -5.92
N VAL B 410 -35.97 -12.79 -5.69
CA VAL B 410 -35.06 -12.45 -4.59
C VAL B 410 -35.66 -12.94 -3.27
N LYS B 411 -36.98 -12.78 -3.10
CA LYS B 411 -37.60 -13.24 -1.87
C LYS B 411 -37.47 -14.75 -1.70
N ASN B 412 -37.21 -15.49 -2.79
CA ASN B 412 -36.95 -16.92 -2.74
C ASN B 412 -35.51 -17.25 -3.12
N GLY B 413 -34.63 -16.26 -3.06
CA GLY B 413 -33.19 -16.50 -3.21
C GLY B 413 -32.65 -16.64 -4.61
N LEU B 414 -33.09 -15.78 -5.55
CA LEU B 414 -32.70 -15.82 -6.95
C LEU B 414 -32.86 -14.43 -7.55
N VAL B 415 -31.76 -13.87 -8.09
CA VAL B 415 -31.86 -12.62 -8.82
C VAL B 415 -32.30 -12.96 -10.23
N MET B 416 -33.18 -12.13 -10.78
CA MET B 416 -33.80 -12.41 -12.06
C MET B 416 -34.40 -11.09 -12.51
N ARG B 417 -33.95 -10.59 -13.66
CA ARG B 417 -34.40 -9.28 -14.10
C ARG B 417 -35.74 -9.36 -14.79
N ALA B 418 -36.50 -8.28 -14.69
CA ALA B 418 -37.80 -8.22 -15.33
C ALA B 418 -37.79 -7.00 -16.24
N VAL B 419 -37.26 -7.21 -17.44
CA VAL B 419 -37.50 -6.30 -18.54
C VAL B 419 -38.96 -6.49 -18.98
N GLY B 420 -39.80 -5.53 -18.66
CA GLY B 420 -41.20 -5.66 -19.02
C GLY B 420 -41.82 -6.86 -18.31
N GLY B 421 -42.57 -7.68 -19.04
CA GLY B 421 -43.12 -8.89 -18.48
C GLY B 421 -42.29 -10.10 -18.89
N THR B 422 -41.04 -9.83 -19.22
CA THR B 422 -40.07 -10.83 -19.65
C THR B 422 -39.11 -11.04 -18.49
N MET B 423 -38.91 -12.29 -18.10
CA MET B 423 -37.95 -12.62 -17.05
C MET B 423 -36.70 -13.16 -17.71
N ILE B 424 -35.55 -12.67 -17.28
CA ILE B 424 -34.28 -12.96 -17.93
C ILE B 424 -33.25 -13.37 -16.88
N ILE B 425 -32.31 -14.24 -17.27
CA ILE B 425 -31.20 -14.63 -16.38
C ILE B 425 -29.89 -14.65 -17.16
N SER B 426 -28.84 -14.15 -16.55
CA SER B 426 -27.50 -14.14 -17.14
C SER B 426 -26.54 -14.65 -16.07
N PRO B 427 -26.64 -15.91 -15.72
CA PRO B 427 -25.87 -16.43 -14.58
C PRO B 427 -24.38 -16.40 -14.91
N PRO B 428 -23.51 -16.33 -13.91
CA PRO B 428 -22.08 -16.31 -14.19
C PRO B 428 -21.72 -17.55 -14.98
N LEU B 429 -20.53 -17.52 -15.53
CA LEU B 429 -20.03 -18.68 -16.27
C LEU B 429 -19.45 -19.79 -15.38
N VAL B 430 -19.41 -19.58 -14.06
CA VAL B 430 -18.90 -20.59 -13.14
C VAL B 430 -19.99 -21.51 -12.64
N LEU B 431 -21.25 -21.24 -13.01
CA LEU B 431 -22.39 -22.05 -12.59
C LEU B 431 -22.07 -23.53 -12.77
N SER B 432 -22.60 -24.33 -11.85
CA SER B 432 -22.43 -25.78 -11.84
C SER B 432 -23.75 -26.50 -12.09
N ARG B 433 -23.66 -27.67 -12.72
CA ARG B 433 -24.90 -28.42 -12.97
C ARG B 433 -25.66 -28.62 -11.66
N GLU B 434 -24.95 -28.77 -10.53
CA GLU B 434 -25.64 -28.79 -9.25
C GLU B 434 -26.38 -27.47 -9.02
N GLN B 435 -25.84 -26.36 -9.53
CA GLN B 435 -26.37 -25.04 -9.25
C GLN B 435 -27.50 -24.64 -10.21
N VAL B 436 -27.61 -25.30 -11.36
CA VAL B 436 -28.72 -25.01 -12.25
C VAL B 436 -30.02 -25.57 -11.69
N ASP B 437 -29.94 -26.76 -11.05
CA ASP B 437 -31.12 -27.34 -10.44
C ASP B 437 -31.67 -26.44 -9.34
N GLU B 438 -30.79 -25.70 -8.66
CA GLU B 438 -31.24 -24.71 -7.69
C GLU B 438 -32.05 -23.60 -8.35
N LEU B 439 -31.58 -23.12 -9.51
CA LEU B 439 -32.19 -21.97 -10.21
C LEU B 439 -33.56 -22.34 -10.79
N ILE B 440 -33.70 -23.54 -11.34
CA ILE B 440 -34.98 -23.98 -11.90
C ILE B 440 -36.02 -24.12 -10.81
N ASP B 441 -35.61 -24.68 -9.65
CA ASP B 441 -36.56 -24.96 -8.57
C ASP B 441 -37.10 -23.67 -7.96
N LYS B 442 -36.21 -22.69 -7.74
CA LYS B 442 -36.60 -21.38 -7.25
C LYS B 442 -37.40 -20.62 -8.29
N ALA B 443 -37.12 -20.89 -9.56
CA ALA B 443 -37.93 -20.29 -10.62
C ALA B 443 -39.34 -20.88 -10.60
N ARG B 444 -39.45 -22.21 -10.76
CA ARG B 444 -40.76 -22.85 -10.74
C ARG B 444 -41.52 -22.42 -9.50
N ARG B 445 -40.84 -22.46 -8.36
CA ARG B 445 -41.45 -21.95 -7.14
C ARG B 445 -41.88 -20.50 -7.33
N THR B 446 -41.03 -19.67 -7.95
CA THR B 446 -41.34 -18.25 -8.03
C THR B 446 -42.52 -17.99 -8.95
N LEU B 447 -42.65 -18.82 -10.00
CA LEU B 447 -43.75 -18.69 -10.94
C LEU B 447 -45.08 -19.11 -10.32
N ASP B 448 -45.07 -20.20 -9.53
CA ASP B 448 -46.29 -20.65 -8.89
C ASP B 448 -46.90 -19.54 -8.02
N GLU B 449 -46.07 -18.80 -7.29
CA GLU B 449 -46.59 -17.79 -6.39
C GLU B 449 -47.36 -16.73 -7.14
N THR B 450 -46.80 -16.28 -8.26
CA THR B 450 -47.45 -15.28 -9.08
C THR B 450 -48.75 -15.77 -9.69
N HIS B 451 -48.84 -17.07 -10.02
CA HIS B 451 -49.98 -17.55 -10.78
C HIS B 451 -51.31 -17.35 -10.06
N LYS B 452 -51.26 -17.14 -8.75
CA LYS B 452 -52.46 -16.90 -7.93
C LYS B 452 -52.15 -15.59 -7.20
N ALA B 453 -52.31 -14.45 -7.89
CA ALA B 453 -52.04 -13.16 -7.26
C ALA B 453 -52.65 -11.89 -7.89
N SER C 34 -5.72 -15.54 10.72
CA SER C 34 -6.74 -15.88 9.74
C SER C 34 -7.84 -14.79 9.70
N ARG C 35 -7.76 -13.83 10.63
CA ARG C 35 -8.82 -12.83 10.81
C ARG C 35 -8.71 -11.67 9.82
N ILE C 36 -7.57 -10.95 9.81
CA ILE C 36 -7.33 -9.83 8.88
C ILE C 36 -8.12 -8.58 9.29
N ILE C 37 -7.39 -7.51 9.62
CA ILE C 37 -7.94 -6.36 10.32
C ILE C 37 -7.80 -5.12 9.43
N THR C 38 -8.92 -4.51 9.09
CA THR C 38 -8.96 -3.36 8.20
C THR C 38 -8.67 -2.05 8.96
N ARG C 39 -9.31 -1.83 10.09
CA ARG C 39 -9.21 -0.61 10.88
C ARG C 39 -8.94 -0.91 12.35
N ALA C 40 -8.11 -0.07 12.97
CA ALA C 40 -7.81 -0.23 14.38
C ALA C 40 -7.76 1.13 15.06
N GLU C 41 -8.75 1.42 15.89
CA GLU C 41 -8.80 2.72 16.55
C GLU C 41 -9.47 2.56 17.90
N GLY C 42 -8.93 3.29 18.90
CA GLY C 42 -9.41 3.22 20.27
C GLY C 42 -9.10 1.89 20.94
N CYS C 43 -10.13 1.19 21.42
CA CYS C 43 -10.00 -0.19 21.89
C CYS C 43 -10.53 -1.20 20.90
N TYR C 44 -10.55 -0.87 19.60
CA TYR C 44 -11.18 -1.77 18.65
C TYR C 44 -10.32 -2.22 17.49
N LEU C 45 -10.68 -3.38 17.00
CA LEU C 45 -10.10 -3.96 15.82
C LEU C 45 -11.33 -4.28 15.00
N TRP C 46 -11.46 -3.64 13.82
CA TRP C 46 -12.49 -3.99 12.87
C TRP C 46 -11.92 -4.96 11.85
N ASP C 47 -12.66 -5.98 11.49
CA ASP C 47 -12.10 -6.99 10.62
C ASP C 47 -12.55 -6.80 9.16
N SER C 48 -11.99 -7.66 8.30
CA SER C 48 -12.13 -7.51 6.84
C SER C 48 -13.56 -7.50 6.38
N ASP C 49 -14.44 -8.17 7.10
CA ASP C 49 -15.84 -8.29 6.76
C ASP C 49 -16.69 -7.36 7.61
N GLY C 50 -16.07 -6.39 8.25
CA GLY C 50 -16.81 -5.36 8.93
C GLY C 50 -17.20 -5.65 10.35
N ASN C 51 -16.66 -6.71 10.97
CA ASN C 51 -16.99 -7.07 12.35
C ASN C 51 -16.13 -6.26 13.32
N GLN C 52 -16.77 -5.62 14.28
CA GLN C 52 -16.07 -4.92 15.33
C GLN C 52 -15.71 -5.88 16.45
N ILE C 53 -14.44 -5.87 16.81
CA ILE C 53 -13.85 -6.79 17.77
C ILE C 53 -13.22 -5.96 18.86
N LEU C 54 -13.73 -6.08 20.07
CA LEU C 54 -13.12 -5.40 21.20
C LEU C 54 -11.78 -6.06 21.51
N ASP C 55 -10.71 -5.30 21.52
CA ASP C 55 -9.42 -5.92 21.82
C ASP C 55 -9.20 -5.95 23.33
N GLY C 56 -9.51 -7.08 23.95
CA GLY C 56 -9.27 -7.16 25.37
C GLY C 56 -7.84 -7.44 25.72
N MET C 57 -6.98 -7.56 24.73
CA MET C 57 -5.63 -7.99 25.01
C MET C 57 -4.61 -6.90 24.84
N ALA C 58 -5.01 -5.67 24.58
CA ALA C 58 -4.04 -4.62 24.23
C ALA C 58 -3.04 -5.16 23.20
N GLY C 59 -3.52 -6.02 22.31
CA GLY C 59 -2.70 -6.60 21.26
C GLY C 59 -1.84 -7.71 21.81
N LEU C 60 -0.87 -7.36 22.63
CA LEU C 60 0.01 -8.28 23.38
C LEU C 60 0.51 -7.56 24.64
N TRP C 61 -0.43 -7.22 25.52
CA TRP C 61 -0.24 -6.55 26.81
C TRP C 61 0.31 -5.15 26.70
N CYS C 62 0.43 -4.60 25.50
CA CYS C 62 1.28 -3.44 25.33
C CYS C 62 0.58 -2.14 24.96
N VAL C 63 -0.39 -2.12 24.07
CA VAL C 63 -0.93 -0.82 23.65
C VAL C 63 -1.77 -0.22 24.76
N ASN C 64 -1.16 0.54 25.65
CA ASN C 64 -1.92 0.92 26.82
C ASN C 64 -2.84 2.10 26.53
N ILE C 65 -2.42 3.11 25.74
CA ILE C 65 -3.35 4.20 25.43
C ILE C 65 -4.30 3.92 24.27
N GLY C 66 -4.36 2.68 23.85
CA GLY C 66 -5.28 2.32 22.81
C GLY C 66 -4.69 2.74 21.51
N TYR C 67 -5.36 2.32 20.45
CA TYR C 67 -4.84 2.50 19.12
C TYR C 67 -5.11 3.91 18.61
N GLY C 68 -4.62 4.18 17.41
CA GLY C 68 -5.02 5.37 16.70
C GLY C 68 -4.64 6.66 17.38
N ARG C 69 -3.48 6.72 18.00
CA ARG C 69 -3.02 7.98 18.55
C ARG C 69 -2.08 8.65 17.56
N LYS C 70 -2.63 9.65 16.89
CA LYS C 70 -1.86 10.42 15.96
C LYS C 70 -0.65 11.04 16.66
N GLU C 71 -0.76 11.38 17.95
CA GLU C 71 0.32 12.15 18.54
C GLU C 71 1.63 11.36 18.49
N LEU C 72 1.56 10.03 18.41
CA LEU C 72 2.78 9.24 18.36
C LEU C 72 3.31 9.17 16.94
N ALA C 73 2.43 8.99 15.96
CA ALA C 73 2.91 9.03 14.58
C ALA C 73 3.50 10.40 14.22
N GLU C 74 2.99 11.47 14.80
CA GLU C 74 3.56 12.78 14.51
C GLU C 74 4.99 12.87 15.04
N VAL C 75 5.22 12.51 16.31
CA VAL C 75 6.56 12.70 16.88
C VAL C 75 7.55 11.75 16.20
N ALA C 76 7.09 10.62 15.69
CA ALA C 76 7.98 9.76 14.93
C ALA C 76 8.40 10.43 13.64
N TYR C 77 7.45 10.94 12.86
CA TYR C 77 7.79 11.63 11.61
C TYR C 77 8.78 12.75 11.87
N ARG C 78 8.58 13.51 12.96
CA ARG C 78 9.48 14.61 13.21
C ARG C 78 10.90 14.13 13.51
N GLN C 79 11.03 13.08 14.33
CA GLN C 79 12.34 12.63 14.75
C GLN C 79 13.03 11.83 13.65
N MET C 80 12.27 11.16 12.79
CA MET C 80 12.95 10.50 11.68
C MET C 80 13.56 11.50 10.71
N GLN C 81 13.02 12.72 10.68
CA GLN C 81 13.60 13.77 9.85
C GLN C 81 14.70 14.56 10.57
N GLU C 82 14.60 14.74 11.88
CA GLU C 82 15.63 15.50 12.58
C GLU C 82 16.96 14.75 12.51
N LEU C 83 17.10 13.61 13.22
CA LEU C 83 18.31 12.80 13.21
C LEU C 83 17.86 11.40 13.62
N PRO C 84 17.97 10.42 12.73
CA PRO C 84 17.50 9.06 13.04
C PRO C 84 18.51 8.14 13.70
N TYR C 85 19.82 8.47 13.77
CA TYR C 85 20.75 7.59 14.48
C TYR C 85 22.02 8.40 14.83
N TYR C 86 22.10 8.87 16.06
CA TYR C 86 23.22 9.69 16.49
C TYR C 86 24.13 8.83 17.36
N ASN C 87 25.45 9.11 17.32
CA ASN C 87 26.48 8.41 18.10
C ASN C 87 26.85 9.24 19.32
N ASN C 88 27.95 8.92 19.98
CA ASN C 88 28.27 9.65 21.19
C ASN C 88 29.10 10.90 20.93
N PHE C 89 29.82 10.93 19.82
CA PHE C 89 30.56 12.12 19.42
C PHE C 89 29.68 13.20 18.80
N PHE C 90 28.44 12.86 18.47
CA PHE C 90 27.57 13.76 17.71
C PHE C 90 26.13 13.65 18.21
N GLN C 91 25.82 14.29 19.33
CA GLN C 91 24.42 14.31 19.77
C GLN C 91 23.64 15.39 19.02
N CYS C 92 22.33 15.22 18.96
CA CYS C 92 21.50 16.22 18.31
C CYS C 92 21.07 17.20 19.40
N SER C 93 20.11 18.07 19.08
CA SER C 93 19.58 19.06 20.01
C SER C 93 18.25 18.52 20.53
N HIS C 94 18.08 18.54 21.85
CA HIS C 94 16.97 17.91 22.54
C HIS C 94 16.81 16.43 22.14
N PRO C 95 17.84 15.60 22.36
CA PRO C 95 17.75 14.20 21.94
C PRO C 95 16.69 13.49 22.79
N PRO C 96 16.00 12.51 22.22
CA PRO C 96 14.90 11.88 22.97
C PRO C 96 15.39 11.00 24.10
N ALA C 97 16.65 10.56 24.07
CA ALA C 97 17.09 9.70 25.15
C ALA C 97 17.04 10.45 26.48
N ILE C 98 17.28 11.75 26.45
CA ILE C 98 17.24 12.57 27.66
C ILE C 98 15.82 13.01 28.01
N GLU C 99 14.97 13.30 27.02
CA GLU C 99 13.59 13.64 27.36
C GLU C 99 12.95 12.45 28.09
N LEU C 100 13.16 11.26 27.54
CA LEU C 100 12.67 10.04 28.14
C LEU C 100 13.32 9.79 29.50
N SER C 101 14.62 9.95 29.59
CA SER C 101 15.29 9.65 30.85
C SER C 101 14.69 10.47 31.99
N ARG C 102 14.39 11.75 31.74
CA ARG C 102 13.83 12.58 32.81
C ARG C 102 12.44 12.11 33.22
N LEU C 103 11.56 11.89 32.25
CA LEU C 103 10.21 11.45 32.55
C LEU C 103 10.21 10.15 33.34
N LEU C 104 11.04 9.20 32.96
CA LEU C 104 11.05 7.92 33.64
C LEU C 104 11.61 8.02 35.07
N SER C 105 12.63 8.87 35.31
CA SER C 105 13.13 9.00 36.69
C SER C 105 12.08 9.65 37.59
N GLU C 106 11.14 10.42 36.97
CA GLU C 106 10.05 11.09 37.68
C GLU C 106 8.82 10.21 37.88
N VAL C 107 8.54 9.30 36.97
CA VAL C 107 7.39 8.43 37.07
C VAL C 107 7.66 7.14 37.83
N THR C 108 8.87 6.64 37.78
CA THR C 108 9.30 5.45 38.44
C THR C 108 9.47 5.67 39.93
N PRO C 109 9.45 4.59 40.72
CA PRO C 109 9.78 4.69 42.15
C PRO C 109 10.86 5.71 42.41
N LYS C 110 10.88 6.18 43.66
CA LYS C 110 11.69 7.33 44.00
C LYS C 110 13.12 6.98 44.29
N HIS C 111 13.46 5.70 44.36
CA HIS C 111 14.86 5.31 44.49
C HIS C 111 15.49 4.96 43.16
N MET C 112 14.71 4.74 42.12
CA MET C 112 15.23 4.41 40.81
C MET C 112 15.24 5.69 40.01
N ASN C 113 16.44 6.19 39.75
CA ASN C 113 16.63 7.46 39.04
C ASN C 113 17.72 7.36 37.98
N HIS C 114 17.89 6.20 37.36
CA HIS C 114 18.80 6.08 36.22
C HIS C 114 18.18 5.11 35.22
N VAL C 115 18.49 5.25 33.92
CA VAL C 115 17.91 4.33 32.95
C VAL C 115 18.94 3.97 31.90
N PHE C 116 18.82 2.75 31.37
CA PHE C 116 19.62 2.30 30.22
C PHE C 116 18.69 1.67 29.20
N PHE C 117 18.80 2.08 27.93
CA PHE C 117 17.84 1.69 26.89
C PHE C 117 18.35 0.50 26.10
N THR C 118 17.55 0.04 25.14
CA THR C 118 17.83 -1.18 24.39
C THR C 118 16.64 -1.45 23.46
N GLY C 119 16.83 -2.42 22.55
CA GLY C 119 15.93 -2.54 21.40
C GLY C 119 14.64 -3.34 21.53
N SER C 120 14.41 -4.01 22.66
CA SER C 120 13.18 -4.74 22.93
C SER C 120 13.24 -5.03 24.43
N GLY C 121 12.25 -5.76 24.92
CA GLY C 121 12.23 -6.05 26.34
C GLY C 121 13.01 -7.29 26.75
N SER C 122 13.44 -8.09 25.76
CA SER C 122 14.28 -9.25 25.99
C SER C 122 15.73 -8.87 26.20
N ASP C 123 16.23 -7.94 25.40
CA ASP C 123 17.52 -7.32 25.61
C ASP C 123 17.70 -6.83 27.03
N SER C 124 16.60 -6.43 27.67
CA SER C 124 16.73 -5.85 28.99
C SER C 124 17.20 -6.89 29.97
N ASN C 125 16.64 -8.08 29.88
CA ASN C 125 17.06 -9.12 30.79
C ASN C 125 18.49 -9.56 30.52
N ASP C 126 19.00 -9.40 29.31
CA ASP C 126 20.44 -9.62 29.16
C ASP C 126 21.26 -8.58 29.89
N THR C 127 20.96 -7.33 29.68
CA THR C 127 21.76 -6.34 30.36
C THR C 127 21.71 -6.49 31.87
N ILE C 128 20.56 -6.93 32.41
CA ILE C 128 20.50 -7.07 33.86
C ILE C 128 21.43 -8.19 34.32
N LEU C 129 21.28 -9.37 33.70
CA LEU C 129 22.21 -10.45 33.96
C LEU C 129 23.65 -9.96 33.83
N ARG C 130 23.97 -9.29 32.72
CA ARG C 130 25.33 -8.82 32.51
C ARG C 130 25.77 -7.94 33.67
N MET C 131 24.93 -7.02 34.09
CA MET C 131 25.39 -6.02 35.04
C MET C 131 25.16 -6.43 36.49
N VAL C 132 24.17 -7.26 36.76
CA VAL C 132 23.99 -7.68 38.15
C VAL C 132 25.23 -8.43 38.61
N ARG C 133 25.79 -9.24 37.73
CA ARG C 133 27.00 -9.95 38.05
C ARG C 133 28.15 -8.99 38.19
N TYR C 134 28.25 -8.04 37.29
CA TYR C 134 29.30 -7.04 37.36
C TYR C 134 29.23 -6.19 38.61
N TYR C 135 28.05 -6.05 39.21
CA TYR C 135 27.96 -5.27 40.43
C TYR C 135 28.71 -5.99 41.53
N TRP C 136 28.57 -7.29 41.59
CA TRP C 136 29.21 -8.03 42.66
C TRP C 136 30.71 -8.11 42.46
N LYS C 137 31.16 -8.33 41.23
CA LYS C 137 32.60 -8.28 40.95
C LYS C 137 33.24 -7.01 41.51
N LEU C 138 32.61 -5.88 41.28
CA LEU C 138 33.21 -4.66 41.79
C LEU C 138 33.11 -4.58 43.30
N LEU C 139 32.19 -5.30 43.93
CA LEU C 139 32.16 -5.31 45.38
C LEU C 139 33.01 -6.42 45.96
N GLY C 140 33.87 -7.02 45.13
CA GLY C 140 34.82 -8.03 45.56
C GLY C 140 34.30 -9.43 45.78
N LYS C 141 33.17 -9.79 45.21
CA LYS C 141 32.55 -11.08 45.46
C LYS C 141 32.17 -11.68 44.13
N PRO C 142 33.15 -11.92 43.25
CA PRO C 142 32.85 -12.50 41.91
C PRO C 142 32.19 -13.84 41.94
N TYR C 143 32.23 -14.57 43.04
CA TYR C 143 31.56 -15.86 43.12
C TYR C 143 30.04 -15.70 43.10
N LYS C 144 29.52 -14.50 43.50
CA LYS C 144 28.10 -14.18 43.44
C LYS C 144 27.75 -13.94 41.98
N LYS C 145 27.21 -14.92 41.36
CA LYS C 145 26.85 -14.77 39.96
C LYS C 145 25.60 -15.53 39.60
N VAL C 146 24.96 -16.20 40.52
CA VAL C 146 23.80 -17.03 40.26
C VAL C 146 22.57 -16.17 40.31
N VAL C 147 21.60 -16.50 39.48
CA VAL C 147 20.36 -15.75 39.38
C VAL C 147 19.19 -16.70 39.43
N ILE C 148 18.32 -16.52 40.42
CA ILE C 148 17.19 -17.41 40.66
C ILE C 148 15.92 -16.88 39.99
N SER C 149 15.21 -17.77 39.31
CA SER C 149 13.95 -17.44 38.67
C SER C 149 12.74 -18.20 39.20
N ARG C 150 11.69 -18.29 38.40
CA ARG C 150 10.51 -19.03 38.78
C ARG C 150 10.06 -19.85 37.59
N GLU C 151 9.44 -20.99 37.89
CA GLU C 151 8.93 -21.89 36.86
C GLU C 151 7.72 -21.20 36.28
N ASN C 152 7.54 -21.32 34.98
CA ASN C 152 6.47 -20.65 34.23
C ASN C 152 6.58 -19.14 34.27
N ALA C 153 7.79 -18.61 34.48
CA ALA C 153 8.03 -17.17 34.40
C ALA C 153 8.61 -16.89 33.03
N TYR C 154 8.19 -15.76 32.42
CA TYR C 154 8.68 -15.30 31.11
C TYR C 154 9.54 -14.04 31.28
N HIS C 155 10.75 -14.04 30.71
CA HIS C 155 11.65 -12.91 30.89
C HIS C 155 12.36 -12.51 29.59
N GLY C 156 11.86 -12.91 28.46
CA GLY C 156 12.55 -12.52 27.26
C GLY C 156 12.63 -13.72 26.33
N SER C 157 13.23 -13.55 25.19
CA SER C 157 13.44 -14.69 24.32
C SER C 157 14.83 -14.71 23.73
N THR C 158 15.72 -13.87 24.20
CA THR C 158 17.14 -14.02 23.90
C THR C 158 17.66 -15.30 24.50
N VAL C 159 18.95 -15.56 24.32
CA VAL C 159 19.53 -16.74 24.94
C VAL C 159 19.56 -16.57 26.46
N ALA C 160 19.49 -15.34 26.96
CA ALA C 160 19.35 -15.16 28.40
C ALA C 160 17.90 -15.02 28.86
N GLY C 161 17.03 -14.40 28.06
CA GLY C 161 15.64 -14.32 28.45
C GLY C 161 15.00 -15.69 28.51
N ALA C 162 15.41 -16.56 27.58
CA ALA C 162 14.84 -17.90 27.46
C ALA C 162 15.42 -18.85 28.51
N SER C 163 16.60 -18.54 29.08
CA SER C 163 17.12 -19.32 30.21
C SER C 163 16.50 -18.86 31.52
N LEU C 164 16.45 -17.55 31.74
CA LEU C 164 15.79 -17.03 32.91
C LEU C 164 14.29 -17.37 32.89
N SER C 165 13.68 -17.40 31.72
CA SER C 165 12.26 -17.74 31.68
C SER C 165 12.11 -19.22 31.96
N GLY C 166 11.17 -19.54 32.86
CA GLY C 166 10.88 -20.86 33.37
C GLY C 166 10.02 -21.69 32.46
N MET C 167 9.62 -21.11 31.34
CA MET C 167 8.86 -21.82 30.35
C MET C 167 9.74 -23.00 30.00
N LYS C 168 9.34 -24.21 30.38
CA LYS C 168 10.18 -25.37 30.16
C LYS C 168 10.12 -25.82 28.70
N ALA C 169 9.14 -25.33 27.93
CA ALA C 169 9.07 -25.60 26.48
C ALA C 169 10.17 -24.87 25.72
N MET C 170 10.50 -23.64 26.16
CA MET C 170 11.53 -22.85 25.47
C MET C 170 12.91 -23.47 25.63
N HIS C 171 13.16 -24.12 26.78
CA HIS C 171 14.46 -24.70 27.11
C HIS C 171 14.88 -25.88 26.22
N SER C 172 13.93 -26.54 25.54
CA SER C 172 14.27 -27.64 24.63
C SER C 172 15.33 -27.22 23.61
N HIS C 173 15.08 -26.15 22.85
CA HIS C 173 15.97 -25.66 21.80
C HIS C 173 17.40 -25.36 22.26
N GLY C 174 18.27 -26.36 22.29
CA GLY C 174 19.60 -26.20 22.84
C GLY C 174 19.64 -26.55 24.32
N ASP C 175 20.83 -26.48 24.92
CA ASP C 175 20.96 -26.64 26.38
C ASP C 175 20.67 -25.30 27.07
N LEU C 176 19.49 -24.77 26.81
CA LEU C 176 19.31 -23.34 27.04
C LEU C 176 19.67 -22.90 28.46
N PRO C 177 19.02 -23.38 29.56
CA PRO C 177 19.33 -22.77 30.87
C PRO C 177 20.84 -22.65 30.94
N ILE C 178 21.40 -21.46 30.76
CA ILE C 178 22.84 -21.24 30.73
C ILE C 178 23.40 -21.34 32.16
N PRO C 179 24.70 -21.50 32.32
CA PRO C 179 25.23 -21.61 33.67
C PRO C 179 24.81 -20.42 34.53
N GLY C 180 24.49 -20.71 35.77
CA GLY C 180 24.19 -19.67 36.71
C GLY C 180 22.76 -19.22 36.70
N ILE C 181 21.85 -20.08 36.30
CA ILE C 181 20.42 -19.79 36.32
C ILE C 181 19.74 -21.00 36.96
N GLU C 182 19.13 -20.78 38.12
CA GLU C 182 18.29 -21.79 38.73
C GLU C 182 16.83 -21.35 38.65
N HIS C 183 15.90 -22.27 38.96
CA HIS C 183 14.46 -21.98 38.94
C HIS C 183 13.73 -22.61 40.10
N ILE C 184 12.73 -21.92 40.66
CA ILE C 184 12.05 -22.38 41.87
C ILE C 184 10.55 -22.37 41.65
N GLU C 185 9.83 -22.71 42.72
CA GLU C 185 8.39 -22.91 42.60
C GLU C 185 7.66 -21.62 42.27
N GLN C 186 6.65 -21.74 41.47
CA GLN C 186 5.79 -20.59 41.24
C GLN C 186 4.60 -20.59 42.21
N PRO C 187 4.07 -19.32 42.57
CA PRO C 187 2.94 -19.18 43.49
C PRO C 187 1.55 -19.29 42.88
N TYR C 188 1.36 -20.31 42.08
CA TYR C 188 0.10 -20.56 41.40
C TYR C 188 -0.71 -21.38 42.39
N HIS C 189 -1.43 -20.69 43.23
CA HIS C 189 -2.22 -21.41 44.21
C HIS C 189 -3.22 -22.34 43.54
N PHE C 190 -3.94 -21.87 42.52
CA PHE C 190 -5.00 -22.70 41.93
C PHE C 190 -4.47 -23.96 41.24
N GLY C 191 -3.27 -23.93 40.69
CA GLY C 191 -2.80 -25.07 39.90
C GLY C 191 -1.89 -26.03 40.61
N ARG C 192 -1.11 -25.50 41.59
CA ARG C 192 -0.26 -26.28 42.49
C ARG C 192 -1.07 -26.83 43.68
N ALA C 193 -1.81 -25.96 44.40
CA ALA C 193 -2.35 -26.30 45.72
C ALA C 193 -3.67 -25.61 46.05
N PRO C 194 -4.76 -26.02 45.42
CA PRO C 194 -6.03 -25.27 45.55
C PRO C 194 -6.59 -25.23 46.96
N ASP C 195 -6.14 -26.12 47.84
CA ASP C 195 -6.73 -26.30 49.17
C ASP C 195 -5.91 -25.68 50.27
N MET C 196 -4.60 -25.65 50.16
CA MET C 196 -3.73 -24.93 51.08
C MET C 196 -4.35 -23.60 51.44
N ASP C 197 -4.07 -23.10 52.63
CA ASP C 197 -4.56 -21.77 52.96
C ASP C 197 -3.97 -20.79 51.96
N PRO C 198 -4.77 -20.03 51.25
CA PRO C 198 -4.21 -19.10 50.26
C PRO C 198 -2.98 -18.40 50.79
N ALA C 199 -3.04 -17.83 51.99
CA ALA C 199 -1.89 -17.09 52.50
C ALA C 199 -0.80 -17.97 53.10
N GLU C 200 -1.10 -19.20 53.59
CA GLU C 200 -0.01 -20.07 54.04
C GLU C 200 0.79 -20.56 52.84
N PHE C 201 0.10 -20.84 51.73
CA PHE C 201 0.76 -21.14 50.47
C PHE C 201 1.58 -19.96 49.97
N GLY C 202 1.10 -18.74 50.21
CA GLY C 202 1.87 -17.59 49.80
C GLY C 202 3.21 -17.55 50.49
N ARG C 203 3.20 -17.84 51.78
CA ARG C 203 4.43 -17.87 52.57
C ARG C 203 5.29 -19.06 52.21
N GLN C 204 4.68 -20.19 51.85
CA GLN C 204 5.46 -21.38 51.52
C GLN C 204 6.23 -21.21 50.24
N ALA C 205 5.59 -20.65 49.20
CA ALA C 205 6.18 -20.57 47.88
C ALA C 205 7.22 -19.49 47.78
N ALA C 206 7.18 -18.50 48.70
CA ALA C 206 8.27 -17.56 48.81
C ALA C 206 9.42 -18.17 49.62
N GLN C 207 9.12 -18.98 50.62
CA GLN C 207 10.25 -19.61 51.29
C GLN C 207 10.88 -20.65 50.39
N ALA C 208 10.21 -21.07 49.31
CA ALA C 208 10.90 -21.87 48.31
C ALA C 208 12.15 -21.14 47.83
N LEU C 209 12.22 -19.82 48.04
CA LEU C 209 13.45 -19.07 47.76
C LEU C 209 14.52 -19.32 48.81
N GLU C 210 14.15 -19.32 50.10
CA GLU C 210 15.18 -19.57 51.12
C GLU C 210 15.70 -20.98 50.96
N ARG C 211 14.83 -21.94 50.61
CA ARG C 211 15.30 -23.31 50.41
C ARG C 211 16.37 -23.35 49.32
N LYS C 212 16.08 -22.76 48.16
CA LYS C 212 17.08 -22.76 47.07
C LYS C 212 18.30 -21.91 47.41
N ILE C 213 18.19 -20.98 48.37
CA ILE C 213 19.37 -20.18 48.73
C ILE C 213 20.35 -21.03 49.52
N ASP C 214 19.84 -21.80 50.49
CA ASP C 214 20.64 -22.60 51.42
C ASP C 214 21.15 -23.91 50.78
N GLU C 215 20.72 -24.24 49.58
CA GLU C 215 21.24 -25.36 48.81
C GLU C 215 22.33 -24.92 47.85
N ILE C 216 22.25 -23.71 47.29
CA ILE C 216 23.26 -23.17 46.39
C ILE C 216 24.41 -22.50 47.13
N GLY C 217 24.14 -21.96 48.31
CA GLY C 217 25.08 -21.12 49.02
C GLY C 217 24.74 -19.65 48.91
N GLU C 218 24.39 -18.99 50.01
CA GLU C 218 24.06 -17.56 49.92
C GLU C 218 25.11 -16.83 49.10
N CYS C 219 26.38 -17.05 49.41
CA CYS C 219 27.39 -16.26 48.71
C CYS C 219 27.54 -16.63 47.22
N ASN C 220 26.82 -17.60 46.71
CA ASN C 220 26.84 -17.85 45.26
C ASN C 220 25.70 -17.16 44.52
N VAL C 221 24.68 -16.74 45.23
CA VAL C 221 23.49 -16.17 44.63
C VAL C 221 23.65 -14.66 44.52
N ALA C 222 23.52 -14.15 43.30
CA ALA C 222 23.59 -12.72 43.03
C ALA C 222 22.24 -12.01 42.99
N ALA C 223 21.14 -12.72 42.65
CA ALA C 223 19.83 -12.06 42.67
C ALA C 223 18.67 -12.96 42.32
N PHE C 224 17.49 -12.41 42.52
CA PHE C 224 16.20 -13.04 42.30
C PHE C 224 15.41 -12.17 41.35
N ILE C 225 14.72 -12.80 40.38
CA ILE C 225 13.93 -12.01 39.45
C ILE C 225 12.56 -12.61 39.30
N ALA C 226 11.55 -11.75 39.38
CA ALA C 226 10.17 -12.19 39.34
C ALA C 226 9.33 -11.08 38.77
N GLU C 227 8.43 -11.43 37.87
CA GLU C 227 7.37 -10.52 37.52
C GLU C 227 6.52 -10.27 38.77
N PRO C 228 5.96 -9.05 38.95
CA PRO C 228 5.02 -8.89 40.08
C PRO C 228 3.84 -9.81 39.94
N ILE C 229 3.50 -10.12 38.71
CA ILE C 229 2.50 -11.12 38.35
C ILE C 229 2.98 -11.76 37.05
N GLN C 230 2.82 -13.07 36.91
CA GLN C 230 3.25 -13.75 35.70
C GLN C 230 2.23 -13.59 34.58
N GLY C 231 2.63 -12.95 33.47
CA GLY C 231 1.72 -12.72 32.35
C GLY C 231 1.54 -13.98 31.55
N ALA C 232 2.62 -14.48 30.96
CA ALA C 232 2.63 -15.63 30.07
C ALA C 232 2.17 -16.96 30.68
N GLY C 233 1.95 -17.08 32.01
CA GLY C 233 1.59 -18.40 32.53
C GLY C 233 0.14 -18.53 32.94
N GLY C 234 -0.69 -17.63 32.41
CA GLY C 234 -1.95 -17.24 33.02
C GLY C 234 -1.66 -15.98 33.80
N VAL C 235 -2.67 -15.37 34.37
CA VAL C 235 -2.47 -14.19 35.20
C VAL C 235 -2.30 -14.76 36.61
N ILE C 236 -1.10 -15.28 36.86
CA ILE C 236 -0.83 -16.00 38.10
C ILE C 236 -0.45 -14.97 39.16
N ILE C 237 -1.36 -14.75 40.09
CA ILE C 237 -1.26 -13.66 41.04
C ILE C 237 -0.78 -14.23 42.37
N PRO C 238 0.28 -13.68 42.95
CA PRO C 238 0.75 -14.18 44.22
C PRO C 238 -0.25 -13.88 45.33
N PRO C 239 -0.41 -14.82 46.29
CA PRO C 239 -1.14 -14.49 47.51
C PRO C 239 -0.49 -13.30 48.14
N ASP C 240 -1.27 -12.55 48.93
CA ASP C 240 -0.78 -11.27 49.41
C ASP C 240 0.41 -11.43 50.36
N SER C 241 0.66 -12.66 50.80
CA SER C 241 1.74 -12.99 51.71
C SER C 241 3.07 -13.15 50.99
N TYR C 242 3.06 -13.63 49.76
CA TYR C 242 4.24 -13.99 48.97
C TYR C 242 5.18 -12.80 49.01
N TRP C 243 4.89 -11.72 48.31
CA TRP C 243 5.91 -10.69 48.14
C TRP C 243 6.45 -10.15 49.46
N PRO C 244 5.67 -10.02 50.51
CA PRO C 244 6.27 -9.64 51.79
C PRO C 244 7.37 -10.62 52.24
N GLU C 245 7.10 -11.94 52.22
CA GLU C 245 8.12 -12.90 52.63
C GLU C 245 9.33 -12.83 51.73
N ILE C 246 9.12 -12.71 50.42
CA ILE C 246 10.24 -12.66 49.50
C ILE C 246 11.05 -11.42 49.73
N LYS C 247 10.48 -10.35 50.27
CA LYS C 247 11.29 -9.19 50.56
C LYS C 247 12.12 -9.38 51.79
N ARG C 248 11.51 -10.04 52.80
CA ARG C 248 12.19 -10.44 54.04
C ARG C 248 13.43 -11.24 53.70
N ILE C 249 13.27 -12.26 52.86
CA ILE C 249 14.38 -13.11 52.49
C ILE C 249 15.46 -12.29 51.78
N CYS C 250 15.08 -11.35 50.93
CA CYS C 250 16.13 -10.61 50.28
C CYS C 250 16.88 -9.69 51.23
N ALA C 251 16.43 -9.57 52.47
CA ALA C 251 17.23 -8.84 53.46
C ALA C 251 18.13 -9.76 54.31
N GLU C 252 17.56 -10.80 54.93
CA GLU C 252 18.39 -11.71 55.75
C GLU C 252 19.58 -12.23 54.96
N ARG C 253 19.33 -12.62 53.70
CA ARG C 253 20.34 -12.96 52.71
C ARG C 253 20.63 -11.70 51.90
N ASP C 254 21.87 -11.57 51.45
CA ASP C 254 22.35 -10.30 50.87
C ASP C 254 22.30 -10.35 49.35
N ILE C 255 21.10 -10.14 48.79
CA ILE C 255 20.89 -10.28 47.35
C ILE C 255 19.99 -9.23 46.72
N LEU C 256 20.24 -8.96 45.43
CA LEU C 256 19.49 -7.99 44.65
C LEU C 256 18.15 -8.53 44.20
N LEU C 257 17.18 -7.63 44.09
CA LEU C 257 15.84 -7.93 43.59
C LEU C 257 15.72 -7.37 42.17
N ILE C 258 15.22 -8.18 41.27
CA ILE C 258 14.98 -7.79 39.89
C ILE C 258 13.51 -8.02 39.66
N VAL C 259 12.76 -6.96 39.49
CA VAL C 259 11.34 -7.03 39.19
C VAL C 259 11.17 -6.76 37.70
N ASP C 260 10.48 -7.65 36.99
CA ASP C 260 10.36 -7.58 35.54
C ASP C 260 9.01 -6.91 35.30
N GLU C 261 9.10 -5.59 35.10
CA GLU C 261 7.97 -4.74 34.78
C GLU C 261 7.77 -4.63 33.28
N VAL C 262 8.11 -5.66 32.52
CA VAL C 262 7.90 -5.54 31.08
C VAL C 262 6.41 -5.45 30.81
N ILE C 263 5.63 -6.34 31.41
CA ILE C 263 4.19 -6.33 31.21
C ILE C 263 3.46 -5.56 32.28
N THR C 264 3.83 -5.68 33.54
CA THR C 264 3.06 -5.02 34.57
C THR C 264 3.38 -3.54 34.65
N GLY C 265 4.24 -3.07 33.77
CA GLY C 265 4.62 -1.68 33.79
C GLY C 265 3.64 -0.83 33.00
N PHE C 266 3.59 0.45 33.40
CA PHE C 266 2.84 1.53 32.76
C PHE C 266 1.35 1.33 32.83
N GLY C 267 0.87 1.24 34.07
CA GLY C 267 -0.54 1.20 34.35
C GLY C 267 -1.21 -0.17 34.34
N ARG C 268 -0.48 -1.23 34.10
CA ARG C 268 -1.12 -2.52 33.92
C ARG C 268 -1.70 -3.07 35.22
N LEU C 269 -1.13 -2.71 36.38
CA LEU C 269 -1.68 -3.17 37.64
C LEU C 269 -2.38 -2.07 38.41
N GLY C 270 -2.85 -1.07 37.70
CA GLY C 270 -3.51 0.05 38.35
C GLY C 270 -2.57 1.14 38.78
N THR C 271 -1.31 0.87 38.83
CA THR C 271 -0.32 1.83 39.24
C THR C 271 0.74 1.98 38.17
N TRP C 272 1.53 3.04 38.32
CA TRP C 272 2.54 3.26 37.30
C TRP C 272 3.32 1.99 37.08
N PHE C 273 3.77 1.36 38.15
CA PHE C 273 4.53 0.11 38.05
C PHE C 273 4.06 -0.88 39.09
N GLY C 274 3.90 -2.14 38.69
CA GLY C 274 3.54 -3.19 39.62
C GLY C 274 4.39 -3.28 40.89
N SER C 275 5.56 -2.63 40.91
CA SER C 275 6.32 -2.53 42.16
C SER C 275 5.55 -1.79 43.25
N GLN C 276 5.09 -0.60 42.92
CA GLN C 276 4.38 0.15 43.94
C GLN C 276 3.06 -0.49 44.31
N TYR C 277 2.54 -1.41 43.51
CA TYR C 277 1.36 -2.10 43.98
C TYR C 277 1.70 -3.02 45.15
N TYR C 278 2.85 -3.69 45.08
CA TYR C 278 3.27 -4.67 46.08
C TYR C 278 4.34 -4.12 47.04
N ASP C 279 4.54 -2.81 47.06
CA ASP C 279 5.58 -2.19 47.90
C ASP C 279 6.92 -2.89 47.78
N LEU C 280 7.38 -3.03 46.56
CA LEU C 280 8.72 -3.54 46.31
C LEU C 280 9.67 -2.40 46.03
N GLN C 281 10.95 -2.65 46.25
CA GLN C 281 12.02 -1.70 45.98
C GLN C 281 13.03 -2.46 45.13
N PRO C 282 12.74 -2.60 43.85
CA PRO C 282 13.59 -3.42 42.98
C PRO C 282 14.93 -2.75 42.86
N ASP C 283 15.97 -3.56 42.74
CA ASP C 283 17.26 -3.00 42.39
C ASP C 283 17.48 -2.98 40.89
N LEU C 284 16.62 -3.64 40.08
CA LEU C 284 16.64 -3.50 38.64
C LEU C 284 15.26 -3.82 38.09
N MET C 285 14.88 -3.11 37.02
CA MET C 285 13.61 -3.42 36.37
C MET C 285 13.67 -3.39 34.86
N PRO C 286 13.60 -4.52 34.17
CA PRO C 286 13.42 -4.45 32.72
C PRO C 286 12.04 -3.88 32.43
N ILE C 287 11.99 -2.92 31.47
CA ILE C 287 10.76 -2.27 31.01
C ILE C 287 10.69 -2.37 29.49
N ALA C 288 9.47 -2.33 28.97
CA ALA C 288 9.26 -2.27 27.52
C ALA C 288 7.78 -2.00 27.22
N LYS C 289 7.29 -2.43 26.05
CA LYS C 289 5.85 -2.43 25.77
C LYS C 289 5.20 -1.12 26.13
N GLY C 290 4.61 -1.02 27.32
CA GLY C 290 3.92 0.21 27.65
C GLY C 290 4.80 1.45 27.64
N LEU C 291 6.13 1.27 27.58
CA LEU C 291 7.01 2.43 27.40
C LEU C 291 6.60 3.22 26.16
N SER C 292 6.29 2.52 25.07
CA SER C 292 5.93 3.15 23.81
C SER C 292 4.53 2.73 23.35
N SER C 293 3.73 2.19 24.25
CA SER C 293 2.42 1.63 23.90
C SER C 293 2.50 0.73 22.68
N GLY C 294 3.63 0.06 22.47
CA GLY C 294 3.73 -0.95 21.44
C GLY C 294 3.87 -0.43 20.05
N TYR C 295 4.03 0.88 19.91
CA TYR C 295 4.12 1.55 18.63
C TYR C 295 5.55 1.54 18.09
N MET C 296 6.54 1.20 18.90
CA MET C 296 7.94 1.27 18.51
C MET C 296 8.77 0.30 19.37
N PRO C 297 9.61 -0.57 18.79
CA PRO C 297 10.45 -1.42 19.63
C PRO C 297 11.33 -0.57 20.53
N ILE C 298 11.17 -0.75 21.84
CA ILE C 298 12.11 -0.17 22.77
C ILE C 298 12.01 -0.97 24.05
N GLY C 299 13.14 -1.05 24.77
CA GLY C 299 13.15 -1.53 26.13
C GLY C 299 14.20 -0.72 26.86
N GLY C 300 14.21 -0.83 28.18
CA GLY C 300 15.20 -0.20 29.04
C GLY C 300 15.33 -0.97 30.34
N VAL C 301 16.24 -0.53 31.22
CA VAL C 301 16.33 -1.03 32.59
C VAL C 301 16.43 0.12 33.59
N MET C 302 15.50 0.18 34.51
CA MET C 302 15.67 1.05 35.66
C MET C 302 16.77 0.47 36.54
N VAL C 303 17.53 1.35 37.18
CA VAL C 303 18.66 0.98 38.01
C VAL C 303 18.56 1.74 39.32
N SER C 304 18.36 0.99 40.39
CA SER C 304 18.27 1.60 41.71
C SER C 304 19.59 2.25 42.09
N ASP C 305 19.50 3.21 43.03
CA ASP C 305 20.68 3.98 43.39
C ASP C 305 21.71 3.15 44.10
N ARG C 306 21.30 2.10 44.84
CA ARG C 306 22.28 1.15 45.40
C ARG C 306 23.26 0.70 44.31
N VAL C 307 22.74 0.07 43.26
CA VAL C 307 23.57 -0.47 42.20
C VAL C 307 24.10 0.57 41.24
N ALA C 308 23.59 1.78 41.25
CA ALA C 308 24.16 2.80 40.38
C ALA C 308 25.49 3.34 40.94
N LYS C 309 25.58 3.56 42.27
CA LYS C 309 26.82 4.05 42.86
C LYS C 309 27.99 3.15 42.50
N VAL C 310 27.75 1.87 42.30
CA VAL C 310 28.81 0.91 42.07
C VAL C 310 29.12 0.76 40.58
N VAL C 311 28.11 0.56 39.73
CA VAL C 311 28.46 0.17 38.36
C VAL C 311 28.74 1.38 37.49
N ILE C 312 28.17 2.55 37.83
CA ILE C 312 28.33 3.75 37.02
C ILE C 312 29.49 4.57 37.58
N GLU C 313 29.36 5.08 38.81
CA GLU C 313 30.51 5.63 39.50
C GLU C 313 31.42 4.48 39.94
N GLU C 314 32.73 4.66 39.80
CA GLU C 314 33.71 3.59 40.12
C GLU C 314 33.50 2.36 39.25
N GLY C 315 33.16 2.59 37.97
CA GLY C 315 32.82 1.51 37.06
C GLY C 315 32.57 1.99 35.64
N GLY C 316 33.46 1.57 34.75
CA GLY C 316 33.38 1.88 33.34
C GLY C 316 33.75 0.70 32.48
N GLU C 317 34.05 -0.47 33.05
CA GLU C 317 34.19 -1.60 32.15
C GLU C 317 32.82 -1.91 31.50
N PHE C 318 31.74 -1.63 32.20
CA PHE C 318 30.43 -1.72 31.59
C PHE C 318 30.29 -0.50 30.70
N PHE C 319 29.43 -0.60 29.70
CA PHE C 319 29.36 0.39 28.63
C PHE C 319 30.59 0.32 27.72
N HIS C 320 31.44 -0.70 27.83
CA HIS C 320 32.56 -0.86 26.91
C HIS C 320 32.09 -0.78 25.47
N GLY C 321 31.83 -1.94 24.87
CA GLY C 321 31.14 -1.91 23.59
C GLY C 321 29.69 -1.51 23.71
N TYR C 322 28.98 -2.11 24.64
CA TYR C 322 27.63 -1.77 25.05
C TYR C 322 27.43 -0.28 25.06
N THR C 323 26.42 0.15 24.31
CA THR C 323 26.07 1.57 24.13
C THR C 323 24.56 1.72 24.30
N TYR C 324 24.16 2.49 25.31
CA TYR C 324 22.76 2.60 25.76
C TYR C 324 22.07 3.92 25.41
N SER C 325 22.36 4.44 24.22
CA SER C 325 21.65 5.61 23.69
C SER C 325 20.56 5.12 22.74
N GLY C 326 19.53 4.49 23.32
CA GLY C 326 18.47 3.86 22.56
C GLY C 326 18.07 4.54 21.29
N HIS C 327 17.54 3.81 20.29
CA HIS C 327 17.18 4.41 19.01
C HIS C 327 16.39 5.70 19.18
N PRO C 328 16.88 6.82 18.67
CA PRO C 328 16.24 8.11 18.97
C PRO C 328 14.78 8.16 18.58
N VAL C 329 14.42 7.58 17.45
CA VAL C 329 13.01 7.60 17.02
C VAL C 329 12.14 6.91 18.06
N ALA C 330 12.57 5.76 18.59
CA ALA C 330 11.74 5.06 19.56
C ALA C 330 11.67 5.77 20.91
N ALA C 331 12.75 6.41 21.33
CA ALA C 331 12.68 7.17 22.57
C ALA C 331 11.80 8.39 22.40
N ALA C 332 11.76 8.97 21.20
CA ALA C 332 10.90 10.11 20.97
C ALA C 332 9.43 9.74 21.11
N VAL C 333 9.02 8.63 20.49
CA VAL C 333 7.68 8.14 20.69
C VAL C 333 7.41 7.84 22.16
N ALA C 334 8.34 7.12 22.80
CA ALA C 334 8.12 6.70 24.18
C ALA C 334 7.95 7.90 25.07
N ALA C 335 8.64 8.99 24.75
CA ALA C 335 8.50 10.20 25.53
C ALA C 335 7.09 10.73 25.41
N GLU C 336 6.62 10.93 24.17
CA GLU C 336 5.26 11.43 23.98
C GLU C 336 4.28 10.44 24.57
N ASN C 337 4.57 9.15 24.47
CA ASN C 337 3.68 8.16 25.04
C ASN C 337 3.46 8.39 26.52
N ILE C 338 4.55 8.65 27.26
CA ILE C 338 4.46 8.87 28.70
C ILE C 338 3.84 10.24 29.03
N ARG C 339 4.13 11.27 28.23
CA ARG C 339 3.46 12.56 28.43
C ARG C 339 1.96 12.38 28.33
N ILE C 340 1.49 11.72 27.27
CA ILE C 340 0.07 11.47 27.07
C ILE C 340 -0.58 10.76 28.26
N MET C 341 0.14 9.92 28.96
CA MET C 341 -0.46 9.14 30.03
C MET C 341 -0.49 9.87 31.36
N ARG C 342 0.50 10.72 31.63
CA ARG C 342 0.51 11.45 32.90
C ARG C 342 -0.23 12.79 32.83
N ASP C 343 -0.30 13.40 31.65
CA ASP C 343 -0.97 14.69 31.52
C ASP C 343 -2.49 14.56 31.30
N GLU C 344 -2.92 13.54 30.57
CA GLU C 344 -4.34 13.21 30.44
C GLU C 344 -4.81 12.26 31.54
N GLY C 345 -3.94 12.00 32.52
CA GLY C 345 -4.16 11.08 33.62
C GLY C 345 -4.85 9.78 33.29
N ILE C 346 -4.33 9.02 32.32
CA ILE C 346 -5.10 7.87 31.88
C ILE C 346 -4.77 6.64 32.72
N ILE C 347 -3.59 6.59 33.34
CA ILE C 347 -3.29 5.44 34.18
C ILE C 347 -3.74 5.72 35.61
N GLU C 348 -3.88 6.99 35.97
CA GLU C 348 -4.49 7.36 37.24
C GLU C 348 -5.98 7.10 37.19
N ARG C 349 -6.61 7.41 36.07
CA ARG C 349 -8.02 7.09 35.93
C ARG C 349 -8.19 5.60 35.85
N ALA C 350 -7.22 4.91 35.24
CA ALA C 350 -7.32 3.44 35.09
C ALA C 350 -7.42 2.77 36.45
N GLY C 351 -6.53 3.15 37.37
CA GLY C 351 -6.52 2.50 38.66
C GLY C 351 -7.64 2.91 39.57
N ALA C 352 -8.18 4.12 39.38
CA ALA C 352 -9.17 4.66 40.30
C ALA C 352 -10.60 4.37 39.91
N GLU C 353 -10.92 4.37 38.61
CA GLU C 353 -12.30 4.35 38.18
C GLU C 353 -12.71 3.09 37.44
N ILE C 354 -11.91 2.66 36.46
CA ILE C 354 -12.30 1.48 35.72
C ILE C 354 -11.75 0.18 36.30
N ALA C 355 -10.53 0.18 36.88
CA ALA C 355 -9.99 -1.08 37.38
C ALA C 355 -10.96 -1.74 38.33
N PRO C 356 -11.43 -1.07 39.38
CA PRO C 356 -12.45 -1.66 40.26
C PRO C 356 -13.64 -2.28 39.54
N TYR C 357 -14.30 -1.51 38.67
CA TYR C 357 -15.47 -2.03 37.96
C TYR C 357 -15.11 -3.31 37.21
N LEU C 358 -13.97 -3.31 36.49
CA LEU C 358 -13.61 -4.51 35.71
C LEU C 358 -13.36 -5.71 36.61
N GLN C 359 -12.59 -5.48 37.68
CA GLN C 359 -12.31 -6.55 38.62
C GLN C 359 -13.57 -6.98 39.35
N ALA C 360 -14.34 -6.02 39.85
CA ALA C 360 -15.57 -6.40 40.53
C ALA C 360 -16.45 -7.21 39.62
N ARG C 361 -16.56 -6.80 38.35
CA ARG C 361 -17.45 -7.53 37.46
C ARG C 361 -16.83 -8.82 36.94
N TRP C 362 -15.52 -8.89 36.80
CA TRP C 362 -14.94 -10.20 36.43
C TRP C 362 -15.37 -11.29 37.42
N ARG C 363 -15.37 -10.99 38.74
CA ARG C 363 -15.75 -11.96 39.76
C ARG C 363 -17.13 -12.51 39.40
N GLU C 364 -18.00 -11.64 38.90
CA GLU C 364 -19.34 -12.04 38.43
C GLU C 364 -19.26 -13.28 37.56
N LEU C 365 -18.22 -13.41 36.69
CA LEU C 365 -18.06 -14.59 35.84
C LEU C 365 -17.57 -15.79 36.64
N GLY C 366 -17.10 -15.52 37.86
CA GLY C 366 -16.70 -16.57 38.79
C GLY C 366 -17.79 -17.57 39.10
N GLU C 367 -19.04 -17.23 38.81
CA GLU C 367 -20.13 -18.14 39.06
C GLU C 367 -20.54 -18.96 37.86
N HIS C 368 -20.09 -18.59 36.68
CA HIS C 368 -20.49 -19.38 35.53
C HIS C 368 -20.10 -20.83 35.77
N PRO C 369 -20.93 -21.79 35.37
CA PRO C 369 -20.60 -23.18 35.66
C PRO C 369 -19.23 -23.63 35.16
N LEU C 370 -18.66 -22.98 34.16
CA LEU C 370 -17.39 -23.45 33.62
C LEU C 370 -16.17 -22.85 34.34
N VAL C 371 -16.35 -22.03 35.35
CA VAL C 371 -15.28 -21.19 35.88
C VAL C 371 -14.97 -21.56 37.33
N GLY C 372 -13.71 -21.88 37.57
CA GLY C 372 -13.22 -22.25 38.88
C GLY C 372 -12.71 -21.09 39.70
N GLU C 373 -11.78 -20.30 39.16
CA GLU C 373 -11.26 -19.11 39.83
C GLU C 373 -11.54 -17.94 38.87
N ALA C 374 -11.88 -16.79 39.45
CA ALA C 374 -11.90 -15.53 38.69
C ALA C 374 -10.81 -14.72 39.35
N ARG C 375 -9.67 -14.60 38.69
CA ARG C 375 -8.49 -13.98 39.22
C ARG C 375 -8.42 -12.59 38.64
N GLY C 376 -7.83 -11.67 39.40
CA GLY C 376 -7.43 -10.43 38.78
C GLY C 376 -7.09 -9.32 39.73
N VAL C 377 -6.13 -8.51 39.28
CA VAL C 377 -5.72 -7.26 39.88
C VAL C 377 -5.69 -6.19 38.81
N GLY C 378 -5.79 -4.94 39.26
CA GLY C 378 -5.64 -3.79 38.39
C GLY C 378 -6.37 -4.02 37.09
N MET C 379 -5.65 -3.89 35.97
CA MET C 379 -6.22 -3.96 34.62
C MET C 379 -5.95 -5.28 33.92
N VAL C 380 -5.95 -6.40 34.64
CA VAL C 380 -5.57 -7.70 34.06
C VAL C 380 -6.33 -8.80 34.78
N ALA C 381 -6.68 -9.86 34.07
CA ALA C 381 -7.55 -10.82 34.72
C ALA C 381 -7.53 -12.16 34.02
N ALA C 382 -7.91 -13.19 34.75
CA ALA C 382 -7.91 -14.54 34.21
C ALA C 382 -9.04 -15.37 34.80
N LEU C 383 -9.43 -16.39 34.04
CA LEU C 383 -10.50 -17.30 34.37
C LEU C 383 -9.91 -18.70 34.28
N GLU C 384 -10.29 -19.60 35.18
CA GLU C 384 -9.86 -20.99 34.98
C GLU C 384 -11.02 -21.81 34.44
N LEU C 385 -10.77 -22.53 33.35
CA LEU C 385 -11.79 -23.39 32.75
C LEU C 385 -11.60 -24.82 33.30
N VAL C 386 -12.71 -25.41 33.78
CA VAL C 386 -12.69 -26.67 34.52
C VAL C 386 -13.88 -27.56 34.21
N LYS C 387 -13.64 -28.89 34.27
CA LYS C 387 -14.64 -29.91 33.92
C LYS C 387 -15.84 -29.86 34.86
N SER C 388 -15.58 -29.86 36.16
CA SER C 388 -16.60 -29.71 37.19
C SER C 388 -15.96 -28.90 38.30
N LYS C 389 -16.76 -28.08 38.99
CA LYS C 389 -16.29 -27.18 40.05
C LYS C 389 -16.43 -27.79 41.45
N GLN C 390 -17.51 -28.51 41.71
CA GLN C 390 -17.84 -28.99 43.05
C GLN C 390 -16.89 -30.08 43.49
N PRO C 391 -16.45 -30.99 42.60
CA PRO C 391 -15.19 -31.70 42.85
C PRO C 391 -13.94 -30.97 42.34
N LEU C 392 -14.09 -29.94 41.51
CA LEU C 392 -12.99 -29.23 40.88
C LEU C 392 -12.01 -30.19 40.23
N GLU C 393 -12.45 -30.80 39.13
CA GLU C 393 -11.55 -31.57 38.29
C GLU C 393 -11.17 -30.77 37.05
N ARG C 394 -9.86 -30.68 36.80
CA ARG C 394 -9.39 -30.07 35.58
C ARG C 394 -9.59 -31.04 34.42
N PHE C 395 -9.52 -30.50 33.20
CA PHE C 395 -9.71 -31.30 32.00
C PHE C 395 -8.46 -32.11 31.71
N GLU C 396 -8.62 -33.29 31.12
CA GLU C 396 -7.48 -33.86 30.41
C GLU C 396 -7.35 -33.06 29.11
N GLU C 397 -6.18 -32.50 28.86
CA GLU C 397 -5.98 -31.51 27.80
C GLU C 397 -6.88 -30.27 27.96
N PRO C 398 -6.54 -29.38 28.91
CA PRO C 398 -7.30 -28.12 29.09
C PRO C 398 -6.93 -27.04 28.11
N GLY C 399 -5.82 -27.20 27.41
CA GLY C 399 -5.46 -26.25 26.40
C GLY C 399 -6.45 -26.30 25.25
N LYS C 400 -6.91 -27.50 24.90
CA LYS C 400 -7.90 -27.61 23.83
C LYS C 400 -9.19 -26.91 24.21
N VAL C 401 -9.44 -26.71 25.50
CA VAL C 401 -10.67 -26.04 25.91
C VAL C 401 -10.54 -24.53 25.85
N GLY C 402 -9.40 -23.99 26.30
CA GLY C 402 -9.20 -22.55 26.19
C GLY C 402 -8.92 -22.13 24.76
N SER C 403 -8.22 -22.99 24.02
CA SER C 403 -7.96 -22.78 22.60
C SER C 403 -9.25 -22.68 21.82
N LEU C 404 -10.30 -23.34 22.27
CA LEU C 404 -11.62 -23.17 21.67
C LEU C 404 -12.29 -21.88 22.12
N CYS C 405 -12.24 -21.59 23.42
CA CYS C 405 -12.87 -20.39 23.96
C CYS C 405 -12.23 -19.13 23.39
N ARG C 406 -10.91 -19.14 23.16
CA ARG C 406 -10.30 -18.01 22.48
C ARG C 406 -10.86 -17.86 21.08
N ASP C 407 -10.97 -18.97 20.33
CA ASP C 407 -11.51 -18.93 18.97
C ASP C 407 -12.96 -18.48 18.93
N LEU C 408 -13.70 -18.61 20.00
CA LEU C 408 -15.08 -18.15 20.04
C LEU C 408 -15.23 -16.79 20.69
N SER C 409 -14.20 -16.31 21.38
CA SER C 409 -14.25 -14.93 21.87
C SER C 409 -14.05 -13.98 20.69
N VAL C 410 -13.05 -14.27 19.83
CA VAL C 410 -12.87 -13.49 18.61
C VAL C 410 -14.14 -13.59 17.77
N LYS C 411 -14.61 -14.83 17.50
CA LYS C 411 -15.84 -15.04 16.71
C LYS C 411 -17.09 -14.44 17.42
N ASN C 412 -16.98 -13.89 18.64
CA ASN C 412 -18.03 -13.11 19.28
C ASN C 412 -17.62 -11.67 19.57
N GLY C 413 -16.51 -11.21 19.01
CA GLY C 413 -16.08 -9.84 19.15
C GLY C 413 -15.36 -9.48 20.43
N LEU C 414 -14.43 -10.32 20.88
CA LEU C 414 -13.63 -10.05 22.07
C LEU C 414 -12.35 -10.86 22.03
N VAL C 415 -11.19 -10.18 22.02
CA VAL C 415 -9.92 -10.87 22.08
C VAL C 415 -9.64 -11.23 23.54
N MET C 416 -9.12 -12.46 23.73
CA MET C 416 -8.93 -13.09 25.04
C MET C 416 -7.95 -14.24 24.83
N ARG C 417 -6.82 -14.23 25.53
CA ARG C 417 -5.83 -15.25 25.26
C ARG C 417 -6.13 -16.51 26.04
N ALA C 418 -5.52 -17.61 25.60
CA ALA C 418 -5.60 -18.88 26.31
C ALA C 418 -4.16 -19.35 26.59
N VAL C 419 -3.72 -19.19 27.83
CA VAL C 419 -2.63 -20.00 28.37
C VAL C 419 -3.29 -21.24 28.95
N GLY C 420 -3.06 -22.39 28.34
CA GLY C 420 -3.69 -23.57 28.87
C GLY C 420 -5.19 -23.40 28.75
N GLY C 421 -5.89 -23.71 29.83
CA GLY C 421 -7.33 -23.52 29.94
C GLY C 421 -7.63 -22.28 30.74
N THR C 422 -6.68 -21.37 30.77
CA THR C 422 -6.79 -20.12 31.49
C THR C 422 -7.16 -19.07 30.46
N MET C 423 -8.23 -18.35 30.68
CA MET C 423 -8.59 -17.24 29.81
C MET C 423 -8.17 -15.95 30.48
N ILE C 424 -7.53 -15.07 29.71
CA ILE C 424 -6.95 -13.84 30.22
C ILE C 424 -7.39 -12.67 29.37
N ILE C 425 -7.43 -11.50 29.99
CA ILE C 425 -7.65 -10.24 29.29
C ILE C 425 -6.70 -9.22 29.87
N SER C 426 -6.13 -8.40 29.00
CA SER C 426 -5.28 -7.30 29.43
C SER C 426 -5.62 -6.07 28.62
N PRO C 427 -6.76 -5.46 28.88
CA PRO C 427 -7.30 -4.42 27.98
C PRO C 427 -6.47 -3.16 27.96
N PRO C 428 -6.68 -2.29 26.97
CA PRO C 428 -6.00 -0.99 26.99
C PRO C 428 -6.42 -0.23 28.23
N LEU C 429 -5.60 0.74 28.65
CA LEU C 429 -5.96 1.40 29.90
C LEU C 429 -7.00 2.49 29.74
N VAL C 430 -7.40 2.80 28.51
CA VAL C 430 -8.39 3.83 28.26
C VAL C 430 -9.81 3.26 28.26
N LEU C 431 -9.95 1.93 28.48
CA LEU C 431 -11.26 1.28 28.50
C LEU C 431 -12.25 2.13 29.30
N SER C 432 -13.49 2.15 28.83
CA SER C 432 -14.57 2.86 29.49
C SER C 432 -15.57 1.84 30.01
N ARG C 433 -16.31 2.20 31.08
CA ARG C 433 -17.25 1.20 31.59
C ARG C 433 -18.22 0.63 30.56
N GLU C 434 -18.62 1.39 29.55
CA GLU C 434 -19.44 0.70 28.57
C GLU C 434 -18.66 -0.46 27.97
N GLN C 435 -17.34 -0.29 27.83
CA GLN C 435 -16.51 -1.25 27.13
C GLN C 435 -16.15 -2.42 28.04
N VAL C 436 -16.35 -2.27 29.33
CA VAL C 436 -16.26 -3.45 30.15
C VAL C 436 -17.56 -4.26 30.09
N ASP C 437 -18.73 -3.60 30.10
CA ASP C 437 -19.98 -4.33 29.95
C ASP C 437 -20.07 -5.04 28.60
N GLU C 438 -19.42 -4.51 27.54
CA GLU C 438 -19.25 -5.33 26.34
C GLU C 438 -18.41 -6.55 26.70
N LEU C 439 -17.32 -6.31 27.42
CA LEU C 439 -16.35 -7.36 27.69
C LEU C 439 -16.98 -8.47 28.53
N ILE C 440 -17.77 -8.09 29.53
CA ILE C 440 -18.39 -9.06 30.42
C ILE C 440 -19.47 -9.85 29.69
N ASP C 441 -20.31 -9.14 28.95
CA ASP C 441 -21.44 -9.81 28.30
C ASP C 441 -20.95 -10.67 27.16
N LYS C 442 -19.88 -10.22 26.48
CA LYS C 442 -19.28 -11.02 25.43
C LYS C 442 -18.52 -12.22 25.99
N ALA C 443 -17.94 -12.04 27.17
CA ALA C 443 -17.32 -13.17 27.85
C ALA C 443 -18.40 -14.16 28.30
N ARG C 444 -19.43 -13.68 28.99
CA ARG C 444 -20.46 -14.64 29.39
C ARG C 444 -20.98 -15.43 28.18
N ARG C 445 -21.30 -14.74 27.09
CA ARG C 445 -21.73 -15.45 25.90
C ARG C 445 -20.69 -16.48 25.46
N THR C 446 -19.40 -16.09 25.49
CA THR C 446 -18.36 -17.00 25.02
C THR C 446 -18.22 -18.20 25.94
N LEU C 447 -18.48 -18.00 27.25
CA LEU C 447 -18.44 -19.11 28.18
C LEU C 447 -19.63 -20.04 28.00
N ASP C 448 -20.82 -19.46 27.82
CA ASP C 448 -22.02 -20.25 27.58
C ASP C 448 -21.86 -21.12 26.33
N GLU C 449 -21.25 -20.57 25.28
CA GLU C 449 -21.04 -21.37 24.06
C GLU C 449 -20.01 -22.46 24.31
N THR C 450 -18.95 -22.11 25.03
CA THR C 450 -17.94 -23.10 25.37
C THR C 450 -18.56 -24.17 26.25
N HIS C 451 -19.44 -23.79 27.18
CA HIS C 451 -20.03 -24.78 28.06
C HIS C 451 -21.05 -25.69 27.40
N LYS C 452 -21.59 -25.30 26.26
CA LYS C 452 -22.56 -26.17 25.61
C LYS C 452 -21.80 -27.25 24.86
N ALA C 453 -20.79 -26.86 24.10
CA ALA C 453 -20.03 -27.86 23.38
C ALA C 453 -19.46 -28.92 24.32
N ILE C 454 -18.84 -28.49 25.42
CA ILE C 454 -18.16 -29.44 26.30
C ILE C 454 -19.10 -30.42 26.98
N GLY C 455 -20.40 -30.11 27.05
CA GLY C 455 -21.35 -30.98 27.71
C GLY C 455 -22.60 -30.27 28.15
N SER D 34 30.06 15.62 22.03
CA SER D 34 30.97 16.62 21.48
C SER D 34 30.20 17.71 20.74
N ARG D 35 30.25 17.70 19.40
CA ARG D 35 29.56 18.70 18.59
C ARG D 35 28.06 18.46 18.63
N ILE D 36 27.28 19.52 18.51
CA ILE D 36 25.83 19.39 18.53
C ILE D 36 25.34 19.51 17.09
N ILE D 37 25.03 18.38 16.48
CA ILE D 37 24.47 18.41 15.14
C ILE D 37 23.04 18.93 15.20
N THR D 38 22.76 19.97 14.44
CA THR D 38 21.42 20.51 14.39
C THR D 38 20.68 19.76 13.28
N ARG D 39 21.11 19.95 12.02
CA ARG D 39 20.51 19.37 10.83
C ARG D 39 21.38 18.31 10.15
N ALA D 40 20.73 17.48 9.35
CA ALA D 40 21.41 16.42 8.60
C ALA D 40 20.63 16.09 7.34
N GLU D 41 21.28 16.25 6.19
CA GLU D 41 20.66 15.93 4.91
C GLU D 41 21.76 15.28 4.09
N GLY D 42 21.41 14.26 3.33
CA GLY D 42 22.38 13.67 2.40
C GLY D 42 23.52 12.99 3.12
N CYS D 43 24.75 13.34 2.75
CA CYS D 43 25.92 12.81 3.42
C CYS D 43 26.57 13.80 4.35
N TYR D 44 25.85 14.86 4.75
CA TYR D 44 26.44 15.96 5.48
C TYR D 44 25.74 16.15 6.81
N LEU D 45 26.46 16.68 7.78
CA LEU D 45 25.88 17.03 9.07
C LEU D 45 26.28 18.47 9.36
N TRP D 46 25.32 19.38 9.44
CA TRP D 46 25.64 20.73 9.86
C TRP D 46 25.44 20.77 11.36
N ASP D 47 26.39 21.40 12.06
CA ASP D 47 26.38 21.46 13.53
C ASP D 47 25.93 22.86 14.00
N SER D 48 25.87 23.06 15.31
CA SER D 48 25.31 24.29 15.84
C SER D 48 25.93 25.55 15.25
N ASP D 49 27.14 25.45 14.71
CA ASP D 49 27.90 26.60 14.24
C ASP D 49 27.91 26.77 12.71
N GLY D 50 27.13 25.98 11.98
CA GLY D 50 27.13 26.15 10.54
C GLY D 50 28.23 25.40 9.82
N ASN D 51 28.92 24.48 10.52
CA ASN D 51 30.00 23.72 9.92
C ASN D 51 29.40 22.53 9.15
N GLN D 52 29.78 22.41 7.88
CA GLN D 52 29.42 21.27 7.04
C GLN D 52 30.43 20.16 7.33
N ILE D 53 29.92 18.97 7.66
CA ILE D 53 30.75 17.82 8.05
C ILE D 53 30.38 16.62 7.18
N LEU D 54 31.27 16.22 6.29
CA LEU D 54 31.02 15.02 5.51
C LEU D 54 31.05 13.86 6.48
N ASP D 55 29.94 13.10 6.55
CA ASP D 55 29.80 11.95 7.44
C ASP D 55 30.39 10.72 6.75
N GLY D 56 31.64 10.41 7.09
CA GLY D 56 32.23 9.26 6.46
C GLY D 56 31.85 7.99 7.11
N MET D 57 31.09 8.05 8.19
CA MET D 57 30.72 6.85 8.91
C MET D 57 29.25 6.46 8.82
N ALA D 58 28.54 6.87 7.78
CA ALA D 58 27.10 6.63 7.69
C ALA D 58 26.42 6.49 9.06
N GLY D 59 26.84 7.31 10.03
CA GLY D 59 26.36 7.29 11.40
C GLY D 59 27.03 6.23 12.25
N LEU D 60 26.74 5.00 11.96
CA LEU D 60 27.43 3.90 12.59
C LEU D 60 27.32 2.72 11.62
N TRP D 61 27.82 2.94 10.41
CA TRP D 61 27.81 2.02 9.30
C TRP D 61 26.41 1.74 8.77
N CYS D 62 25.41 2.50 9.16
CA CYS D 62 24.04 2.10 8.89
C CYS D 62 23.30 2.98 7.86
N VAL D 63 23.39 4.30 7.87
CA VAL D 63 22.52 5.03 6.94
C VAL D 63 23.00 4.93 5.49
N ASN D 64 22.48 3.95 4.76
CA ASN D 64 22.99 3.77 3.42
C ASN D 64 22.32 4.73 2.43
N ILE D 65 20.99 4.94 2.51
CA ILE D 65 20.34 5.86 1.56
C ILE D 65 20.55 7.31 1.93
N GLY D 66 21.45 7.57 2.87
CA GLY D 66 21.77 8.92 3.28
C GLY D 66 20.69 9.49 4.18
N TYR D 67 20.96 10.65 4.73
CA TYR D 67 19.98 11.27 5.59
C TYR D 67 18.90 11.98 4.75
N GLY D 68 17.88 12.49 5.44
CA GLY D 68 16.90 13.39 4.82
C GLY D 68 16.02 12.82 3.70
N ARG D 69 15.65 11.59 3.82
CA ARG D 69 14.74 10.94 2.88
C ARG D 69 13.34 10.94 3.46
N LYS D 70 12.57 11.92 3.06
CA LYS D 70 11.23 11.99 3.62
C LYS D 70 10.50 10.70 3.37
N GLU D 71 10.80 10.01 2.25
CA GLU D 71 9.91 8.91 1.87
C GLU D 71 9.88 7.84 2.97
N LEU D 72 10.93 7.73 3.77
CA LEU D 72 10.89 6.76 4.86
C LEU D 72 10.08 7.28 6.05
N ALA D 73 10.26 8.54 6.42
CA ALA D 73 9.44 9.07 7.51
C ALA D 73 7.97 9.01 7.15
N GLU D 74 7.63 9.14 5.86
CA GLU D 74 6.21 9.06 5.46
C GLU D 74 5.68 7.66 5.72
N VAL D 75 6.40 6.62 5.25
CA VAL D 75 5.83 5.27 5.38
C VAL D 75 5.71 4.84 6.83
N ALA D 76 6.60 5.32 7.70
CA ALA D 76 6.45 5.09 9.14
C ALA D 76 5.20 5.78 9.67
N TYR D 77 5.00 7.04 9.30
CA TYR D 77 3.79 7.73 9.73
C TYR D 77 2.55 6.99 9.30
N ARG D 78 2.51 6.52 8.05
CA ARG D 78 1.29 5.91 7.54
C ARG D 78 1.03 4.57 8.24
N GLN D 79 2.09 3.81 8.58
CA GLN D 79 1.89 2.50 9.19
C GLN D 79 1.55 2.58 10.66
N MET D 80 2.12 3.55 11.39
CA MET D 80 1.72 3.75 12.79
C MET D 80 0.27 4.22 12.95
N GLN D 81 -0.36 4.67 11.86
CA GLN D 81 -1.76 5.08 11.91
C GLN D 81 -2.71 3.92 11.64
N GLU D 82 -2.40 3.08 10.68
CA GLU D 82 -3.32 1.97 10.43
C GLU D 82 -3.23 0.96 11.58
N LEU D 83 -2.06 0.30 11.75
CA LEU D 83 -1.89 -0.72 12.78
C LEU D 83 -0.49 -0.62 13.37
N PRO D 84 -0.34 -0.12 14.60
CA PRO D 84 1.02 0.04 15.14
C PRO D 84 1.58 -1.28 15.60
N TYR D 85 0.73 -2.26 15.91
CA TYR D 85 1.21 -3.57 16.33
C TYR D 85 -0.03 -4.46 16.43
N TYR D 86 0.19 -5.78 16.35
CA TYR D 86 -0.96 -6.67 16.40
C TYR D 86 -0.48 -8.07 16.70
N ASN D 87 -1.35 -8.85 17.35
CA ASN D 87 -1.05 -10.25 17.66
C ASN D 87 -0.94 -11.08 16.37
N ASN D 88 -0.38 -12.27 16.47
CA ASN D 88 -0.17 -13.06 15.28
C ASN D 88 -1.43 -13.80 14.89
N PHE D 89 -2.43 -13.84 15.79
CA PHE D 89 -3.72 -14.48 15.50
C PHE D 89 -4.43 -13.69 14.41
N PHE D 90 -4.43 -12.37 14.56
CA PHE D 90 -4.91 -11.36 13.65
C PHE D 90 -3.78 -10.91 12.71
N GLN D 91 -4.14 -10.38 11.55
CA GLN D 91 -3.11 -9.85 10.66
C GLN D 91 -3.60 -8.61 9.91
N CYS D 92 -2.66 -7.94 9.23
CA CYS D 92 -2.95 -6.75 8.43
C CYS D 92 -3.39 -7.23 7.05
N SER D 93 -3.80 -6.32 6.15
CA SER D 93 -4.27 -6.79 4.85
C SER D 93 -3.11 -7.08 3.90
N HIS D 94 -2.15 -6.18 3.83
CA HIS D 94 -0.96 -6.31 2.99
C HIS D 94 0.11 -6.11 4.02
N PRO D 95 0.36 -7.14 4.83
CA PRO D 95 1.18 -6.99 6.01
C PRO D 95 2.56 -6.54 5.64
N PRO D 96 3.14 -5.65 6.42
CA PRO D 96 4.40 -5.04 6.00
C PRO D 96 5.52 -6.02 6.04
N ALA D 97 5.47 -6.95 6.97
CA ALA D 97 6.58 -7.88 7.11
C ALA D 97 6.62 -8.87 5.97
N ILE D 98 5.49 -9.22 5.37
CA ILE D 98 5.54 -10.16 4.27
C ILE D 98 6.06 -9.48 3.00
N GLU D 99 5.73 -8.20 2.81
CA GLU D 99 6.30 -7.51 1.65
C GLU D 99 7.83 -7.46 1.81
N LEU D 100 8.31 -7.10 2.99
CA LEU D 100 9.76 -7.04 3.20
C LEU D 100 10.39 -8.36 2.84
N SER D 101 9.78 -9.44 3.30
CA SER D 101 10.33 -10.77 3.07
C SER D 101 10.48 -11.12 1.58
N ARG D 102 9.54 -10.68 0.72
CA ARG D 102 9.73 -10.91 -0.71
C ARG D 102 10.96 -10.16 -1.22
N LEU D 103 11.14 -8.93 -0.78
CA LEU D 103 12.28 -8.14 -1.22
C LEU D 103 13.61 -8.79 -0.82
N LEU D 104 13.72 -9.24 0.41
CA LEU D 104 14.98 -9.84 0.83
C LEU D 104 15.25 -11.18 0.13
N SER D 105 14.19 -11.81 -0.31
CA SER D 105 14.23 -13.05 -1.05
C SER D 105 14.43 -12.78 -2.52
N GLU D 106 14.49 -11.53 -2.89
CA GLU D 106 14.75 -11.12 -4.26
C GLU D 106 16.07 -10.40 -4.39
N VAL D 107 16.40 -9.47 -3.47
CA VAL D 107 17.63 -8.73 -3.64
C VAL D 107 18.79 -9.68 -3.56
N THR D 108 18.76 -10.59 -2.58
CA THR D 108 19.72 -11.68 -2.53
C THR D 108 19.06 -12.92 -1.99
N PRO D 109 18.69 -13.82 -2.83
CA PRO D 109 18.10 -15.06 -2.41
C PRO D 109 18.90 -16.11 -3.14
N LYS D 110 20.22 -15.81 -3.33
CA LYS D 110 21.05 -16.77 -4.06
C LYS D 110 20.25 -18.07 -3.87
N HIS D 111 20.24 -18.54 -2.61
CA HIS D 111 19.47 -19.69 -2.14
C HIS D 111 18.74 -19.37 -0.87
N MET D 112 18.75 -18.12 -0.43
CA MET D 112 18.12 -17.72 0.81
C MET D 112 16.75 -17.19 0.44
N ASN D 113 15.67 -17.92 0.72
CA ASN D 113 14.32 -17.42 0.40
C ASN D 113 13.43 -17.48 1.64
N HIS D 114 14.01 -17.46 2.83
CA HIS D 114 13.25 -17.48 4.11
C HIS D 114 13.92 -16.55 5.11
N VAL D 115 13.19 -15.67 5.79
CA VAL D 115 13.78 -14.74 6.79
C VAL D 115 12.92 -14.77 8.05
N PHE D 116 13.53 -14.78 9.23
CA PHE D 116 12.88 -14.50 10.55
C PHE D 116 13.37 -13.12 10.98
N PHE D 117 12.54 -12.30 11.61
CA PHE D 117 12.89 -10.92 12.04
C PHE D 117 13.07 -10.86 13.56
N THR D 118 13.63 -9.75 14.06
CA THR D 118 13.85 -9.50 15.51
C THR D 118 13.89 -7.99 15.79
N GLY D 119 14.16 -7.46 17.04
CA GLY D 119 14.15 -6.08 17.50
C GLY D 119 15.43 -5.26 17.32
N SER D 120 16.54 -5.88 16.94
CA SER D 120 17.83 -5.22 16.72
C SER D 120 18.69 -6.24 16.00
N GLY D 121 19.96 -5.88 15.74
CA GLY D 121 20.85 -6.80 15.06
C GLY D 121 21.61 -7.72 15.98
N SER D 122 21.61 -7.37 17.27
CA SER D 122 22.17 -8.18 18.34
C SER D 122 21.23 -9.31 18.71
N ASP D 123 19.94 -9.00 18.84
CA ASP D 123 18.92 -10.05 18.94
C ASP D 123 19.09 -11.13 17.87
N SER D 124 19.64 -10.77 16.71
CA SER D 124 19.65 -11.67 15.57
C SER D 124 20.57 -12.85 15.78
N ASN D 125 21.77 -12.58 16.30
CA ASN D 125 22.76 -13.64 16.53
C ASN D 125 22.30 -14.61 17.61
N ASP D 126 21.44 -14.14 18.54
CA ASP D 126 20.80 -15.04 19.49
C ASP D 126 19.95 -16.07 18.75
N THR D 127 19.09 -15.62 17.88
CA THR D 127 18.25 -16.55 17.13
C THR D 127 19.07 -17.53 16.29
N ILE D 128 20.25 -17.13 15.82
CA ILE D 128 21.06 -18.04 15.01
C ILE D 128 21.64 -19.15 15.85
N LEU D 129 22.36 -18.77 16.91
CA LEU D 129 22.85 -19.76 17.87
C LEU D 129 21.72 -20.71 18.26
N ARG D 130 20.55 -20.17 18.56
CA ARG D 130 19.47 -21.04 18.96
C ARG D 130 19.17 -22.04 17.85
N MET D 131 19.02 -21.56 16.65
CA MET D 131 18.47 -22.42 15.63
C MET D 131 19.56 -23.22 14.92
N VAL D 132 20.79 -22.75 14.92
CA VAL D 132 21.85 -23.59 14.35
C VAL D 132 21.95 -24.86 15.17
N ARG D 133 21.85 -24.75 16.50
CA ARG D 133 21.86 -25.92 17.36
C ARG D 133 20.62 -26.79 17.13
N TYR D 134 19.45 -26.18 17.05
CA TYR D 134 18.20 -26.89 16.78
C TYR D 134 18.14 -27.60 15.44
N TYR D 135 18.95 -27.22 14.46
CA TYR D 135 18.95 -27.89 13.16
C TYR D 135 19.62 -29.22 13.24
N TRP D 136 20.74 -29.29 13.93
CA TRP D 136 21.44 -30.57 14.01
C TRP D 136 20.66 -31.52 14.89
N LYS D 137 20.09 -31.02 15.98
CA LYS D 137 19.20 -31.85 16.78
C LYS D 137 18.20 -32.56 15.86
N LEU D 138 17.59 -31.84 14.91
CA LEU D 138 16.57 -32.47 14.06
C LEU D 138 17.17 -33.44 13.04
N LEU D 139 18.48 -33.37 12.76
CA LEU D 139 19.11 -34.34 11.89
C LEU D 139 19.75 -35.49 12.69
N GLY D 140 19.36 -35.66 13.95
CA GLY D 140 19.90 -36.70 14.80
C GLY D 140 21.27 -36.52 15.40
N LYS D 141 21.77 -35.29 15.52
CA LYS D 141 23.13 -35.05 15.99
C LYS D 141 23.15 -33.95 17.06
N PRO D 142 22.48 -34.19 18.18
CA PRO D 142 22.43 -33.15 19.24
C PRO D 142 23.77 -32.72 19.83
N TYR D 143 24.81 -33.52 19.67
CA TYR D 143 26.12 -33.18 20.21
C TYR D 143 26.83 -32.10 19.40
N LYS D 144 26.36 -31.84 18.16
CA LYS D 144 26.84 -30.72 17.33
C LYS D 144 26.18 -29.44 17.82
N LYS D 145 26.92 -28.72 18.64
CA LYS D 145 26.40 -27.54 19.32
C LYS D 145 27.43 -26.46 19.47
N VAL D 146 28.65 -26.66 19.04
CA VAL D 146 29.69 -25.66 19.22
C VAL D 146 29.70 -24.71 18.02
N VAL D 147 30.03 -23.45 18.27
CA VAL D 147 30.07 -22.43 17.25
C VAL D 147 31.41 -21.75 17.38
N ILE D 148 32.16 -21.75 16.32
CA ILE D 148 33.48 -21.13 16.28
C ILE D 148 33.38 -19.71 15.77
N SER D 149 33.98 -18.75 16.48
CA SER D 149 34.05 -17.37 16.00
C SER D 149 35.50 -16.98 15.73
N ARG D 150 35.78 -15.68 15.79
CA ARG D 150 37.14 -15.21 15.59
C ARG D 150 37.47 -14.14 16.61
N GLU D 151 38.77 -13.99 16.89
CA GLU D 151 39.24 -12.97 17.81
C GLU D 151 39.04 -11.62 17.10
N ASN D 152 38.62 -10.60 17.85
CA ASN D 152 38.33 -9.26 17.32
C ASN D 152 37.18 -9.27 16.31
N ALA D 153 36.25 -10.19 16.43
CA ALA D 153 35.05 -10.19 15.61
C ALA D 153 33.91 -9.64 16.44
N TYR D 154 33.02 -8.87 15.82
CA TYR D 154 31.86 -8.36 16.52
C TYR D 154 30.60 -9.08 16.04
N HIS D 155 29.81 -9.62 16.98
CA HIS D 155 28.63 -10.38 16.58
C HIS D 155 27.40 -10.12 17.44
N GLY D 156 27.35 -9.00 18.13
CA GLY D 156 26.19 -8.66 18.90
C GLY D 156 26.60 -8.08 20.23
N SER D 157 25.64 -7.64 21.01
CA SER D 157 25.91 -7.06 22.30
C SER D 157 25.04 -7.69 23.37
N THR D 158 24.12 -8.57 23.01
CA THR D 158 23.43 -9.39 24.00
C THR D 158 24.41 -10.36 24.62
N VAL D 159 23.93 -11.18 25.56
CA VAL D 159 24.84 -12.12 26.19
C VAL D 159 25.33 -13.18 25.21
N ALA D 160 24.60 -13.44 24.11
CA ALA D 160 25.17 -14.33 23.10
C ALA D 160 26.00 -13.59 22.08
N GLY D 161 25.64 -12.39 21.68
CA GLY D 161 26.49 -11.68 20.75
C GLY D 161 27.85 -11.38 21.36
N ALA D 162 27.88 -11.08 22.67
CA ALA D 162 29.13 -10.69 23.29
C ALA D 162 30.02 -11.90 23.54
N SER D 163 29.41 -13.10 23.62
CA SER D 163 30.19 -14.31 23.72
C SER D 163 30.73 -14.70 22.37
N LEU D 164 29.91 -14.64 21.31
CA LEU D 164 30.39 -14.96 19.97
C LEU D 164 31.45 -13.98 19.55
N SER D 165 31.31 -12.73 19.91
CA SER D 165 32.32 -11.75 19.53
C SER D 165 33.61 -11.99 20.32
N GLY D 166 34.72 -11.87 19.61
CA GLY D 166 36.08 -12.06 20.03
C GLY D 166 36.71 -10.87 20.73
N MET D 167 35.95 -9.79 20.86
CA MET D 167 36.42 -8.65 21.63
C MET D 167 36.75 -9.13 23.04
N LYS D 168 38.02 -9.05 23.44
CA LYS D 168 38.39 -9.57 24.75
C LYS D 168 37.91 -8.63 25.86
N ALA D 169 37.58 -7.37 25.53
CA ALA D 169 37.04 -6.43 26.53
C ALA D 169 35.61 -6.77 26.97
N MET D 170 34.75 -7.20 26.04
CA MET D 170 33.39 -7.58 26.39
C MET D 170 33.39 -8.85 27.24
N HIS D 171 34.37 -9.73 27.03
CA HIS D 171 34.49 -10.95 27.83
C HIS D 171 34.85 -10.65 29.29
N SER D 172 35.53 -9.51 29.56
CA SER D 172 35.85 -9.13 30.94
C SER D 172 34.51 -9.15 31.68
N HIS D 173 34.34 -10.13 32.56
CA HIS D 173 33.06 -10.43 33.21
C HIS D 173 33.37 -11.56 34.18
N GLY D 174 34.26 -12.46 33.72
CA GLY D 174 34.60 -13.65 34.44
C GLY D 174 34.21 -14.90 33.69
N ASP D 175 32.96 -15.01 33.24
CA ASP D 175 32.54 -16.16 32.44
C ASP D 175 31.54 -15.75 31.37
N LEU D 176 31.84 -14.71 30.61
CA LEU D 176 30.87 -14.29 29.60
C LEU D 176 30.76 -15.37 28.54
N PRO D 177 31.87 -15.76 27.83
CA PRO D 177 31.72 -16.74 26.73
C PRO D 177 30.86 -17.89 27.21
N ILE D 178 29.64 -17.98 26.71
CA ILE D 178 28.69 -18.97 27.22
C ILE D 178 29.18 -20.35 26.79
N PRO D 179 28.70 -21.41 27.41
CA PRO D 179 29.17 -22.73 27.01
C PRO D 179 28.93 -22.97 25.51
N GLY D 180 29.95 -23.54 24.86
CA GLY D 180 29.83 -23.96 23.48
C GLY D 180 30.20 -22.97 22.41
N ILE D 181 31.03 -21.99 22.72
CA ILE D 181 31.50 -20.96 21.80
C ILE D 181 33.02 -21.02 21.89
N GLU D 182 33.69 -21.18 20.75
CA GLU D 182 35.14 -21.07 20.62
C GLU D 182 35.55 -19.86 19.77
N HIS D 183 36.87 -19.54 19.73
CA HIS D 183 37.38 -18.41 18.96
C HIS D 183 38.72 -18.70 18.32
N ILE D 184 38.95 -18.20 17.10
CA ILE D 184 40.18 -18.54 16.41
C ILE D 184 40.89 -17.28 15.89
N GLU D 185 42.01 -17.52 15.20
CA GLU D 185 42.90 -16.45 14.79
C GLU D 185 42.15 -15.52 13.86
N GLN D 186 42.43 -14.19 13.98
CA GLN D 186 41.85 -13.36 12.91
C GLN D 186 42.83 -13.18 11.76
N PRO D 187 42.28 -13.01 10.58
CA PRO D 187 43.08 -12.82 9.36
C PRO D 187 43.45 -11.36 9.14
N TYR D 188 44.05 -10.75 10.16
CA TYR D 188 44.57 -9.38 10.13
C TYR D 188 46.02 -9.47 9.69
N HIS D 189 46.27 -9.39 8.40
CA HIS D 189 47.64 -9.54 7.93
C HIS D 189 48.55 -8.43 8.49
N PHE D 190 48.10 -7.18 8.45
CA PHE D 190 49.00 -6.11 8.85
C PHE D 190 49.40 -6.22 10.32
N GLY D 191 48.51 -6.67 11.20
CA GLY D 191 48.78 -6.59 12.63
C GLY D 191 49.31 -7.85 13.27
N ARG D 192 48.92 -9.01 12.69
CA ARG D 192 49.43 -10.31 13.09
C ARG D 192 50.83 -10.51 12.54
N ALA D 193 51.02 -10.35 11.23
CA ALA D 193 52.21 -10.87 10.53
C ALA D 193 52.59 -10.07 9.28
N PRO D 194 53.17 -8.87 9.46
CA PRO D 194 53.30 -7.94 8.32
C PRO D 194 54.13 -8.45 7.13
N ASP D 195 54.96 -9.46 7.34
CA ASP D 195 55.89 -9.88 6.31
C ASP D 195 55.43 -11.10 5.56
N MET D 196 54.78 -12.01 6.25
CA MET D 196 54.24 -13.19 5.60
C MET D 196 53.62 -12.79 4.27
N ASP D 197 53.77 -13.65 3.29
CA ASP D 197 53.08 -13.45 2.05
C ASP D 197 51.58 -13.42 2.34
N PRO D 198 50.87 -12.39 1.92
CA PRO D 198 49.44 -12.32 2.26
C PRO D 198 48.63 -13.58 1.95
N ALA D 199 48.85 -14.26 0.82
CA ALA D 199 48.02 -15.44 0.56
C ALA D 199 48.45 -16.64 1.39
N GLU D 200 49.73 -16.77 1.75
CA GLU D 200 50.10 -17.85 2.64
C GLU D 200 49.64 -17.52 4.07
N PHE D 201 49.71 -16.26 4.47
CA PHE D 201 49.08 -15.84 5.74
C PHE D 201 47.57 -16.00 5.69
N GLY D 202 47.00 -15.86 4.51
CA GLY D 202 45.58 -16.06 4.38
C GLY D 202 45.21 -17.49 4.63
N ARG D 203 45.95 -18.41 4.02
CA ARG D 203 45.65 -19.81 4.22
C ARG D 203 45.98 -20.18 5.67
N GLN D 204 46.97 -19.50 6.26
CA GLN D 204 47.38 -19.82 7.64
C GLN D 204 46.25 -19.54 8.60
N ALA D 205 45.58 -18.40 8.44
CA ALA D 205 44.54 -17.99 9.38
C ALA D 205 43.24 -18.72 9.12
N ALA D 206 43.04 -19.22 7.90
CA ALA D 206 41.81 -19.95 7.60
C ALA D 206 41.88 -21.38 8.05
N GLN D 207 43.09 -21.95 8.07
CA GLN D 207 43.28 -23.29 8.60
C GLN D 207 43.23 -23.28 10.10
N ALA D 208 43.37 -22.11 10.74
CA ALA D 208 43.06 -22.03 12.16
C ALA D 208 41.68 -22.59 12.40
N LEU D 209 40.82 -22.55 11.39
CA LEU D 209 39.52 -23.20 11.54
C LEU D 209 39.68 -24.70 11.52
N GLU D 210 40.50 -25.24 10.61
CA GLU D 210 40.63 -26.70 10.52
C GLU D 210 41.33 -27.24 11.75
N ARG D 211 42.31 -26.51 12.27
CA ARG D 211 42.97 -26.92 13.52
C ARG D 211 41.99 -26.97 14.68
N LYS D 212 41.18 -25.91 14.85
CA LYS D 212 40.27 -25.92 16.00
C LYS D 212 39.25 -27.03 15.91
N ILE D 213 38.92 -27.46 14.68
CA ILE D 213 37.94 -28.55 14.53
C ILE D 213 38.55 -29.87 15.01
N ASP D 214 39.87 -30.05 14.74
CA ASP D 214 40.54 -31.31 15.06
C ASP D 214 40.80 -31.46 16.55
N GLU D 215 40.68 -30.37 17.31
CA GLU D 215 40.81 -30.46 18.75
C GLU D 215 39.45 -30.64 19.41
N ILE D 216 38.46 -29.90 18.92
CA ILE D 216 37.11 -29.89 19.47
C ILE D 216 36.34 -31.15 19.10
N GLY D 217 36.60 -31.65 17.88
CA GLY D 217 35.92 -32.79 17.31
C GLY D 217 34.81 -32.46 16.35
N GLU D 218 34.99 -32.74 15.06
CA GLU D 218 34.01 -32.40 14.02
C GLU D 218 32.60 -32.67 14.50
N CYS D 219 32.38 -33.80 15.15
CA CYS D 219 31.01 -34.09 15.56
C CYS D 219 30.52 -33.20 16.69
N ASN D 220 31.36 -32.35 17.26
CA ASN D 220 30.90 -31.39 18.24
C ASN D 220 30.64 -30.00 17.66
N VAL D 221 31.14 -29.72 16.46
CA VAL D 221 31.07 -28.37 15.91
C VAL D 221 29.80 -28.20 15.10
N ALA D 222 28.99 -27.21 15.46
CA ALA D 222 27.76 -26.93 14.74
C ALA D 222 27.96 -25.93 13.60
N ALA D 223 28.84 -24.94 13.75
CA ALA D 223 29.05 -24.02 12.67
C ALA D 223 30.14 -23.01 12.99
N PHE D 224 30.55 -22.34 11.96
CA PHE D 224 31.59 -21.36 12.05
C PHE D 224 30.99 -20.09 11.55
N ILE D 225 31.32 -18.95 12.22
CA ILE D 225 30.76 -17.66 11.83
C ILE D 225 31.80 -16.56 11.80
N ALA D 226 31.67 -15.75 10.76
CA ALA D 226 32.60 -14.67 10.50
C ALA D 226 31.87 -13.56 9.75
N GLU D 227 32.18 -12.33 10.12
CA GLU D 227 31.92 -11.23 9.23
C GLU D 227 32.75 -11.43 7.96
N PRO D 228 32.22 -11.05 6.77
CA PRO D 228 33.06 -11.12 5.56
C PRO D 228 34.27 -10.21 5.68
N ILE D 229 34.08 -9.11 6.39
CA ILE D 229 35.12 -8.17 6.76
C ILE D 229 34.83 -7.71 8.17
N GLN D 230 35.80 -7.79 9.03
CA GLN D 230 35.51 -7.44 10.40
C GLN D 230 35.37 -5.94 10.42
N GLY D 231 34.16 -5.48 10.69
CA GLY D 231 33.97 -4.06 10.69
C GLY D 231 34.34 -3.40 12.00
N ALA D 232 33.54 -3.75 13.01
CA ALA D 232 33.64 -3.08 14.28
C ALA D 232 35.05 -3.14 14.83
N GLY D 233 35.89 -4.01 14.26
CA GLY D 233 37.22 -4.24 14.79
C GLY D 233 38.37 -3.63 14.02
N GLY D 234 38.16 -2.55 13.27
CA GLY D 234 39.17 -2.03 12.35
C GLY D 234 38.85 -2.67 11.03
N VAL D 235 38.70 -1.93 9.96
CA VAL D 235 38.24 -2.59 8.74
C VAL D 235 39.24 -3.64 8.30
N ILE D 236 39.22 -4.78 8.98
CA ILE D 236 40.19 -5.85 8.81
C ILE D 236 39.72 -6.72 7.65
N ILE D 237 40.43 -6.62 6.53
CA ILE D 237 40.00 -7.23 5.28
C ILE D 237 40.79 -8.52 5.11
N PRO D 238 40.12 -9.67 4.92
CA PRO D 238 40.83 -10.93 4.74
C PRO D 238 41.63 -10.94 3.45
N PRO D 239 42.87 -11.51 3.48
CA PRO D 239 43.59 -11.76 2.21
C PRO D 239 42.70 -12.55 1.28
N ASP D 240 42.95 -12.46 -0.01
CA ASP D 240 41.98 -13.08 -0.91
C ASP D 240 42.02 -14.59 -0.81
N SER D 241 43.00 -15.13 -0.10
CA SER D 241 43.16 -16.56 0.03
C SER D 241 42.26 -17.19 1.08
N TYR D 242 41.94 -16.45 2.16
CA TYR D 242 41.16 -16.87 3.34
C TYR D 242 39.83 -17.47 2.90
N TRP D 243 38.86 -16.65 2.47
CA TRP D 243 37.52 -17.20 2.29
C TRP D 243 37.48 -18.41 1.37
N PRO D 244 38.29 -18.50 0.34
CA PRO D 244 38.30 -19.73 -0.47
C PRO D 244 38.56 -20.96 0.36
N GLU D 245 39.57 -20.87 1.26
CA GLU D 245 39.89 -21.99 2.14
C GLU D 245 38.80 -22.24 3.17
N ILE D 246 38.35 -21.19 3.85
CA ILE D 246 37.37 -21.44 4.89
C ILE D 246 36.10 -22.05 4.32
N LYS D 247 35.82 -21.89 3.01
CA LYS D 247 34.68 -22.58 2.41
C LYS D 247 34.98 -24.06 2.20
N ARG D 248 36.24 -24.32 1.84
CA ARG D 248 36.74 -25.69 1.72
C ARG D 248 36.62 -26.42 3.03
N ILE D 249 37.13 -25.81 4.12
CA ILE D 249 37.05 -26.48 5.40
C ILE D 249 35.59 -26.70 5.77
N CYS D 250 34.73 -25.73 5.50
CA CYS D 250 33.34 -25.94 5.89
C CYS D 250 32.66 -27.00 5.06
N ALA D 251 33.23 -27.41 3.94
CA ALA D 251 32.59 -28.43 3.12
C ALA D 251 33.09 -29.82 3.47
N GLU D 252 34.41 -30.02 3.46
CA GLU D 252 35.03 -31.28 3.89
C GLU D 252 34.51 -31.75 5.25
N ARG D 253 34.46 -30.80 6.19
CA ARG D 253 33.83 -30.95 7.50
C ARG D 253 32.34 -30.60 7.37
N ASP D 254 31.53 -31.19 8.20
CA ASP D 254 30.08 -30.99 8.11
C ASP D 254 29.74 -29.92 9.17
N ILE D 255 29.94 -28.64 8.78
CA ILE D 255 29.65 -27.49 9.64
C ILE D 255 28.97 -26.40 8.81
N LEU D 256 27.99 -25.74 9.42
CA LEU D 256 27.26 -24.70 8.73
C LEU D 256 28.08 -23.43 8.69
N LEU D 257 27.93 -22.68 7.61
CA LEU D 257 28.64 -21.44 7.49
C LEU D 257 27.64 -20.38 7.81
N ILE D 258 28.01 -19.49 8.72
CA ILE D 258 27.19 -18.39 9.20
C ILE D 258 27.97 -17.15 8.89
N VAL D 259 27.46 -16.34 7.96
CA VAL D 259 28.10 -15.10 7.54
C VAL D 259 27.31 -13.94 8.15
N ASP D 260 28.03 -13.01 8.78
CA ASP D 260 27.43 -11.88 9.52
C ASP D 260 27.47 -10.65 8.62
N GLU D 261 26.35 -10.42 7.92
CA GLU D 261 26.18 -9.27 7.05
C GLU D 261 25.51 -8.12 7.74
N VAL D 262 25.70 -7.95 9.04
CA VAL D 262 25.06 -6.84 9.70
C VAL D 262 25.72 -5.54 9.28
N ILE D 263 27.03 -5.52 9.30
CA ILE D 263 27.80 -4.32 9.01
C ILE D 263 28.18 -4.21 7.54
N THR D 264 28.28 -5.33 6.82
CA THR D 264 28.63 -5.31 5.42
C THR D 264 27.42 -5.41 4.51
N GLY D 265 26.24 -5.54 5.07
CA GLY D 265 25.11 -5.85 4.25
C GLY D 265 24.52 -4.60 3.62
N PHE D 266 23.89 -4.80 2.47
CA PHE D 266 23.20 -3.73 1.74
C PHE D 266 24.14 -2.70 1.16
N GLY D 267 24.96 -3.15 0.23
CA GLY D 267 25.78 -2.31 -0.60
C GLY D 267 27.06 -1.90 0.03
N ARG D 268 27.26 -2.18 1.30
CA ARG D 268 28.42 -1.60 1.98
C ARG D 268 29.69 -2.12 1.35
N LEU D 269 29.64 -3.31 0.75
CA LEU D 269 30.82 -3.96 0.20
C LEU D 269 30.89 -3.87 -1.32
N GLY D 270 30.17 -2.90 -1.90
CA GLY D 270 30.06 -2.75 -3.31
C GLY D 270 28.98 -3.60 -3.93
N THR D 271 28.76 -4.79 -3.40
CA THR D 271 27.74 -5.70 -3.90
C THR D 271 26.61 -5.67 -2.89
N TRP D 272 25.47 -6.25 -3.29
CA TRP D 272 24.29 -6.20 -2.42
C TRP D 272 24.66 -6.73 -1.03
N PHE D 273 25.39 -7.82 -0.99
CA PHE D 273 25.83 -8.40 0.26
C PHE D 273 27.28 -8.82 0.15
N GLY D 274 28.03 -8.64 1.21
CA GLY D 274 29.39 -9.11 1.17
C GLY D 274 29.60 -10.56 0.75
N SER D 275 28.59 -11.43 0.89
CA SER D 275 28.74 -12.82 0.45
C SER D 275 28.95 -12.92 -1.04
N GLN D 276 28.08 -12.32 -1.84
CA GLN D 276 28.26 -12.49 -3.27
C GLN D 276 29.57 -11.86 -3.74
N TYR D 277 30.17 -10.97 -2.94
CA TYR D 277 31.48 -10.46 -3.34
C TYR D 277 32.56 -11.53 -3.22
N TYR D 278 32.51 -12.34 -2.15
CA TYR D 278 33.50 -13.37 -1.85
C TYR D 278 33.04 -14.77 -2.24
N ASP D 279 31.98 -14.87 -3.03
CA ASP D 279 31.32 -16.13 -3.39
C ASP D 279 31.13 -17.05 -2.17
N LEU D 280 30.38 -16.58 -1.22
CA LEU D 280 29.95 -17.42 -0.13
C LEU D 280 28.50 -17.84 -0.35
N GLN D 281 28.14 -18.95 0.31
CA GLN D 281 26.78 -19.49 0.31
C GLN D 281 26.44 -19.73 1.77
N PRO D 282 26.09 -18.68 2.49
CA PRO D 282 25.86 -18.83 3.92
C PRO D 282 24.70 -19.76 4.16
N ASP D 283 24.78 -20.51 5.24
CA ASP D 283 23.60 -21.24 5.67
C ASP D 283 22.77 -20.42 6.65
N LEU D 284 23.30 -19.30 7.11
CA LEU D 284 22.54 -18.30 7.85
C LEU D 284 23.26 -16.96 7.62
N MET D 285 22.46 -15.84 7.52
CA MET D 285 23.01 -14.49 7.55
C MET D 285 22.19 -13.56 8.44
N PRO D 286 22.68 -13.14 9.59
CA PRO D 286 22.02 -12.03 10.26
C PRO D 286 22.14 -10.79 9.40
N ILE D 287 21.07 -9.99 9.31
CA ILE D 287 21.15 -8.67 8.70
C ILE D 287 20.47 -7.69 9.64
N ALA D 288 20.93 -6.43 9.58
CA ALA D 288 20.33 -5.28 10.27
C ALA D 288 20.94 -4.00 9.66
N LYS D 289 21.07 -2.94 10.47
CA LYS D 289 21.83 -1.73 10.13
C LYS D 289 22.04 -1.52 8.64
N GLY D 290 21.09 -0.92 8.00
CA GLY D 290 21.09 -0.79 6.58
C GLY D 290 20.00 -1.61 5.94
N LEU D 291 19.41 -2.49 6.73
CA LEU D 291 18.12 -3.02 6.38
C LEU D 291 17.11 -1.88 6.36
N SER D 292 17.25 -0.94 7.31
CA SER D 292 16.37 0.21 7.49
C SER D 292 17.14 1.50 7.35
N SER D 293 18.36 1.42 6.79
CA SER D 293 19.29 2.55 6.68
C SER D 293 19.41 3.29 8.01
N GLY D 294 19.21 2.58 9.10
CA GLY D 294 19.39 3.10 10.42
C GLY D 294 18.22 3.90 10.94
N TYR D 295 17.13 3.98 10.20
CA TYR D 295 16.03 4.80 10.65
C TYR D 295 15.09 4.06 11.60
N MET D 296 15.22 2.75 11.70
CA MET D 296 14.28 1.97 12.49
C MET D 296 14.84 0.66 13.05
N PRO D 297 14.66 0.39 14.34
CA PRO D 297 15.19 -0.85 14.88
C PRO D 297 14.57 -2.07 14.23
N ILE D 298 15.37 -2.80 13.47
CA ILE D 298 14.93 -4.10 12.97
C ILE D 298 16.16 -4.86 12.56
N GLY D 299 16.11 -6.18 12.72
CA GLY D 299 17.10 -7.07 12.15
C GLY D 299 16.46 -8.39 11.79
N GLY D 300 17.21 -9.23 11.08
CA GLY D 300 16.66 -10.55 10.80
C GLY D 300 17.75 -11.58 10.57
N VAL D 301 17.33 -12.82 10.30
CA VAL D 301 18.29 -13.83 9.82
C VAL D 301 17.75 -14.40 8.52
N MET D 302 18.55 -14.28 7.45
CA MET D 302 18.30 -15.00 6.21
C MET D 302 18.57 -16.44 6.52
N VAL D 303 17.84 -17.33 5.87
CA VAL D 303 17.95 -18.76 6.13
C VAL D 303 18.03 -19.47 4.79
N SER D 304 19.16 -20.12 4.54
CA SER D 304 19.35 -20.82 3.29
C SER D 304 18.37 -21.96 3.16
N ASP D 305 18.10 -22.37 1.92
CA ASP D 305 17.06 -23.36 1.67
C ASP D 305 17.42 -24.71 2.29
N ARG D 306 18.71 -25.01 2.43
CA ARG D 306 19.15 -26.18 3.17
C ARG D 306 18.59 -26.25 4.59
N VAL D 307 18.99 -25.32 5.44
CA VAL D 307 18.59 -25.39 6.83
C VAL D 307 17.13 -25.10 7.00
N ALA D 308 16.50 -24.52 5.98
CA ALA D 308 15.09 -24.23 6.06
C ALA D 308 14.28 -25.50 5.93
N LYS D 309 14.71 -26.41 5.07
CA LYS D 309 13.95 -27.64 4.94
C LYS D 309 13.78 -28.30 6.30
N VAL D 310 14.80 -28.24 7.13
CA VAL D 310 14.79 -29.00 8.37
C VAL D 310 14.08 -28.25 9.48
N VAL D 311 14.34 -26.96 9.67
CA VAL D 311 13.81 -26.35 10.88
C VAL D 311 12.37 -25.87 10.71
N ILE D 312 11.96 -25.52 9.50
CA ILE D 312 10.66 -24.87 9.32
C ILE D 312 9.61 -25.97 9.16
N GLU D 313 9.73 -26.73 8.08
CA GLU D 313 8.96 -27.94 7.92
C GLU D 313 9.51 -28.99 8.86
N GLU D 314 8.63 -29.80 9.43
CA GLU D 314 9.09 -30.85 10.35
C GLU D 314 9.73 -30.24 11.61
N GLY D 315 9.15 -29.18 12.14
CA GLY D 315 9.66 -28.55 13.35
C GLY D 315 8.87 -27.32 13.80
N GLY D 316 8.71 -27.19 15.11
CA GLY D 316 8.00 -26.09 15.71
C GLY D 316 8.85 -25.41 16.77
N GLU D 317 9.60 -24.40 16.33
CA GLU D 317 10.33 -23.53 17.21
C GLU D 317 9.89 -22.08 17.05
N PHE D 318 9.31 -21.74 15.90
CA PHE D 318 9.04 -20.36 15.49
C PHE D 318 9.03 -19.37 16.64
N PHE D 319 9.90 -18.32 16.60
CA PHE D 319 10.99 -18.02 15.59
C PHE D 319 12.35 -18.42 16.27
N HIS D 320 12.94 -17.54 17.10
CA HIS D 320 14.06 -17.96 17.98
C HIS D 320 13.64 -19.11 18.91
N GLY D 321 12.45 -19.00 19.53
CA GLY D 321 11.81 -19.99 20.39
C GLY D 321 10.41 -19.53 20.85
N TYR D 322 10.06 -18.26 20.57
CA TYR D 322 8.72 -17.66 20.69
C TYR D 322 8.54 -16.74 19.47
N THR D 323 7.35 -16.75 18.86
CA THR D 323 7.13 -16.05 17.59
C THR D 323 7.48 -14.57 17.59
N TYR D 324 8.23 -14.14 16.54
CA TYR D 324 8.51 -12.71 16.27
C TYR D 324 8.53 -12.51 14.74
N SER D 325 7.42 -11.98 14.22
CA SER D 325 7.25 -11.73 12.80
C SER D 325 7.76 -10.36 12.37
N GLY D 326 8.33 -9.57 13.28
CA GLY D 326 8.89 -8.29 12.91
C GLY D 326 7.92 -7.16 13.06
N HIS D 327 8.26 -6.21 13.92
CA HIS D 327 7.44 -5.04 14.15
C HIS D 327 6.89 -4.40 12.88
N PRO D 328 5.60 -4.30 12.69
CA PRO D 328 5.16 -3.78 11.38
C PRO D 328 5.77 -2.43 11.05
N VAL D 329 5.84 -1.50 12.00
CA VAL D 329 6.33 -0.17 11.68
C VAL D 329 7.75 -0.24 11.17
N ALA D 330 8.58 -1.04 11.83
CA ALA D 330 9.96 -1.17 11.40
C ALA D 330 10.08 -1.94 10.08
N ALA D 331 9.22 -2.90 9.82
CA ALA D 331 9.31 -3.62 8.56
C ALA D 331 8.85 -2.76 7.40
N ALA D 332 7.91 -1.86 7.68
CA ALA D 332 7.43 -0.93 6.66
C ALA D 332 8.54 0.00 6.17
N VAL D 333 9.26 0.62 7.09
CA VAL D 333 10.39 1.45 6.70
C VAL D 333 11.38 0.64 5.89
N ALA D 334 11.80 -0.52 6.43
CA ALA D 334 12.91 -1.24 5.83
C ALA D 334 12.60 -1.67 4.42
N ALA D 335 11.34 -1.98 4.16
CA ALA D 335 10.97 -2.41 2.84
C ALA D 335 11.13 -1.28 1.83
N GLU D 336 10.56 -0.09 2.12
CA GLU D 336 10.71 1.05 1.22
C GLU D 336 12.20 1.37 1.08
N ASN D 337 12.94 1.29 2.18
CA ASN D 337 14.38 1.52 2.10
C ASN D 337 15.03 0.58 1.10
N ILE D 338 14.62 -0.69 1.07
CA ILE D 338 15.24 -1.59 0.10
C ILE D 338 14.81 -1.25 -1.33
N ARG D 339 13.53 -0.88 -1.53
CA ARG D 339 13.08 -0.49 -2.86
C ARG D 339 13.89 0.68 -3.34
N ILE D 340 13.98 1.74 -2.51
CA ILE D 340 14.76 2.92 -2.84
C ILE D 340 16.15 2.49 -3.30
N MET D 341 16.67 1.42 -2.73
CA MET D 341 18.01 1.06 -3.10
C MET D 341 18.06 0.26 -4.38
N ARG D 342 17.06 -0.60 -4.68
CA ARG D 342 17.24 -1.25 -5.96
C ARG D 342 16.58 -0.45 -7.07
N ASP D 343 15.46 0.24 -6.78
CA ASP D 343 14.70 0.89 -7.84
C ASP D 343 15.32 2.23 -8.27
N GLU D 344 15.96 2.95 -7.35
CA GLU D 344 16.78 4.08 -7.75
C GLU D 344 18.22 3.64 -8.08
N GLY D 345 18.46 2.35 -8.13
CA GLY D 345 19.80 1.82 -8.28
C GLY D 345 20.95 2.46 -7.52
N ILE D 346 20.84 2.66 -6.20
CA ILE D 346 21.92 3.39 -5.55
C ILE D 346 23.02 2.45 -5.07
N ILE D 347 22.72 1.16 -4.88
CA ILE D 347 23.71 0.19 -4.46
C ILE D 347 24.46 -0.23 -5.71
N GLU D 348 23.77 -0.14 -6.87
CA GLU D 348 24.40 -0.41 -8.17
C GLU D 348 25.34 0.71 -8.59
N ARG D 349 24.95 1.96 -8.36
CA ARG D 349 25.85 3.08 -8.64
C ARG D 349 26.96 3.20 -7.61
N ALA D 350 26.67 2.85 -6.36
CA ALA D 350 27.73 2.86 -5.36
C ALA D 350 28.82 1.89 -5.77
N GLY D 351 28.43 0.68 -6.20
CA GLY D 351 29.36 -0.37 -6.53
C GLY D 351 30.07 -0.23 -7.86
N ALA D 352 29.47 0.48 -8.80
CA ALA D 352 30.03 0.62 -10.14
C ALA D 352 30.86 1.89 -10.38
N GLU D 353 30.46 3.03 -9.80
CA GLU D 353 31.03 4.32 -10.17
C GLU D 353 31.75 4.98 -9.02
N ILE D 354 31.15 5.04 -7.84
CA ILE D 354 31.85 5.73 -6.75
C ILE D 354 32.78 4.81 -5.93
N ALA D 355 32.48 3.52 -5.81
CA ALA D 355 33.41 2.65 -5.10
C ALA D 355 34.77 2.58 -5.78
N PRO D 356 34.88 2.14 -7.04
CA PRO D 356 36.18 2.12 -7.70
C PRO D 356 36.92 3.41 -7.49
N TYR D 357 36.22 4.53 -7.72
CA TYR D 357 36.85 5.84 -7.59
C TYR D 357 37.38 6.06 -6.18
N LEU D 358 36.56 5.76 -5.15
CA LEU D 358 36.98 5.94 -3.75
C LEU D 358 38.14 4.99 -3.40
N GLN D 359 38.04 3.73 -3.87
CA GLN D 359 39.09 2.76 -3.62
C GLN D 359 40.38 3.16 -4.30
N ALA D 360 40.29 3.61 -5.55
CA ALA D 360 41.48 4.09 -6.24
C ALA D 360 42.14 5.20 -5.43
N ARG D 361 41.33 6.13 -4.97
CA ARG D 361 41.86 7.29 -4.30
C ARG D 361 42.23 7.08 -2.85
N TRP D 362 41.55 6.21 -2.10
CA TRP D 362 42.03 5.94 -0.75
C TRP D 362 43.49 5.47 -0.78
N ARG D 363 43.83 4.61 -1.74
CA ARG D 363 45.20 4.14 -1.89
C ARG D 363 46.19 5.31 -1.95
N GLU D 364 45.82 6.35 -2.69
CA GLU D 364 46.60 7.58 -2.79
C GLU D 364 47.11 8.06 -1.42
N LEU D 365 46.37 7.81 -0.34
CA LEU D 365 46.82 8.18 0.99
C LEU D 365 47.86 7.24 1.57
N GLY D 366 48.02 6.05 0.98
CA GLY D 366 49.01 5.09 1.43
C GLY D 366 50.45 5.55 1.36
N GLU D 367 50.72 6.60 0.56
CA GLU D 367 52.07 7.10 0.40
C GLU D 367 52.43 8.16 1.44
N HIS D 368 51.44 8.75 2.07
CA HIS D 368 51.69 9.74 3.12
C HIS D 368 52.60 9.14 4.19
N PRO D 369 53.51 9.92 4.79
CA PRO D 369 54.49 9.34 5.72
C PRO D 369 53.91 8.59 6.90
N LEU D 370 52.66 8.86 7.27
CA LEU D 370 52.06 8.26 8.44
C LEU D 370 51.20 7.02 8.15
N VAL D 371 51.18 6.51 6.92
CA VAL D 371 50.24 5.46 6.54
C VAL D 371 51.00 4.21 6.10
N GLY D 372 50.83 3.13 6.85
CA GLY D 372 51.49 1.87 6.56
C GLY D 372 50.68 1.07 5.57
N GLU D 373 49.39 0.91 5.83
CA GLU D 373 48.48 0.19 4.96
C GLU D 373 47.40 1.16 4.50
N ALA D 374 47.01 1.01 3.25
CA ALA D 374 45.82 1.62 2.68
C ALA D 374 44.93 0.44 2.33
N ARG D 375 43.92 0.18 3.15
CA ARG D 375 43.00 -0.94 2.97
C ARG D 375 41.69 -0.45 2.39
N GLY D 376 41.00 -1.33 1.66
CA GLY D 376 39.61 -1.07 1.37
C GLY D 376 38.92 -1.88 0.29
N VAL D 377 37.62 -2.16 0.48
CA VAL D 377 36.74 -2.73 -0.53
C VAL D 377 35.48 -1.88 -0.61
N GLY D 378 34.81 -1.93 -1.77
CA GLY D 378 33.52 -1.29 -1.94
C GLY D 378 33.47 0.06 -1.24
N MET D 379 32.46 0.26 -0.39
CA MET D 379 32.25 1.55 0.27
C MET D 379 32.70 1.56 1.71
N VAL D 380 33.83 0.89 2.01
CA VAL D 380 34.37 0.82 3.37
C VAL D 380 35.88 0.79 3.25
N ALA D 381 36.58 1.48 4.14
CA ALA D 381 38.00 1.59 3.89
C ALA D 381 38.71 2.03 5.15
N ALA D 382 40.02 1.68 5.22
CA ALA D 382 40.80 1.99 6.41
C ALA D 382 42.25 2.37 6.12
N LEU D 383 42.83 3.10 7.09
CA LEU D 383 44.25 3.48 7.11
C LEU D 383 44.90 3.10 8.44
N GLU D 384 46.14 2.65 8.38
CA GLU D 384 46.91 2.35 9.57
C GLU D 384 47.87 3.49 9.91
N LEU D 385 47.94 3.87 11.16
CA LEU D 385 48.86 4.92 11.60
C LEU D 385 50.10 4.29 12.24
N VAL D 386 51.26 4.71 11.77
CA VAL D 386 52.52 4.06 12.12
C VAL D 386 53.60 5.10 12.34
N LYS D 387 54.42 4.86 13.37
CA LYS D 387 55.49 5.79 13.75
C LYS D 387 56.51 5.96 12.62
N SER D 388 56.99 4.86 12.07
CA SER D 388 57.91 4.91 10.95
C SER D 388 57.56 3.76 10.04
N LYS D 389 57.79 3.97 8.75
CA LYS D 389 57.39 3.01 7.71
C LYS D 389 58.53 2.10 7.23
N GLN D 390 59.77 2.62 7.01
CA GLN D 390 60.83 1.76 6.49
C GLN D 390 61.36 0.82 7.57
N PRO D 391 61.43 1.27 8.83
CA PRO D 391 61.56 0.33 9.96
C PRO D 391 60.23 -0.32 10.42
N LEU D 392 59.07 0.15 9.93
CA LEU D 392 57.74 -0.38 10.28
C LEU D 392 57.53 -0.52 11.78
N GLU D 393 57.47 0.63 12.45
CA GLU D 393 57.17 0.69 13.87
C GLU D 393 55.73 1.13 14.10
N ARG D 394 55.03 0.41 14.97
CA ARG D 394 53.76 0.89 15.53
C ARG D 394 54.06 1.81 16.73
N PHE D 395 53.08 2.60 17.10
CA PHE D 395 53.25 3.45 18.27
C PHE D 395 53.11 2.60 19.52
N GLU D 396 53.85 2.95 20.56
CA GLU D 396 53.48 2.47 21.89
C GLU D 396 52.23 3.25 22.28
N GLU D 397 51.22 2.55 22.72
CA GLU D 397 49.91 3.19 22.84
C GLU D 397 49.48 3.76 21.49
N PRO D 398 49.10 2.88 20.54
CA PRO D 398 48.68 3.37 19.21
C PRO D 398 47.27 3.93 19.22
N GLY D 399 46.48 3.65 20.25
CA GLY D 399 45.15 4.21 20.35
C GLY D 399 45.15 5.71 20.56
N LYS D 400 46.12 6.20 21.31
CA LYS D 400 46.23 7.64 21.56
C LYS D 400 46.42 8.43 20.26
N VAL D 401 46.99 7.82 19.24
CA VAL D 401 47.24 8.58 18.01
C VAL D 401 45.96 8.73 17.21
N GLY D 402 45.17 7.66 17.08
CA GLY D 402 43.99 7.75 16.23
C GLY D 402 42.91 8.62 16.82
N SER D 403 42.72 8.54 18.14
CA SER D 403 41.77 9.41 18.83
C SER D 403 42.09 10.88 18.60
N LEU D 404 43.35 11.18 18.35
CA LEU D 404 43.73 12.53 17.99
C LEU D 404 43.35 12.85 16.56
N CYS D 405 43.61 11.91 15.64
CA CYS D 405 43.27 12.08 14.23
C CYS D 405 41.74 12.11 14.02
N ARG D 406 40.96 11.31 14.77
CA ARG D 406 39.50 11.40 14.67
C ARG D 406 39.03 12.79 15.08
N ASP D 407 39.60 13.28 16.19
CA ASP D 407 39.30 14.59 16.72
C ASP D 407 39.66 15.70 15.75
N LEU D 408 40.56 15.44 14.80
CA LEU D 408 40.97 16.42 13.80
C LEU D 408 40.21 16.31 12.49
N SER D 409 39.51 15.20 12.24
CA SER D 409 38.57 15.14 11.12
C SER D 409 37.26 15.83 11.48
N VAL D 410 36.72 15.56 12.66
CA VAL D 410 35.55 16.33 13.06
C VAL D 410 35.92 17.80 12.98
N LYS D 411 37.11 18.16 13.46
CA LYS D 411 37.57 19.55 13.41
C LYS D 411 37.81 20.05 11.98
N ASN D 412 37.98 19.16 11.01
CA ASN D 412 38.17 19.57 9.63
C ASN D 412 36.98 19.18 8.76
N GLY D 413 35.84 18.84 9.38
CA GLY D 413 34.63 18.55 8.66
C GLY D 413 34.58 17.20 8.00
N LEU D 414 34.99 16.13 8.71
CA LEU D 414 34.99 14.76 8.19
C LEU D 414 34.86 13.83 9.38
N VAL D 415 33.82 13.00 9.42
CA VAL D 415 33.71 11.97 10.45
C VAL D 415 34.48 10.75 9.98
N MET D 416 35.20 10.16 10.92
CA MET D 416 36.16 9.10 10.62
C MET D 416 36.30 8.40 11.94
N ARG D 417 36.02 7.09 11.98
CA ARG D 417 36.18 6.39 13.24
C ARG D 417 37.63 5.94 13.38
N ALA D 418 38.03 5.76 14.63
CA ALA D 418 39.34 5.25 15.01
C ALA D 418 39.08 4.04 15.90
N VAL D 419 39.34 2.86 15.35
CA VAL D 419 39.61 1.65 16.12
C VAL D 419 41.12 1.54 16.27
N GLY D 420 41.63 1.74 17.48
CA GLY D 420 43.08 1.61 17.66
C GLY D 420 43.86 2.68 16.91
N GLY D 421 44.87 2.27 16.15
CA GLY D 421 45.59 3.22 15.32
C GLY D 421 45.10 3.11 13.90
N THR D 422 43.86 2.61 13.75
CA THR D 422 43.18 2.38 12.48
C THR D 422 42.14 3.49 12.27
N MET D 423 42.20 4.17 11.13
CA MET D 423 41.18 5.14 10.73
C MET D 423 40.31 4.52 9.65
N ILE D 424 39.00 4.63 9.84
CA ILE D 424 38.07 3.92 8.97
C ILE D 424 36.99 4.87 8.50
N ILE D 425 36.46 4.57 7.32
CA ILE D 425 35.32 5.33 6.82
C ILE D 425 34.32 4.34 6.25
N SER D 426 33.04 4.61 6.50
CA SER D 426 31.92 3.86 5.95
C SER D 426 30.92 4.88 5.43
N PRO D 427 31.26 5.59 4.35
CA PRO D 427 30.41 6.69 3.88
C PRO D 427 29.10 6.12 3.36
N PRO D 428 28.05 6.94 3.26
CA PRO D 428 26.78 6.46 2.70
C PRO D 428 26.92 6.06 1.24
N LEU D 429 25.93 5.37 0.75
CA LEU D 429 26.02 4.92 -0.63
C LEU D 429 25.63 6.00 -1.62
N VAL D 430 25.23 7.19 -1.13
CA VAL D 430 24.81 8.30 -1.97
C VAL D 430 25.97 9.21 -2.34
N LEU D 431 27.16 8.94 -1.79
CA LEU D 431 28.34 9.70 -2.12
C LEU D 431 28.45 9.87 -3.64
N SER D 432 28.95 11.03 -4.05
CA SER D 432 29.18 11.36 -5.44
C SER D 432 30.68 11.45 -5.71
N ARG D 433 31.08 11.16 -6.95
CA ARG D 433 32.51 11.26 -7.24
C ARG D 433 33.04 12.63 -6.83
N GLU D 434 32.21 13.68 -6.96
CA GLU D 434 32.56 15.02 -6.49
C GLU D 434 32.86 15.02 -5.00
N GLN D 435 32.23 14.11 -4.27
CA GLN D 435 32.29 14.03 -2.82
C GLN D 435 33.37 13.10 -2.31
N VAL D 436 33.89 12.21 -3.15
CA VAL D 436 35.03 11.42 -2.69
C VAL D 436 36.27 12.29 -2.69
N ASP D 437 36.40 13.16 -3.71
CA ASP D 437 37.49 14.13 -3.75
C ASP D 437 37.43 15.12 -2.60
N GLU D 438 36.23 15.41 -2.12
CA GLU D 438 36.13 16.15 -0.86
C GLU D 438 36.69 15.36 0.31
N LEU D 439 36.32 14.05 0.38
CA LEU D 439 36.67 13.21 1.52
C LEU D 439 38.16 12.94 1.54
N ILE D 440 38.76 12.72 0.36
CA ILE D 440 40.18 12.48 0.26
C ILE D 440 40.95 13.70 0.75
N ASP D 441 40.48 14.89 0.37
CA ASP D 441 41.21 16.10 0.70
C ASP D 441 41.16 16.39 2.18
N LYS D 442 40.02 16.18 2.82
CA LYS D 442 40.02 16.37 4.26
C LYS D 442 40.88 15.33 4.94
N ALA D 443 41.00 14.15 4.33
CA ALA D 443 41.90 13.12 4.87
C ALA D 443 43.36 13.56 4.76
N ARG D 444 43.82 13.87 3.53
CA ARG D 444 45.19 14.34 3.33
C ARG D 444 45.48 15.56 4.19
N ARG D 445 44.53 16.48 4.27
CA ARG D 445 44.64 17.61 5.19
C ARG D 445 44.74 17.14 6.65
N THR D 446 43.93 16.17 7.06
CA THR D 446 43.93 15.76 8.48
C THR D 446 45.20 15.03 8.86
N LEU D 447 45.82 14.32 7.92
CA LEU D 447 47.06 13.60 8.19
C LEU D 447 48.25 14.55 8.34
N ASP D 448 48.37 15.57 7.49
CA ASP D 448 49.52 16.47 7.59
C ASP D 448 49.63 17.04 8.99
N GLU D 449 48.50 17.36 9.60
CA GLU D 449 48.54 17.96 10.93
C GLU D 449 49.04 16.98 11.98
N THR D 450 48.55 15.73 11.94
CA THR D 450 48.94 14.76 12.96
C THR D 450 50.43 14.44 12.90
N HIS D 451 51.00 14.34 11.69
CA HIS D 451 52.42 14.05 11.57
C HIS D 451 53.23 15.18 12.14
N LYS D 452 52.62 16.37 12.26
CA LYS D 452 53.22 17.58 12.76
C LYS D 452 53.10 17.69 14.28
N ALA D 453 52.39 16.79 14.95
CA ALA D 453 52.36 16.77 16.42
C ALA D 453 53.33 15.78 17.09
N GH0 E . -6.88 17.60 -27.10
C1 GH0 E . -5.71 16.74 -26.96
C2 GH0 E . -5.21 16.77 -25.50
O1 GH0 E . -6.25 16.35 -24.64
O2 GH0 E . -7.48 16.45 -22.25
O3 GH0 E . -5.45 17.68 -22.44
O4 GH0 E . -5.47 15.39 -22.35
S GH0 E . -6.16 16.52 -22.96
H5 GH0 E . -7.33 17.41 -27.98
H6 GH0 E . -6.59 18.56 -27.07
H1 GH0 E . -5.98 15.73 -27.22
H2 GH0 E . -4.92 17.10 -27.61
H3 GH0 E . -4.36 16.12 -25.40
H4 GH0 E . -4.92 17.79 -25.24
H8 GH0 E . -7.53 17.42 -26.35
N GH0 F . -28.42 -3.07 -19.24
C1 GH0 F . -27.21 -3.28 -19.99
C2 GH0 F . -26.36 -2.00 -20.10
O1 GH0 F . -25.99 -1.54 -18.83
O2 GH0 F . -26.08 1.02 -19.53
O3 GH0 F . -25.26 0.55 -17.39
O4 GH0 F . -23.98 0.07 -19.26
S GH0 F . -25.35 -0.01 -18.75
H5 GH0 F . -28.92 -3.93 -19.16
H6 GH0 F . -28.99 -2.39 -19.72
H1 GH0 F . -26.62 -4.06 -19.50
H2 GH0 F . -27.47 -3.61 -21.00
H3 GH0 F . -25.46 -2.21 -20.67
H4 GH0 F . -26.93 -1.24 -20.61
H8 GH0 F . -28.19 -2.73 -18.32
N GH0 G . 3.06 -14.52 26.62
C1 GH0 G . 3.61 -14.58 25.28
C2 GH0 G . 4.15 -13.18 24.92
O1 GH0 G . 5.11 -12.82 25.87
O2 GH0 G . 4.66 -10.24 25.67
O3 GH0 G . 6.09 -10.82 27.31
O4 GH0 G . 6.80 -10.95 25.11
S GH0 G . 5.66 -11.26 25.98
H5 GH0 G . 2.90 -15.46 26.96
H6 GH0 G . 2.18 -14.04 26.59
H1 GH0 G . 4.43 -15.30 25.26
H2 GH0 G . 2.86 -14.87 24.57
H3 GH0 G . 4.61 -13.20 23.94
H4 GH0 G . 3.34 -12.46 24.93
H8 GH0 G . 3.69 -14.04 27.23
N GH0 H . 30.31 0.15 20.00
C1 GH0 H . 30.10 -1.27 20.05
C2 GH0 H . 29.20 -1.71 18.87
O1 GH0 H . 29.77 -1.40 17.62
O2 GH0 H . 27.58 -0.76 16.22
O3 GH0 H . 29.61 -0.84 15.06
O4 GH0 H . 28.47 -2.80 15.69
S GH0 H . 28.88 -1.46 16.18
H5 GH0 H . 30.91 0.42 20.77
H6 GH0 H . 29.43 0.63 20.09
H1 GH0 H . 31.06 -1.80 19.98
H2 GH0 H . 29.61 -1.54 20.99
H3 GH0 H . 29.04 -2.78 18.92
H4 GH0 H . 28.25 -1.19 18.96
H8 GH0 H . 30.74 0.39 19.14
#